data_3M0M
#
_entry.id   3M0M
#
_cell.length_a   74.625
_cell.length_b   104.260
_cell.length_c   111.447
_cell.angle_alpha   90.00
_cell.angle_beta   106.20
_cell.angle_gamma   90.00
#
_symmetry.space_group_name_H-M   'P 1 21 1'
#
loop_
_entity.id
_entity.type
_entity.pdbx_description
1 polymer 'L-rhamnose isomerase'
2 non-polymer 'MANGANESE (II) ION'
3 non-polymer D-ALLOSE
4 water water
#
_entity_poly.entity_id   1
_entity_poly.type   'polypeptide(L)'
_entity_poly.pdbx_seq_one_letter_code
;MAEFRIAQDVVARENDRRASALKEDYEALGANLARRGVDIEAVTAKVEKFFVAVPSWGVGTGGTRFARFPGTGEPRGIFD
KLDDCAVIQQLTRATPNVSLHIPWDKADPKELKARGDALGLGFDAMNSNTFSDAPGQAHSYKYGSLSHTNAATRAQAVEH
NLECIEIGKAIGSKALTVWIGDGSNFPGQSNFTRAFERYLSAMAEIYKGLPDDWKLFSEHKMYEPAFYSTVVQDWGTNYL
IAQTLGPKAQCLVDLGHHAPNTNIEMIVARLIQFGKLGGFHFNDSKYGDDDLDAGAIEPYRLFLVFNELVDAEARGVKGF
HPAHMIDQFHNVTDPIESLINSANEIRRAYAQALLVDRAALSGYQEDNDALMATETLKRAYRTDVEPILAEARRRTGGAV
DPVATYRASGYRARVAAERPASVAGGGGIIGSHHHHHH
;
_entity_poly.pdbx_strand_id   A,B,C,D
#
loop_
_chem_comp.id
_chem_comp.type
_chem_comp.name
_chem_comp.formula
AOS D-saccharide D-ALLOSE 'C6 H12 O6'
MN non-polymer 'MANGANESE (II) ION' 'Mn 2'
#
# COMPACT_ATOMS: atom_id res chain seq x y z
N PHE A 4 28.69 3.70 37.92
CA PHE A 4 28.27 4.63 36.83
C PHE A 4 29.00 4.33 35.53
N ARG A 5 28.25 3.94 34.51
CA ARG A 5 28.84 3.63 33.21
C ARG A 5 29.46 4.89 32.62
N ILE A 6 28.82 6.02 32.86
CA ILE A 6 29.31 7.32 32.37
C ILE A 6 29.74 8.13 33.59
N ALA A 7 30.97 8.65 33.54
CA ALA A 7 31.51 9.43 34.65
C ALA A 7 30.59 10.59 35.01
N GLN A 8 30.29 10.74 36.29
CA GLN A 8 29.42 11.81 36.75
C GLN A 8 29.97 13.20 36.45
N ASP A 9 31.29 13.36 36.49
CA ASP A 9 31.87 14.67 36.21
C ASP A 9 31.63 15.08 34.76
N VAL A 10 31.50 14.11 33.87
CA VAL A 10 31.24 14.39 32.47
C VAL A 10 29.78 14.84 32.33
N VAL A 11 28.89 14.13 33.00
CA VAL A 11 27.47 14.47 32.96
C VAL A 11 27.26 15.85 33.56
N ALA A 12 27.97 16.14 34.66
CA ALA A 12 27.86 17.43 35.32
C ALA A 12 28.39 18.53 34.42
N ARG A 13 29.56 18.32 33.84
CA ARG A 13 30.18 19.31 32.97
C ARG A 13 29.30 19.64 31.76
N GLU A 14 28.76 18.62 31.12
CA GLU A 14 27.92 18.83 29.95
C GLU A 14 26.58 19.47 30.30
N ASN A 15 26.06 19.17 31.49
CA ASN A 15 24.81 19.77 31.92
C ASN A 15 25.05 21.25 32.23
N ASP A 16 26.17 21.55 32.89
CA ASP A 16 26.50 22.93 33.22
C ASP A 16 26.68 23.76 31.96
N ARG A 17 27.33 23.17 30.97
CA ARG A 17 27.59 23.85 29.70
C ARG A 17 26.28 24.27 29.01
N ARG A 18 25.20 23.53 29.29
CA ARG A 18 23.92 23.81 28.67
C ARG A 18 22.83 24.34 29.61
N ALA A 19 23.19 24.55 30.87
CA ALA A 19 22.24 25.04 31.87
C ALA A 19 21.58 26.37 31.54
N SER A 20 22.38 27.35 31.14
CA SER A 20 21.85 28.68 30.82
C SER A 20 20.77 28.62 29.74
N ALA A 21 21.08 27.97 28.62
CA ALA A 21 20.12 27.87 27.52
C ALA A 21 18.86 27.11 27.94
N LEU A 22 19.04 26.04 28.70
CA LEU A 22 17.90 25.25 29.16
C LEU A 22 16.98 26.13 30.01
N LYS A 23 17.58 26.90 30.91
CA LYS A 23 16.83 27.79 31.77
C LYS A 23 15.98 28.75 30.93
N GLU A 24 16.61 29.40 29.96
CA GLU A 24 15.89 30.33 29.09
C GLU A 24 14.75 29.68 28.31
N ASP A 25 15.03 28.52 27.71
CA ASP A 25 14.00 27.83 26.94
C ASP A 25 12.87 27.28 27.79
N TYR A 26 13.21 26.70 28.94
CA TYR A 26 12.21 26.13 29.82
C TYR A 26 11.30 27.21 30.40
N GLU A 27 11.90 28.33 30.83
CA GLU A 27 11.09 29.40 31.41
C GLU A 27 10.20 30.05 30.37
N ALA A 28 10.70 30.15 29.14
CA ALA A 28 9.92 30.73 28.05
C ALA A 28 8.72 29.81 27.77
N LEU A 29 8.99 28.51 27.70
CA LEU A 29 7.93 27.55 27.45
C LEU A 29 6.92 27.54 28.60
N GLY A 30 7.42 27.67 29.82
CA GLY A 30 6.56 27.69 30.98
C GLY A 30 5.58 28.84 30.94
N ALA A 31 6.06 30.01 30.52
CA ALA A 31 5.21 31.19 30.43
C ALA A 31 4.16 30.99 29.34
N ASN A 32 4.59 30.44 28.20
CA ASN A 32 3.68 30.19 27.10
C ASN A 32 2.61 29.20 27.52
N LEU A 33 3.01 28.13 28.19
CA LEU A 33 2.05 27.13 28.65
C LEU A 33 1.10 27.72 29.68
N ALA A 34 1.62 28.58 30.55
CA ALA A 34 0.80 29.22 31.57
C ALA A 34 -0.32 30.04 30.91
N ARG A 35 0.03 30.73 29.83
CA ARG A 35 -0.95 31.54 29.11
C ARG A 35 -2.01 30.65 28.48
N ARG A 36 -1.67 29.37 28.30
CA ARG A 36 -2.58 28.39 27.72
C ARG A 36 -3.31 27.60 28.79
N GLY A 37 -3.10 27.99 30.05
CA GLY A 37 -3.75 27.30 31.15
C GLY A 37 -3.13 25.98 31.55
N VAL A 38 -1.85 25.80 31.22
CA VAL A 38 -1.14 24.58 31.54
C VAL A 38 0.02 24.87 32.48
N ASP A 39 0.19 24.01 33.49
CA ASP A 39 1.27 24.16 34.46
C ASP A 39 2.44 23.29 33.98
N ILE A 40 3.49 23.91 33.49
CA ILE A 40 4.64 23.17 32.98
C ILE A 40 5.21 22.19 34.02
N GLU A 41 5.16 22.57 35.30
CA GLU A 41 5.68 21.70 36.34
C GLU A 41 4.90 20.39 36.44
N ALA A 42 3.59 20.47 36.23
CA ALA A 42 2.75 19.27 36.29
C ALA A 42 3.11 18.32 35.16
N VAL A 43 3.41 18.88 33.99
CA VAL A 43 3.78 18.08 32.83
C VAL A 43 5.13 17.42 33.05
N THR A 44 6.11 18.20 33.51
CA THR A 44 7.45 17.69 33.76
C THR A 44 7.41 16.56 34.79
N ALA A 45 6.61 16.73 35.82
CA ALA A 45 6.49 15.71 36.86
C ALA A 45 5.99 14.38 36.30
N LYS A 46 5.10 14.44 35.31
CA LYS A 46 4.56 13.22 34.71
C LYS A 46 5.56 12.64 33.72
N VAL A 47 6.23 13.51 32.97
CA VAL A 47 7.21 13.06 31.99
C VAL A 47 8.38 12.33 32.64
N GLU A 48 8.83 12.82 33.79
CA GLU A 48 9.96 12.18 34.46
C GLU A 48 9.61 10.78 34.97
N LYS A 49 8.31 10.46 34.96
CA LYS A 49 7.83 9.16 35.42
C LYS A 49 7.42 8.23 34.27
N PHE A 50 7.59 8.68 33.03
CA PHE A 50 7.22 7.82 31.91
C PHE A 50 8.40 6.94 31.52
N PHE A 51 8.20 5.63 31.58
CA PHE A 51 9.26 4.69 31.25
C PHE A 51 8.92 3.77 30.10
N VAL A 52 9.95 3.41 29.34
CA VAL A 52 9.79 2.50 28.21
C VAL A 52 10.96 1.51 28.26
N ALA A 53 10.64 0.23 28.10
CA ALA A 53 11.67 -0.80 28.16
C ALA A 53 12.61 -0.79 26.96
N VAL A 54 13.89 -0.96 27.25
CA VAL A 54 14.91 -1.01 26.20
C VAL A 54 15.15 -2.47 25.82
N PRO A 55 15.16 -2.78 24.52
CA PRO A 55 15.38 -4.15 24.04
C PRO A 55 16.84 -4.55 24.08
N SER A 56 17.12 -5.74 24.61
CA SER A 56 18.49 -6.22 24.66
C SER A 56 19.02 -6.37 23.24
N TRP A 57 18.13 -6.75 22.32
CA TRP A 57 18.51 -6.95 20.93
C TRP A 57 18.73 -5.66 20.15
N GLY A 58 18.47 -4.54 20.79
CA GLY A 58 18.65 -3.26 20.12
C GLY A 58 19.98 -2.60 20.46
N VAL A 59 20.69 -3.15 21.43
CA VAL A 59 21.96 -2.58 21.86
C VAL A 59 23.12 -2.99 20.96
N GLY A 60 22.94 -4.09 20.22
CA GLY A 60 23.97 -4.52 19.30
C GLY A 60 23.53 -4.07 17.92
N THR A 61 24.46 -3.90 16.98
CA THR A 61 24.08 -3.47 15.65
C THR A 61 23.22 -4.53 14.96
N GLY A 62 22.18 -4.09 14.28
CA GLY A 62 21.29 -5.01 13.59
C GLY A 62 21.70 -5.19 12.14
N GLY A 63 20.90 -5.94 11.40
CA GLY A 63 21.19 -6.18 10.00
C GLY A 63 19.94 -6.58 9.23
N THR A 64 20.09 -6.75 7.92
CA THR A 64 18.98 -7.14 7.06
C THR A 64 19.32 -8.52 6.50
N ARG A 65 18.45 -9.06 5.66
CA ARG A 65 18.74 -10.37 5.09
C ARG A 65 19.88 -10.30 4.08
N PHE A 66 20.28 -9.07 3.71
CA PHE A 66 21.37 -8.90 2.77
C PHE A 66 22.73 -8.77 3.43
N ALA A 67 22.79 -8.12 4.59
CA ALA A 67 24.06 -7.93 5.28
C ALA A 67 23.93 -7.29 6.65
N ARG A 68 25.00 -7.40 7.42
CA ARG A 68 25.09 -6.81 8.75
C ARG A 68 26.45 -6.12 8.76
N PHE A 69 26.46 -4.88 9.24
CA PHE A 69 27.67 -4.07 9.30
C PHE A 69 27.93 -3.66 10.74
N PRO A 70 28.58 -4.53 11.53
CA PRO A 70 28.85 -4.19 12.93
C PRO A 70 29.74 -2.97 13.11
N GLY A 71 29.55 -2.30 14.25
CA GLY A 71 30.36 -1.15 14.58
C GLY A 71 31.42 -1.65 15.55
N THR A 72 32.06 -0.74 16.27
CA THR A 72 33.08 -1.14 17.23
C THR A 72 32.46 -1.41 18.59
N GLY A 73 33.15 -2.18 19.41
CA GLY A 73 32.64 -2.48 20.74
C GLY A 73 31.28 -3.15 20.80
N GLU A 74 31.01 -4.06 19.88
CA GLU A 74 29.73 -4.75 19.90
C GLU A 74 29.67 -5.59 21.16
N PRO A 75 28.50 -5.62 21.82
CA PRO A 75 28.32 -6.39 23.06
C PRO A 75 28.60 -7.89 22.90
N ARG A 76 29.34 -8.45 23.85
CA ARG A 76 29.71 -9.87 23.85
C ARG A 76 28.65 -10.68 24.57
N GLY A 77 27.38 -10.41 24.38
CA GLY A 77 26.45 -11.22 25.13
C GLY A 77 25.56 -10.34 25.99
N ILE A 78 24.67 -10.97 26.74
CA ILE A 78 23.72 -10.25 27.57
C ILE A 78 24.30 -9.35 28.68
N PHE A 79 25.40 -9.77 29.30
CA PHE A 79 25.97 -8.95 30.35
C PHE A 79 26.53 -7.64 29.78
N ASP A 80 27.16 -7.71 28.61
CA ASP A 80 27.66 -6.49 27.98
C ASP A 80 26.46 -5.65 27.57
N LYS A 81 25.41 -6.31 27.12
CA LYS A 81 24.21 -5.61 26.69
C LYS A 81 23.58 -4.85 27.85
N LEU A 82 23.52 -5.49 29.02
CA LEU A 82 22.96 -4.82 30.19
C LEU A 82 23.80 -3.60 30.55
N ASP A 83 25.13 -3.74 30.46
CA ASP A 83 26.02 -2.63 30.76
C ASP A 83 25.69 -1.45 29.85
N ASP A 84 25.43 -1.74 28.58
CA ASP A 84 25.11 -0.68 27.62
C ASP A 84 23.73 -0.09 27.90
N CYS A 85 22.78 -0.92 28.30
CA CYS A 85 21.45 -0.43 28.63
C CYS A 85 21.55 0.52 29.82
N ALA A 86 22.51 0.25 30.70
CA ALA A 86 22.73 1.10 31.88
C ALA A 86 23.11 2.52 31.46
N VAL A 87 23.79 2.65 30.33
CA VAL A 87 24.18 3.96 29.82
C VAL A 87 22.93 4.72 29.39
N ILE A 88 22.07 4.03 28.65
CA ILE A 88 20.84 4.62 28.15
C ILE A 88 19.98 5.12 29.31
N GLN A 89 19.86 4.30 30.36
CA GLN A 89 19.07 4.69 31.53
C GLN A 89 19.73 5.82 32.30
N GLN A 90 21.05 5.76 32.47
CA GLN A 90 21.73 6.82 33.21
C GLN A 90 21.57 8.18 32.54
N LEU A 91 21.65 8.22 31.22
CA LEU A 91 21.55 9.48 30.49
C LEU A 91 20.13 9.98 30.20
N THR A 92 19.22 9.07 29.90
CA THR A 92 17.84 9.48 29.59
C THR A 92 16.89 9.36 30.78
N ARG A 93 17.20 8.43 31.69
CA ARG A 93 16.38 8.17 32.87
C ARG A 93 14.97 7.76 32.47
N ALA A 94 14.82 7.30 31.24
CA ALA A 94 13.51 6.89 30.73
C ALA A 94 13.43 5.40 30.45
N THR A 95 14.52 4.68 30.69
CA THR A 95 14.56 3.25 30.40
C THR A 95 15.11 2.38 31.54
N PRO A 96 14.45 2.38 32.70
CA PRO A 96 14.90 1.58 33.84
C PRO A 96 14.78 0.06 33.67
N ASN A 97 13.96 -0.39 32.73
CA ASN A 97 13.79 -1.82 32.53
C ASN A 97 14.26 -2.32 31.15
N VAL A 98 14.74 -3.55 31.13
CA VAL A 98 15.24 -4.17 29.91
C VAL A 98 14.39 -5.36 29.49
N SER A 99 14.20 -5.51 28.17
CA SER A 99 13.45 -6.63 27.63
C SER A 99 14.43 -7.72 27.23
N LEU A 100 14.26 -8.92 27.76
CA LEU A 100 15.15 -10.03 27.42
C LEU A 100 14.52 -10.92 26.36
N HIS A 101 15.37 -11.55 25.56
CA HIS A 101 14.91 -12.45 24.51
C HIS A 101 15.65 -13.77 24.70
N ILE A 102 14.89 -14.86 24.82
CA ILE A 102 15.46 -16.19 25.03
C ILE A 102 15.33 -17.00 23.75
N PRO A 103 16.37 -17.77 23.37
CA PRO A 103 17.67 -18.00 24.02
C PRO A 103 18.81 -17.01 23.81
N TRP A 104 18.60 -15.94 23.05
CA TRP A 104 19.70 -14.99 22.83
C TRP A 104 20.36 -14.56 24.12
N ASP A 105 19.55 -14.23 25.12
CA ASP A 105 20.06 -13.75 26.41
C ASP A 105 20.06 -14.81 27.51
N LYS A 106 19.93 -16.07 27.15
CA LYS A 106 19.92 -17.12 28.15
C LYS A 106 21.18 -17.13 29.00
N ALA A 107 20.98 -17.11 30.31
CA ALA A 107 22.08 -17.12 31.28
C ALA A 107 21.51 -17.45 32.65
N ASP A 108 22.38 -17.61 33.64
CA ASP A 108 21.92 -17.92 34.99
C ASP A 108 21.03 -16.78 35.47
N PRO A 109 19.75 -17.08 35.76
CA PRO A 109 18.79 -16.08 36.24
C PRO A 109 19.32 -15.27 37.41
N LYS A 110 20.02 -15.95 38.32
CA LYS A 110 20.60 -15.30 39.49
C LYS A 110 21.62 -14.25 39.09
N GLU A 111 22.45 -14.57 38.09
CA GLU A 111 23.47 -13.64 37.64
C GLU A 111 22.84 -12.47 36.89
N LEU A 112 21.81 -12.76 36.09
CA LEU A 112 21.12 -11.71 35.35
C LEU A 112 20.53 -10.70 36.32
N LYS A 113 19.90 -11.21 37.37
CA LYS A 113 19.28 -10.39 38.39
C LYS A 113 20.33 -9.56 39.14
N ALA A 114 21.47 -10.18 39.43
CA ALA A 114 22.54 -9.50 40.15
C ALA A 114 23.12 -8.33 39.35
N ARG A 115 23.30 -8.54 38.05
CA ARG A 115 23.85 -7.48 37.19
C ARG A 115 22.80 -6.37 37.08
N GLY A 116 21.54 -6.75 36.93
CA GLY A 116 20.49 -5.76 36.83
C GLY A 116 20.46 -4.88 38.05
N ASP A 117 20.43 -5.50 39.23
CA ASP A 117 20.40 -4.73 40.48
C ASP A 117 21.62 -3.83 40.61
N ALA A 118 22.79 -4.36 40.24
CA ALA A 118 24.02 -3.58 40.33
C ALA A 118 24.01 -2.35 39.44
N LEU A 119 23.36 -2.45 38.29
CA LEU A 119 23.29 -1.35 37.33
C LEU A 119 22.08 -0.45 37.53
N GLY A 120 21.14 -0.88 38.37
CA GLY A 120 19.95 -0.07 38.60
C GLY A 120 18.93 -0.29 37.50
N LEU A 121 18.85 -1.53 37.03
CA LEU A 121 17.93 -1.91 35.97
C LEU A 121 17.00 -3.04 36.38
N GLY A 122 15.78 -2.99 35.84
CA GLY A 122 14.81 -4.03 36.12
C GLY A 122 14.55 -4.77 34.82
N PHE A 123 13.61 -5.70 34.83
CA PHE A 123 13.29 -6.48 33.63
C PHE A 123 11.82 -6.43 33.26
N ASP A 124 11.55 -6.13 32.00
CA ASP A 124 10.18 -6.05 31.50
C ASP A 124 9.79 -7.44 30.97
N ALA A 125 8.79 -7.49 30.10
CA ALA A 125 8.31 -8.76 29.57
C ALA A 125 9.39 -9.62 28.91
N MET A 126 9.30 -10.93 29.12
CA MET A 126 10.24 -11.86 28.52
C MET A 126 9.75 -12.06 27.08
N ASN A 127 10.67 -12.43 26.19
CA ASN A 127 10.33 -12.68 24.80
C ASN A 127 10.85 -14.06 24.41
N SER A 128 9.95 -14.91 23.93
CA SER A 128 10.32 -16.26 23.52
C SER A 128 10.78 -16.25 22.06
N ASN A 129 11.50 -17.29 21.66
CA ASN A 129 12.01 -17.40 20.30
C ASN A 129 11.82 -18.77 19.68
N THR A 130 10.75 -18.93 18.90
CA THR A 130 10.53 -20.18 18.18
C THR A 130 10.39 -19.85 16.71
N PHE A 131 11.15 -18.85 16.27
CA PHE A 131 11.17 -18.43 14.88
C PHE A 131 12.56 -18.72 14.29
N SER A 132 13.35 -19.46 15.04
CA SER A 132 14.69 -19.87 14.62
C SER A 132 15.05 -21.11 15.42
N ASP A 133 15.95 -21.94 14.88
CA ASP A 133 16.35 -23.17 15.55
C ASP A 133 17.60 -23.01 16.40
N ALA A 134 17.53 -23.52 17.63
CA ALA A 134 18.68 -23.47 18.52
C ALA A 134 19.31 -24.85 18.49
N PRO A 135 20.60 -24.96 18.86
CA PRO A 135 21.27 -26.26 18.85
C PRO A 135 20.59 -27.30 19.73
N GLY A 136 20.60 -28.55 19.27
CA GLY A 136 20.01 -29.63 20.05
C GLY A 136 18.51 -29.81 20.02
N GLN A 137 17.81 -29.06 19.16
CA GLN A 137 16.36 -29.20 19.06
C GLN A 137 16.00 -30.50 18.37
N ALA A 138 15.02 -31.21 18.92
CA ALA A 138 14.59 -32.46 18.32
C ALA A 138 13.71 -32.18 17.11
N HIS A 139 13.14 -30.98 17.05
CA HIS A 139 12.27 -30.58 15.95
C HIS A 139 12.58 -29.18 15.44
N SER A 140 12.57 -29.02 14.12
CA SER A 140 12.86 -27.72 13.51
C SER A 140 11.61 -26.86 13.40
N TYR A 141 11.80 -25.54 13.45
CA TYR A 141 10.67 -24.62 13.35
C TYR A 141 10.53 -24.08 11.92
N LYS A 142 11.19 -24.74 10.98
CA LYS A 142 11.14 -24.32 9.58
C LYS A 142 9.71 -24.13 9.07
N TYR A 143 8.82 -25.06 9.41
CA TYR A 143 7.43 -25.01 8.97
C TYR A 143 6.46 -24.58 10.05
N GLY A 144 6.98 -23.94 11.09
CA GLY A 144 6.12 -23.49 12.18
C GLY A 144 6.61 -23.92 13.54
N SER A 145 5.94 -23.43 14.57
CA SER A 145 6.29 -23.75 15.94
C SER A 145 5.03 -24.07 16.74
N LEU A 146 4.45 -23.05 17.37
CA LEU A 146 3.24 -23.26 18.15
C LEU A 146 2.07 -23.73 17.28
N SER A 147 2.14 -23.53 15.97
CA SER A 147 1.07 -23.96 15.08
C SER A 147 1.52 -25.03 14.08
N HIS A 148 2.70 -25.59 14.31
CA HIS A 148 3.25 -26.62 13.43
C HIS A 148 2.29 -27.81 13.37
N THR A 149 2.23 -28.48 12.22
CA THR A 149 1.34 -29.62 12.07
C THR A 149 1.74 -30.80 12.97
N ASN A 150 3.02 -30.88 13.29
CA ASN A 150 3.54 -31.95 14.14
C ASN A 150 3.33 -31.63 15.62
N ALA A 151 2.53 -32.46 16.29
CA ALA A 151 2.23 -32.26 17.70
C ALA A 151 3.47 -32.15 18.58
N ALA A 152 4.46 -32.98 18.30
CA ALA A 152 5.70 -32.96 19.09
C ALA A 152 6.44 -31.64 18.94
N THR A 153 6.33 -31.03 17.76
CA THR A 153 6.99 -29.76 17.51
C THR A 153 6.29 -28.67 18.32
N ARG A 154 4.95 -28.73 18.37
CA ARG A 154 4.20 -27.75 19.13
C ARG A 154 4.52 -27.90 20.61
N ALA A 155 4.63 -29.15 21.08
CA ALA A 155 4.95 -29.40 22.48
C ALA A 155 6.32 -28.82 22.83
N GLN A 156 7.26 -28.94 21.92
CA GLN A 156 8.60 -28.43 22.12
C GLN A 156 8.58 -26.90 22.24
N ALA A 157 7.77 -26.24 21.41
CA ALA A 157 7.66 -24.79 21.45
C ALA A 157 7.00 -24.33 22.74
N VAL A 158 6.04 -25.11 23.23
CA VAL A 158 5.34 -24.78 24.46
C VAL A 158 6.33 -24.83 25.62
N GLU A 159 7.12 -25.89 25.67
CA GLU A 159 8.11 -26.05 26.74
C GLU A 159 9.09 -24.89 26.75
N HIS A 160 9.45 -24.39 25.57
CA HIS A 160 10.38 -23.28 25.47
C HIS A 160 9.76 -22.04 26.12
N ASN A 161 8.49 -21.80 25.81
CA ASN A 161 7.80 -20.64 26.37
C ASN A 161 7.68 -20.76 27.89
N LEU A 162 7.42 -21.97 28.38
CA LEU A 162 7.31 -22.17 29.82
C LEU A 162 8.66 -21.89 30.48
N GLU A 163 9.74 -22.24 29.79
CA GLU A 163 11.08 -21.99 30.31
C GLU A 163 11.31 -20.49 30.43
N CYS A 164 10.79 -19.74 29.46
CA CYS A 164 10.93 -18.28 29.47
C CYS A 164 10.22 -17.72 30.69
N ILE A 165 9.10 -18.34 31.04
CA ILE A 165 8.33 -17.88 32.19
C ILE A 165 9.13 -18.14 33.46
N GLU A 166 9.80 -19.29 33.53
CA GLU A 166 10.59 -19.62 34.70
C GLU A 166 11.74 -18.64 34.89
N ILE A 167 12.40 -18.28 33.79
CA ILE A 167 13.50 -17.33 33.82
C ILE A 167 12.96 -15.97 34.28
N GLY A 168 11.83 -15.57 33.72
CA GLY A 168 11.22 -14.30 34.07
C GLY A 168 10.85 -14.20 35.54
N LYS A 169 10.25 -15.26 36.07
CA LYS A 169 9.86 -15.28 37.47
C LYS A 169 11.06 -15.04 38.38
N ALA A 170 12.20 -15.62 38.00
CA ALA A 170 13.42 -15.50 38.80
C ALA A 170 14.09 -14.13 38.76
N ILE A 171 13.86 -13.37 37.70
CA ILE A 171 14.50 -12.05 37.61
C ILE A 171 13.60 -10.85 37.88
N GLY A 172 12.31 -11.07 38.05
CA GLY A 172 11.41 -9.96 38.34
C GLY A 172 10.44 -9.61 37.22
N SER A 173 10.49 -10.35 36.13
CA SER A 173 9.59 -10.10 35.00
C SER A 173 8.17 -10.51 35.38
N LYS A 174 7.19 -9.92 34.71
CA LYS A 174 5.79 -10.23 35.00
C LYS A 174 4.96 -10.47 33.75
N ALA A 175 5.62 -10.80 32.64
CA ALA A 175 4.90 -11.05 31.41
C ALA A 175 5.75 -11.77 30.38
N LEU A 176 5.06 -12.41 29.44
CA LEU A 176 5.70 -13.14 28.36
C LEU A 176 5.10 -12.67 27.05
N THR A 177 5.94 -12.20 26.15
CA THR A 177 5.49 -11.74 24.83
C THR A 177 5.82 -12.84 23.84
N VAL A 178 4.81 -13.23 23.07
CA VAL A 178 4.96 -14.27 22.08
C VAL A 178 4.76 -13.78 20.66
N TRP A 179 5.85 -13.76 19.89
CA TRP A 179 5.78 -13.40 18.48
C TRP A 179 6.42 -14.57 17.76
N ILE A 180 5.73 -15.11 16.77
CA ILE A 180 6.27 -16.22 16.01
C ILE A 180 6.17 -15.89 14.54
N GLY A 181 6.94 -16.59 13.70
CA GLY A 181 6.89 -16.31 12.28
C GLY A 181 5.90 -17.19 11.55
N ASP A 182 5.32 -18.14 12.28
CA ASP A 182 4.36 -19.11 11.73
C ASP A 182 3.44 -18.55 10.65
N GLY A 183 3.42 -19.22 9.51
CA GLY A 183 2.60 -18.83 8.40
C GLY A 183 2.93 -19.68 7.20
N SER A 184 2.63 -19.18 6.01
CA SER A 184 2.91 -19.91 4.78
C SER A 184 3.40 -18.95 3.72
N ASN A 185 4.12 -19.49 2.74
CA ASN A 185 4.64 -18.68 1.65
C ASN A 185 3.89 -18.98 0.35
N PHE A 186 3.01 -19.97 0.40
CA PHE A 186 2.25 -20.35 -0.80
C PHE A 186 0.79 -20.68 -0.53
N PRO A 187 -0.10 -20.29 -1.44
CA PRO A 187 -1.53 -20.59 -1.24
C PRO A 187 -1.66 -22.11 -1.14
N GLY A 188 -2.47 -22.59 -0.20
CA GLY A 188 -2.65 -24.03 -0.05
C GLY A 188 -1.68 -24.71 0.89
N GLN A 189 -0.50 -24.12 1.09
CA GLN A 189 0.49 -24.71 1.98
C GLN A 189 -0.10 -24.97 3.36
N SER A 190 -0.86 -23.99 3.87
CA SER A 190 -1.48 -24.10 5.19
C SER A 190 -3.00 -24.03 5.11
N ASN A 191 -3.65 -24.73 6.04
CA ASN A 191 -5.10 -24.65 6.16
C ASN A 191 -5.20 -23.54 7.20
N PHE A 192 -5.67 -22.37 6.79
CA PHE A 192 -5.75 -21.22 7.69
C PHE A 192 -6.38 -21.51 9.05
N THR A 193 -7.55 -22.13 9.01
CA THR A 193 -8.27 -22.43 10.24
C THR A 193 -7.60 -23.48 11.12
N ARG A 194 -7.17 -24.59 10.53
CA ARG A 194 -6.51 -25.61 11.34
C ARG A 194 -5.20 -25.11 11.93
N ALA A 195 -4.47 -24.28 11.18
CA ALA A 195 -3.22 -23.74 11.69
C ALA A 195 -3.50 -22.87 12.91
N PHE A 196 -4.56 -22.06 12.84
CA PHE A 196 -4.90 -21.17 13.95
C PHE A 196 -5.39 -21.98 15.15
N GLU A 197 -6.15 -23.04 14.90
CA GLU A 197 -6.63 -23.89 15.98
C GLU A 197 -5.43 -24.51 16.71
N ARG A 198 -4.43 -24.96 15.96
CA ARG A 198 -3.25 -25.56 16.57
C ARG A 198 -2.56 -24.51 17.46
N TYR A 199 -2.45 -23.29 16.94
CA TYR A 199 -1.83 -22.21 17.70
C TYR A 199 -2.59 -21.96 19.00
N LEU A 200 -3.92 -21.95 18.92
CA LEU A 200 -4.75 -21.71 20.09
C LEU A 200 -4.61 -22.80 21.15
N SER A 201 -4.39 -24.03 20.71
CA SER A 201 -4.21 -25.15 21.64
C SER A 201 -2.88 -25.00 22.39
N ALA A 202 -1.83 -24.64 21.64
CA ALA A 202 -0.51 -24.47 22.22
C ALA A 202 -0.47 -23.28 23.17
N MET A 203 -1.09 -22.18 22.77
CA MET A 203 -1.11 -20.99 23.63
C MET A 203 -1.92 -21.24 24.90
N ALA A 204 -2.96 -22.07 24.80
CA ALA A 204 -3.77 -22.39 25.97
C ALA A 204 -2.89 -23.10 27.00
N GLU A 205 -1.98 -23.95 26.52
CA GLU A 205 -1.07 -24.67 27.42
C GLU A 205 -0.10 -23.71 28.08
N ILE A 206 0.40 -22.76 27.31
CA ILE A 206 1.34 -21.78 27.85
C ILE A 206 0.60 -20.95 28.91
N TYR A 207 -0.66 -20.64 28.63
CA TYR A 207 -1.49 -19.85 29.53
C TYR A 207 -1.57 -20.52 30.91
N LYS A 208 -1.66 -21.85 30.91
CA LYS A 208 -1.76 -22.61 32.15
C LYS A 208 -0.52 -22.44 33.04
N GLY A 209 0.60 -22.04 32.45
CA GLY A 209 1.81 -21.86 33.23
C GLY A 209 2.05 -20.45 33.74
N LEU A 210 1.07 -19.57 33.57
CA LEU A 210 1.21 -18.19 34.02
C LEU A 210 0.88 -17.96 35.48
N PRO A 211 1.78 -17.28 36.21
CA PRO A 211 1.50 -17.02 37.63
C PRO A 211 0.27 -16.12 37.70
N ASP A 212 -0.31 -15.97 38.89
CA ASP A 212 -1.50 -15.15 39.06
C ASP A 212 -1.36 -13.70 38.59
N ASP A 213 -0.17 -13.12 38.79
CA ASP A 213 0.06 -11.73 38.43
C ASP A 213 0.83 -11.52 37.12
N TRP A 214 0.80 -12.52 36.25
CA TRP A 214 1.48 -12.43 34.96
C TRP A 214 0.51 -12.18 33.81
N LYS A 215 1.05 -11.68 32.71
CA LYS A 215 0.26 -11.43 31.50
C LYS A 215 0.94 -12.18 30.38
N LEU A 216 0.14 -12.56 29.38
CA LEU A 216 0.63 -13.25 28.19
C LEU A 216 0.27 -12.34 27.02
N PHE A 217 1.27 -11.83 26.33
CA PHE A 217 1.05 -10.93 25.20
C PHE A 217 1.33 -11.60 23.86
N SER A 218 0.35 -11.58 22.97
CA SER A 218 0.54 -12.14 21.63
C SER A 218 0.74 -10.94 20.69
N GLU A 219 1.72 -11.05 19.80
CA GLU A 219 2.06 -9.96 18.88
C GLU A 219 1.75 -10.30 17.42
N HIS A 220 0.83 -9.55 16.82
CA HIS A 220 0.46 -9.80 15.43
C HIS A 220 1.43 -9.14 14.45
N LYS A 221 1.47 -9.66 13.24
CA LYS A 221 2.35 -9.12 12.20
C LYS A 221 1.79 -9.55 10.84
N MET A 222 1.62 -8.59 9.94
CA MET A 222 1.05 -8.89 8.64
C MET A 222 1.86 -9.90 7.82
N TYR A 223 3.17 -9.74 7.81
CA TYR A 223 4.05 -10.63 7.05
C TYR A 223 5.49 -10.50 7.52
N GLU A 224 6.34 -11.41 7.05
CA GLU A 224 7.77 -11.51 7.36
C GLU A 224 7.96 -12.18 8.72
N PRO A 225 8.57 -13.38 8.75
CA PRO A 225 9.11 -14.20 7.66
C PRO A 225 8.16 -14.88 6.67
N ALA A 226 6.87 -14.98 6.99
CA ALA A 226 5.94 -15.62 6.06
C ALA A 226 5.46 -14.61 5.03
N PHE A 227 5.53 -14.98 3.75
CA PHE A 227 5.18 -14.07 2.68
C PHE A 227 3.87 -14.27 1.92
N TYR A 228 3.02 -15.17 2.40
CA TYR A 228 1.69 -15.34 1.79
C TYR A 228 0.67 -15.17 2.90
N SER A 229 0.78 -15.96 3.96
CA SER A 229 -0.13 -15.83 5.10
C SER A 229 0.65 -15.97 6.40
N THR A 230 0.13 -15.36 7.45
CA THR A 230 0.74 -15.41 8.77
C THR A 230 -0.40 -15.76 9.73
N VAL A 231 -0.16 -16.72 10.63
CA VAL A 231 -1.22 -17.14 11.56
C VAL A 231 -1.75 -15.95 12.37
N VAL A 232 -0.86 -15.26 13.07
CA VAL A 232 -1.29 -14.10 13.85
C VAL A 232 -0.95 -12.90 12.97
N GLN A 233 -1.77 -12.69 11.95
CA GLN A 233 -1.52 -11.65 10.96
C GLN A 233 -1.96 -10.22 11.27
N ASP A 234 -3.01 -10.05 12.06
CA ASP A 234 -3.45 -8.71 12.41
C ASP A 234 -4.14 -8.63 13.76
N TRP A 235 -4.61 -7.43 14.12
CA TRP A 235 -5.25 -7.24 15.41
C TRP A 235 -6.57 -7.97 15.59
N GLY A 236 -7.23 -8.30 14.48
CA GLY A 236 -8.49 -9.02 14.57
C GLY A 236 -8.22 -10.41 15.08
N THR A 237 -7.27 -11.09 14.46
CA THR A 237 -6.91 -12.43 14.90
C THR A 237 -6.35 -12.34 16.31
N ASN A 238 -5.59 -11.28 16.58
CA ASN A 238 -4.99 -11.09 17.89
C ASN A 238 -6.09 -10.96 18.95
N TYR A 239 -7.13 -10.19 18.64
CA TYR A 239 -8.22 -10.05 19.61
C TYR A 239 -8.85 -11.42 19.88
N LEU A 240 -9.07 -12.19 18.83
CA LEU A 240 -9.65 -13.52 18.98
C LEU A 240 -8.80 -14.39 19.89
N ILE A 241 -7.48 -14.26 19.79
CA ILE A 241 -6.56 -15.03 20.63
C ILE A 241 -6.75 -14.65 22.09
N ALA A 242 -6.60 -13.36 22.37
CA ALA A 242 -6.72 -12.84 23.74
C ALA A 242 -8.06 -13.19 24.40
N GLN A 243 -9.15 -13.00 23.65
CA GLN A 243 -10.47 -13.30 24.18
C GLN A 243 -10.63 -14.78 24.45
N THR A 244 -10.08 -15.62 23.57
CA THR A 244 -10.17 -17.06 23.72
C THR A 244 -9.36 -17.60 24.90
N LEU A 245 -8.15 -17.07 25.08
CA LEU A 245 -7.27 -17.54 26.16
C LEU A 245 -7.69 -17.19 27.58
N GLY A 246 -8.13 -15.95 27.80
CA GLY A 246 -8.55 -15.58 29.15
C GLY A 246 -8.13 -14.18 29.56
N PRO A 247 -8.49 -13.76 30.78
CA PRO A 247 -8.16 -12.42 31.30
C PRO A 247 -6.68 -12.05 31.35
N LYS A 248 -5.80 -13.04 31.50
CA LYS A 248 -4.37 -12.77 31.55
C LYS A 248 -3.76 -12.56 30.17
N ALA A 249 -4.52 -12.85 29.12
CA ALA A 249 -4.02 -12.72 27.76
C ALA A 249 -4.45 -11.42 27.10
N GLN A 250 -3.47 -10.68 26.56
CA GLN A 250 -3.74 -9.42 25.89
C GLN A 250 -2.94 -9.28 24.61
N CYS A 251 -3.23 -8.24 23.84
CA CYS A 251 -2.55 -8.04 22.55
C CYS A 251 -1.45 -6.98 22.60
N LEU A 252 -0.36 -7.26 21.91
CA LEU A 252 0.75 -6.31 21.85
C LEU A 252 0.76 -5.74 20.43
N VAL A 253 0.80 -4.42 20.34
CA VAL A 253 0.80 -3.72 19.07
C VAL A 253 2.20 -3.18 18.74
N ASP A 254 2.78 -3.69 17.66
CA ASP A 254 4.10 -3.23 17.21
C ASP A 254 3.77 -2.30 16.05
N LEU A 255 4.15 -1.03 16.17
CA LEU A 255 3.82 -0.04 15.15
C LEU A 255 4.11 -0.43 13.70
N GLY A 256 5.22 -1.09 13.44
CA GLY A 256 5.56 -1.43 12.07
C GLY A 256 5.00 -2.73 11.51
N HIS A 257 4.06 -3.34 12.22
CA HIS A 257 3.49 -4.63 11.82
C HIS A 257 2.14 -4.56 11.09
N HIS A 258 1.83 -3.42 10.50
CA HIS A 258 0.53 -3.26 9.84
C HIS A 258 0.59 -2.98 8.35
N ALA A 259 -0.52 -3.24 7.68
CA ALA A 259 -0.62 -3.03 6.24
C ALA A 259 -0.45 -1.55 5.89
N PRO A 260 -0.05 -1.28 4.65
CA PRO A 260 0.13 0.11 4.24
C PRO A 260 -1.14 0.94 4.51
N ASN A 261 -0.93 2.15 5.04
CA ASN A 261 -1.99 3.12 5.32
C ASN A 261 -2.94 2.79 6.47
N THR A 262 -2.68 1.71 7.19
CA THR A 262 -3.51 1.30 8.32
C THR A 262 -3.63 2.43 9.35
N ASN A 263 -4.82 2.63 9.92
CA ASN A 263 -4.97 3.62 10.98
C ASN A 263 -4.65 2.82 12.25
N ILE A 264 -3.41 2.93 12.68
CA ILE A 264 -2.93 2.21 13.84
C ILE A 264 -3.48 2.73 15.16
N GLU A 265 -3.60 4.05 15.29
CA GLU A 265 -4.13 4.60 16.53
C GLU A 265 -5.56 4.13 16.78
N MET A 266 -6.32 3.82 15.72
CA MET A 266 -7.68 3.33 15.93
C MET A 266 -7.63 1.92 16.50
N ILE A 267 -6.68 1.11 16.03
CA ILE A 267 -6.54 -0.25 16.54
C ILE A 267 -6.26 -0.17 18.04
N VAL A 268 -5.41 0.77 18.43
CA VAL A 268 -5.08 0.96 19.84
C VAL A 268 -6.34 1.26 20.62
N ALA A 269 -7.15 2.19 20.11
CA ALA A 269 -8.40 2.56 20.77
C ALA A 269 -9.35 1.37 20.91
N ARG A 270 -9.48 0.57 19.85
CA ARG A 270 -10.36 -0.58 19.87
C ARG A 270 -9.95 -1.60 20.92
N LEU A 271 -8.66 -1.91 20.98
CA LEU A 271 -8.17 -2.87 21.96
C LEU A 271 -8.37 -2.37 23.38
N ILE A 272 -8.19 -1.08 23.60
CA ILE A 272 -8.39 -0.51 24.92
C ILE A 272 -9.86 -0.63 25.32
N GLN A 273 -10.74 -0.32 24.38
CA GLN A 273 -12.17 -0.39 24.65
C GLN A 273 -12.59 -1.78 25.10
N PHE A 274 -11.95 -2.81 24.55
CA PHE A 274 -12.31 -4.17 24.92
C PHE A 274 -11.34 -4.82 25.92
N GLY A 275 -10.55 -3.97 26.57
CA GLY A 275 -9.62 -4.42 27.59
C GLY A 275 -8.53 -5.39 27.18
N LYS A 276 -8.11 -5.32 25.92
CA LYS A 276 -7.08 -6.23 25.45
C LYS A 276 -5.81 -5.58 24.92
N LEU A 277 -5.53 -4.34 25.33
CA LEU A 277 -4.30 -3.69 24.90
C LEU A 277 -3.25 -4.03 25.96
N GLY A 278 -2.42 -5.04 25.67
CA GLY A 278 -1.40 -5.44 26.60
C GLY A 278 -0.22 -4.50 26.63
N GLY A 279 0.22 -4.08 25.45
CA GLY A 279 1.35 -3.18 25.39
C GLY A 279 1.73 -2.76 23.98
N PHE A 280 2.86 -2.07 23.88
CA PHE A 280 3.37 -1.55 22.63
C PHE A 280 4.82 -1.87 22.35
N HIS A 281 5.13 -1.98 21.06
CA HIS A 281 6.50 -2.15 20.61
C HIS A 281 6.66 -0.92 19.72
N PHE A 282 7.42 0.05 20.23
CA PHE A 282 7.65 1.30 19.53
C PHE A 282 8.82 1.22 18.57
N ASN A 283 8.64 1.88 17.43
CA ASN A 283 9.63 1.99 16.37
C ASN A 283 8.96 2.80 15.29
N ASP A 284 9.69 3.11 14.22
CA ASP A 284 9.11 3.85 13.13
C ASP A 284 9.39 3.09 11.84
N SER A 285 8.70 3.47 10.77
CA SER A 285 8.86 2.79 9.51
C SER A 285 8.24 3.61 8.38
N LYS A 286 8.61 3.25 7.15
CA LYS A 286 8.07 3.90 5.97
C LYS A 286 7.55 2.89 4.96
N TYR A 287 8.17 1.70 4.92
CA TYR A 287 7.79 0.69 3.95
C TYR A 287 7.20 -0.61 4.51
N GLY A 288 7.94 -1.25 5.40
CA GLY A 288 7.47 -2.49 6.01
C GLY A 288 7.79 -2.43 7.49
N ASP A 289 8.23 -3.55 8.07
CA ASP A 289 8.59 -3.57 9.48
C ASP A 289 10.06 -3.14 9.55
N ASP A 290 10.29 -1.89 9.18
CA ASP A 290 11.64 -1.32 9.10
C ASP A 290 12.41 -1.22 10.40
N ASP A 291 11.71 -1.23 11.52
CA ASP A 291 12.33 -1.16 12.84
C ASP A 291 13.27 0.01 13.07
N LEU A 292 12.88 1.16 12.53
CA LEU A 292 13.67 2.38 12.63
C LEU A 292 13.41 3.12 13.95
N ASP A 293 14.28 4.09 14.23
CA ASP A 293 14.18 4.90 15.45
C ASP A 293 12.80 5.54 15.57
N ALA A 294 12.16 5.36 16.72
CA ALA A 294 10.84 5.91 16.97
C ALA A 294 10.75 7.39 16.61
N GLY A 295 9.70 7.73 15.87
CA GLY A 295 9.46 9.11 15.47
C GLY A 295 10.39 9.74 14.44
N ALA A 296 11.36 8.97 13.94
CA ALA A 296 12.29 9.52 12.95
C ALA A 296 11.67 9.68 11.57
N ILE A 297 10.56 9.00 11.32
CA ILE A 297 9.90 9.05 10.02
C ILE A 297 8.54 9.74 10.07
N GLU A 298 7.71 9.33 11.03
CA GLU A 298 6.38 9.91 11.18
C GLU A 298 6.10 10.28 12.64
N PRO A 299 6.65 11.41 13.09
CA PRO A 299 6.44 11.85 14.46
C PRO A 299 4.99 12.12 14.85
N TYR A 300 4.19 12.61 13.91
CA TYR A 300 2.79 12.90 14.25
C TYR A 300 2.03 11.62 14.58
N ARG A 301 2.27 10.55 13.82
CA ARG A 301 1.61 9.28 14.07
C ARG A 301 1.92 8.80 15.49
N LEU A 302 3.16 8.97 15.92
CA LEU A 302 3.55 8.55 17.26
C LEU A 302 2.74 9.35 18.29
N PHE A 303 2.60 10.65 18.05
CA PHE A 303 1.81 11.53 18.92
C PHE A 303 0.35 11.09 18.93
N LEU A 304 -0.20 10.71 17.77
CA LEU A 304 -1.59 10.30 17.70
C LEU A 304 -1.84 9.01 18.47
N VAL A 305 -0.83 8.14 18.53
CA VAL A 305 -0.96 6.90 19.29
C VAL A 305 -1.01 7.29 20.77
N PHE A 306 -0.11 8.17 21.19
CA PHE A 306 -0.11 8.60 22.59
C PHE A 306 -1.36 9.38 22.93
N ASN A 307 -1.96 10.03 21.93
CA ASN A 307 -3.19 10.77 22.15
C ASN A 307 -4.28 9.78 22.59
N GLU A 308 -4.28 8.58 22.00
CA GLU A 308 -5.27 7.57 22.38
C GLU A 308 -4.98 7.02 23.76
N LEU A 309 -3.71 6.89 24.09
CA LEU A 309 -3.32 6.38 25.40
C LEU A 309 -3.73 7.38 26.50
N VAL A 310 -3.47 8.65 26.27
CA VAL A 310 -3.83 9.66 27.25
C VAL A 310 -5.35 9.82 27.32
N ASP A 311 -6.03 9.63 26.19
CA ASP A 311 -7.49 9.74 26.20
C ASP A 311 -8.09 8.64 27.07
N ALA A 312 -7.47 7.47 27.06
CA ALA A 312 -7.96 6.36 27.87
C ALA A 312 -7.99 6.78 29.33
N GLU A 313 -6.93 7.45 29.77
CA GLU A 313 -6.86 7.94 31.15
C GLU A 313 -7.92 9.01 31.34
N ALA A 314 -8.11 9.85 30.33
CA ALA A 314 -9.11 10.91 30.39
C ALA A 314 -10.52 10.33 30.50
N ARG A 315 -10.74 9.16 29.91
CA ARG A 315 -12.07 8.53 29.96
C ARG A 315 -12.22 7.69 31.22
N GLY A 316 -11.17 7.64 32.04
CA GLY A 316 -11.22 6.87 33.26
C GLY A 316 -11.23 5.36 33.09
N VAL A 317 -10.57 4.87 32.05
CA VAL A 317 -10.51 3.43 31.83
C VAL A 317 -9.83 2.81 33.05
N LYS A 318 -10.47 1.83 33.66
CA LYS A 318 -9.95 1.18 34.85
C LYS A 318 -8.95 0.05 34.60
N GLY A 319 -7.97 -0.05 35.50
CA GLY A 319 -6.96 -1.10 35.39
C GLY A 319 -6.13 -1.08 34.12
N PHE A 320 -6.04 0.08 33.48
CA PHE A 320 -5.28 0.21 32.25
C PHE A 320 -3.83 0.59 32.51
N HIS A 321 -2.94 -0.39 32.40
CA HIS A 321 -1.51 -0.18 32.62
C HIS A 321 -0.75 -0.90 31.51
N PRO A 322 -0.84 -0.38 30.27
CA PRO A 322 -0.15 -1.00 29.14
C PRO A 322 1.37 -1.00 29.29
N ALA A 323 2.00 -2.04 28.77
CA ALA A 323 3.46 -2.13 28.82
C ALA A 323 4.00 -1.33 27.64
N HIS A 324 5.12 -0.65 27.86
CA HIS A 324 5.74 0.15 26.80
C HIS A 324 7.14 -0.37 26.55
N MET A 325 7.41 -0.78 25.31
CA MET A 325 8.73 -1.29 24.97
C MET A 325 9.18 -0.80 23.60
N ILE A 326 10.48 -0.57 23.47
CA ILE A 326 11.05 -0.16 22.20
C ILE A 326 11.46 -1.47 21.52
N ASP A 327 11.11 -1.63 20.26
CA ASP A 327 11.52 -2.80 19.49
C ASP A 327 12.09 -2.24 18.21
N GLN A 328 13.41 -2.10 18.18
CA GLN A 328 14.09 -1.55 17.03
C GLN A 328 15.40 -2.26 16.75
N PHE A 329 15.90 -2.04 15.54
CA PHE A 329 17.19 -2.58 15.13
C PHE A 329 17.93 -1.39 14.56
N HIS A 330 19.20 -1.26 14.90
CA HIS A 330 19.99 -0.14 14.47
C HIS A 330 21.08 -0.64 13.55
N ASN A 331 20.85 -0.44 12.26
CA ASN A 331 21.77 -0.92 11.24
C ASN A 331 22.83 0.05 10.79
N VAL A 332 22.56 1.35 10.90
CA VAL A 332 23.52 2.34 10.45
C VAL A 332 23.87 3.45 11.44
N THR A 333 23.65 3.19 12.73
CA THR A 333 23.96 4.16 13.78
C THR A 333 24.51 3.44 14.99
N ASP A 334 25.02 4.22 15.95
CA ASP A 334 25.52 3.65 17.20
C ASP A 334 24.21 3.27 17.91
N PRO A 335 23.99 1.98 18.15
CA PRO A 335 22.77 1.50 18.83
C PRO A 335 22.41 2.25 20.10
N ILE A 336 23.40 2.58 20.92
CA ILE A 336 23.14 3.30 22.14
C ILE A 336 22.57 4.69 21.87
N GLU A 337 23.13 5.39 20.89
CA GLU A 337 22.65 6.72 20.55
C GLU A 337 21.24 6.67 19.99
N SER A 338 20.94 5.69 19.15
CA SER A 338 19.60 5.57 18.58
C SER A 338 18.57 5.26 19.66
N LEU A 339 18.91 4.38 20.60
CA LEU A 339 17.97 4.06 21.66
C LEU A 339 17.75 5.27 22.56
N ILE A 340 18.80 6.06 22.76
CA ILE A 340 18.69 7.27 23.58
C ILE A 340 17.68 8.23 22.95
N ASN A 341 17.90 8.58 21.68
CA ASN A 341 17.01 9.50 21.00
C ASN A 341 15.62 8.94 20.75
N SER A 342 15.50 7.62 20.63
CA SER A 342 14.20 6.99 20.42
C SER A 342 13.38 7.11 21.71
N ALA A 343 14.02 6.84 22.85
CA ALA A 343 13.34 6.94 24.13
C ALA A 343 12.93 8.41 24.32
N ASN A 344 13.79 9.33 23.88
CA ASN A 344 13.49 10.75 23.99
C ASN A 344 12.25 11.10 23.16
N GLU A 345 12.19 10.58 21.93
CA GLU A 345 11.06 10.85 21.04
C GLU A 345 9.76 10.31 21.61
N ILE A 346 9.83 9.17 22.26
CA ILE A 346 8.65 8.57 22.86
C ILE A 346 8.15 9.49 23.97
N ARG A 347 9.06 9.98 24.81
CA ARG A 347 8.65 10.90 25.87
C ARG A 347 8.14 12.21 25.27
N ARG A 348 8.69 12.60 24.12
CA ARG A 348 8.29 13.83 23.45
C ARG A 348 6.82 13.74 23.03
N ALA A 349 6.47 12.64 22.37
CA ALA A 349 5.09 12.43 21.92
C ALA A 349 4.16 12.36 23.13
N TYR A 350 4.61 11.69 24.18
CA TYR A 350 3.82 11.54 25.40
C TYR A 350 3.56 12.92 26.01
N ALA A 351 4.62 13.71 26.14
CA ALA A 351 4.52 15.06 26.72
C ALA A 351 3.52 15.89 25.92
N GLN A 352 3.61 15.83 24.60
CA GLN A 352 2.71 16.61 23.77
C GLN A 352 1.26 16.15 23.94
N ALA A 353 1.06 14.83 24.09
CA ALA A 353 -0.29 14.31 24.28
C ALA A 353 -0.85 14.88 25.59
N LEU A 354 0.01 15.05 26.59
CA LEU A 354 -0.43 15.60 27.87
C LEU A 354 -0.88 17.06 27.75
N LEU A 355 -0.34 17.77 26.77
CA LEU A 355 -0.68 19.19 26.58
C LEU A 355 -2.02 19.43 25.90
N VAL A 356 -2.60 18.40 25.29
CA VAL A 356 -3.88 18.54 24.61
C VAL A 356 -4.97 19.07 25.56
N ASP A 357 -5.66 20.13 25.16
CA ASP A 357 -6.73 20.69 25.96
C ASP A 357 -7.92 19.78 25.66
N ARG A 358 -8.13 18.76 26.51
CA ARG A 358 -9.20 17.83 26.26
C ARG A 358 -10.60 18.35 26.57
N ALA A 359 -10.69 19.41 27.36
CA ALA A 359 -11.99 20.01 27.63
C ALA A 359 -12.44 20.66 26.33
N ALA A 360 -11.52 21.41 25.70
CA ALA A 360 -11.82 22.09 24.45
C ALA A 360 -12.08 21.05 23.36
N LEU A 361 -11.24 20.02 23.32
CA LEU A 361 -11.39 18.99 22.30
C LEU A 361 -12.75 18.30 22.39
N SER A 362 -13.19 17.98 23.60
CA SER A 362 -14.49 17.33 23.78
C SER A 362 -15.61 18.20 23.21
N GLY A 363 -15.52 19.51 23.42
CA GLY A 363 -16.52 20.41 22.91
C GLY A 363 -16.54 20.43 21.39
N TYR A 364 -15.37 20.49 20.78
CA TYR A 364 -15.27 20.52 19.33
C TYR A 364 -15.76 19.21 18.71
N GLN A 365 -15.55 18.11 19.42
CA GLN A 365 -16.01 16.81 18.94
C GLN A 365 -17.53 16.75 19.01
N GLU A 366 -18.08 17.26 20.10
CA GLU A 366 -19.53 17.27 20.28
C GLU A 366 -20.21 18.11 19.20
N ASP A 367 -19.64 19.27 18.90
CA ASP A 367 -20.22 20.18 17.91
C ASP A 367 -19.80 19.91 16.47
N ASN A 368 -19.07 18.81 16.27
CA ASN A 368 -18.61 18.46 14.93
C ASN A 368 -17.82 19.57 14.26
N ASP A 369 -16.98 20.23 15.04
CA ASP A 369 -16.13 21.31 14.56
C ASP A 369 -14.79 20.62 14.27
N ALA A 370 -14.74 19.93 13.14
CA ALA A 370 -13.56 19.17 12.74
C ALA A 370 -12.27 19.99 12.68
N LEU A 371 -12.36 21.21 12.15
CA LEU A 371 -11.18 22.05 12.02
C LEU A 371 -10.58 22.42 13.38
N MET A 372 -11.40 22.89 14.30
CA MET A 372 -10.88 23.26 15.61
C MET A 372 -10.47 22.04 16.42
N ALA A 373 -11.12 20.90 16.18
CA ALA A 373 -10.75 19.70 16.90
C ALA A 373 -9.33 19.30 16.51
N THR A 374 -9.06 19.29 15.20
CA THR A 374 -7.74 18.91 14.74
C THR A 374 -6.69 19.96 15.14
N GLU A 375 -7.06 21.24 15.12
CA GLU A 375 -6.14 22.30 15.52
C GLU A 375 -5.85 22.19 17.02
N THR A 376 -6.80 21.66 17.79
CA THR A 376 -6.58 21.50 19.22
C THR A 376 -5.47 20.46 19.44
N LEU A 377 -5.45 19.41 18.63
CA LEU A 377 -4.40 18.41 18.75
C LEU A 377 -3.08 19.02 18.27
N LYS A 378 -3.14 19.78 17.16
CA LYS A 378 -1.94 20.39 16.61
C LYS A 378 -1.30 21.41 17.55
N ARG A 379 -2.11 22.13 18.33
CA ARG A 379 -1.54 23.11 19.24
C ARG A 379 -0.62 22.42 20.25
N ALA A 380 -0.97 21.20 20.62
CA ALA A 380 -0.17 20.42 21.54
C ALA A 380 1.06 19.84 20.81
N TYR A 381 0.80 19.18 19.68
CA TYR A 381 1.87 18.58 18.90
C TYR A 381 2.93 19.57 18.40
N ARG A 382 2.50 20.77 18.03
CA ARG A 382 3.43 21.78 17.54
C ARG A 382 4.32 22.36 18.63
N THR A 383 3.94 22.14 19.89
CA THR A 383 4.72 22.66 21.00
C THR A 383 6.05 21.94 21.14
N ASP A 384 7.13 22.71 21.23
CA ASP A 384 8.46 22.15 21.37
C ASP A 384 8.68 21.85 22.85
N VAL A 385 8.48 20.59 23.22
CA VAL A 385 8.63 20.17 24.61
C VAL A 385 10.05 19.74 25.00
N GLU A 386 11.02 19.97 24.13
CA GLU A 386 12.38 19.58 24.45
C GLU A 386 12.86 20.10 25.80
N PRO A 387 12.52 21.36 26.15
CA PRO A 387 12.98 21.86 27.46
C PRO A 387 12.45 21.01 28.63
N ILE A 388 11.22 20.53 28.50
CA ILE A 388 10.60 19.70 29.51
C ILE A 388 11.33 18.36 29.64
N LEU A 389 11.67 17.77 28.50
CA LEU A 389 12.37 16.49 28.50
C LEU A 389 13.77 16.65 29.11
N ALA A 390 14.43 17.75 28.75
CA ALA A 390 15.78 18.03 29.24
C ALA A 390 15.78 18.30 30.75
N GLU A 391 14.79 19.08 31.21
CA GLU A 391 14.71 19.37 32.64
C GLU A 391 14.37 18.11 33.43
N ALA A 392 13.50 17.28 32.87
CA ALA A 392 13.14 16.03 33.54
C ALA A 392 14.41 15.20 33.72
N ARG A 393 15.28 15.21 32.70
CA ARG A 393 16.52 14.46 32.80
C ARG A 393 17.44 15.09 33.84
N ARG A 394 17.59 16.41 33.80
CA ARG A 394 18.45 17.11 34.76
C ARG A 394 18.10 16.77 36.20
N ARG A 395 16.81 16.86 36.53
CA ARG A 395 16.37 16.61 37.90
C ARG A 395 16.44 15.15 38.36
N THR A 396 16.56 14.21 37.43
CA THR A 396 16.61 12.80 37.81
C THR A 396 17.98 12.16 37.65
N GLY A 397 19.00 12.98 37.43
CA GLY A 397 20.35 12.47 37.30
C GLY A 397 20.81 12.16 35.89
N GLY A 398 20.01 12.58 34.91
CA GLY A 398 20.34 12.34 33.52
C GLY A 398 21.07 13.51 32.87
N ALA A 399 21.22 13.43 31.55
CA ALA A 399 21.91 14.48 30.80
C ALA A 399 20.97 15.37 30.02
N VAL A 400 21.23 16.68 30.07
CA VAL A 400 20.41 17.65 29.34
C VAL A 400 20.42 17.29 27.85
N ASP A 401 21.60 16.95 27.31
CA ASP A 401 21.73 16.52 25.92
C ASP A 401 22.42 15.16 26.02
N PRO A 402 21.63 14.07 26.08
CA PRO A 402 22.12 12.70 26.18
C PRO A 402 23.19 12.25 25.20
N VAL A 403 22.92 12.40 23.90
CA VAL A 403 23.89 11.97 22.91
C VAL A 403 25.17 12.79 22.97
N ALA A 404 25.06 14.08 23.22
CA ALA A 404 26.26 14.91 23.31
C ALA A 404 27.12 14.45 24.49
N THR A 405 26.47 14.13 25.61
CA THR A 405 27.18 13.68 26.79
C THR A 405 27.81 12.32 26.55
N TYR A 406 27.07 11.46 25.85
CA TYR A 406 27.54 10.12 25.52
C TYR A 406 28.82 10.22 24.70
N ARG A 407 28.82 11.08 23.70
CA ARG A 407 29.99 11.25 22.86
C ARG A 407 31.15 11.88 23.62
N ALA A 408 30.84 12.81 24.50
CA ALA A 408 31.87 13.47 25.30
C ALA A 408 32.54 12.49 26.25
N SER A 409 31.80 11.49 26.70
CA SER A 409 32.32 10.49 27.63
C SER A 409 33.34 9.53 27.02
N GLY A 410 33.25 9.33 25.71
CA GLY A 410 34.18 8.42 25.04
C GLY A 410 33.85 6.96 25.33
N TYR A 411 32.61 6.70 25.74
CA TYR A 411 32.17 5.35 26.06
C TYR A 411 32.38 4.34 24.94
N ARG A 412 31.94 4.67 23.72
CA ARG A 412 32.08 3.74 22.60
C ARG A 412 33.52 3.28 22.40
N ALA A 413 34.46 4.23 22.42
CA ALA A 413 35.87 3.89 22.24
C ALA A 413 36.35 3.00 23.38
N ARG A 414 35.83 3.25 24.58
CA ARG A 414 36.20 2.47 25.76
C ARG A 414 35.81 1.00 25.62
N VAL A 415 34.54 0.75 25.32
CA VAL A 415 34.08 -0.63 25.18
C VAL A 415 34.65 -1.30 23.93
N ALA A 416 35.05 -0.49 22.95
CA ALA A 416 35.64 -1.03 21.73
C ALA A 416 36.96 -1.71 22.06
N ALA A 417 37.68 -1.15 23.03
CA ALA A 417 38.96 -1.71 23.43
C ALA A 417 38.81 -2.88 24.41
N GLU A 418 37.65 -2.98 25.04
CA GLU A 418 37.41 -4.05 26.01
C GLU A 418 36.75 -5.28 25.39
N ARG A 419 36.03 -5.08 24.29
CA ARG A 419 35.32 -6.17 23.65
C ARG A 419 35.91 -6.66 22.34
N PRO A 420 36.11 -7.99 22.23
CA PRO A 420 36.67 -8.56 21.01
C PRO A 420 35.59 -8.67 19.95
N ALA A 421 35.91 -8.29 18.72
CA ALA A 421 34.95 -8.38 17.63
C ALA A 421 34.91 -9.83 17.17
N SER A 422 33.73 -10.32 16.81
CA SER A 422 33.61 -11.70 16.36
C SER A 422 34.46 -11.89 15.11
N VAL A 423 35.04 -13.07 14.95
CA VAL A 423 35.89 -13.34 13.80
C VAL A 423 35.37 -14.49 12.94
N ALA A 424 34.16 -14.94 13.24
CA ALA A 424 33.56 -16.03 12.48
C ALA A 424 32.04 -16.01 12.62
N PHE B 4 24.83 -36.79 -17.25
CA PHE B 4 23.44 -36.44 -16.90
C PHE B 4 23.21 -36.52 -15.39
N ARG B 5 22.76 -35.42 -14.80
CA ARG B 5 22.49 -35.39 -13.37
C ARG B 5 21.39 -36.38 -13.04
N ILE B 6 20.39 -36.45 -13.90
CA ILE B 6 19.26 -37.35 -13.74
C ILE B 6 19.40 -38.48 -14.77
N ALA B 7 19.35 -39.72 -14.30
CA ALA B 7 19.48 -40.87 -15.18
C ALA B 7 18.46 -40.81 -16.32
N GLN B 8 18.94 -41.01 -17.55
CA GLN B 8 18.07 -40.98 -18.72
C GLN B 8 16.95 -42.01 -18.67
N ASP B 9 17.23 -43.19 -18.11
CA ASP B 9 16.21 -44.23 -18.04
C ASP B 9 15.04 -43.80 -17.17
N VAL B 10 15.32 -42.98 -16.15
CA VAL B 10 14.28 -42.48 -15.27
C VAL B 10 13.42 -41.45 -16.01
N VAL B 11 14.08 -40.57 -16.76
CA VAL B 11 13.36 -39.55 -17.52
C VAL B 11 12.47 -40.25 -18.54
N ALA B 12 13.00 -41.29 -19.17
CA ALA B 12 12.25 -42.04 -20.17
C ALA B 12 11.06 -42.74 -19.54
N ARG B 13 11.29 -43.44 -18.43
CA ARG B 13 10.23 -44.17 -17.74
C ARG B 13 9.11 -43.26 -17.27
N GLU B 14 9.48 -42.13 -16.65
CA GLU B 14 8.47 -41.20 -16.15
C GLU B 14 7.76 -40.43 -17.25
N ASN B 15 8.33 -40.42 -18.45
CA ASN B 15 7.70 -39.76 -19.58
C ASN B 15 6.67 -40.73 -20.16
N ASP B 16 7.08 -41.99 -20.36
CA ASP B 16 6.19 -43.00 -20.90
C ASP B 16 4.96 -43.21 -20.02
N ARG B 17 5.15 -43.11 -18.71
CA ARG B 17 4.06 -43.29 -17.76
C ARG B 17 2.98 -42.23 -17.93
N ARG B 18 3.38 -41.06 -18.44
CA ARG B 18 2.45 -39.95 -18.62
C ARG B 18 2.20 -39.59 -20.08
N ALA B 19 2.73 -40.39 -20.99
CA ALA B 19 2.59 -40.15 -22.42
C ALA B 19 1.16 -40.19 -22.96
N SER B 20 0.40 -41.21 -22.58
CA SER B 20 -0.97 -41.35 -23.05
C SER B 20 -1.86 -40.16 -22.69
N ALA B 21 -1.83 -39.75 -21.43
CA ALA B 21 -2.64 -38.62 -20.98
C ALA B 21 -2.23 -37.33 -21.68
N LEU B 22 -0.92 -37.16 -21.89
CA LEU B 22 -0.40 -35.97 -22.56
C LEU B 22 -0.92 -35.95 -23.99
N LYS B 23 -0.92 -37.11 -24.65
CA LYS B 23 -1.40 -37.21 -26.01
C LYS B 23 -2.87 -36.77 -26.08
N GLU B 24 -3.68 -37.28 -25.15
CA GLU B 24 -5.10 -36.92 -25.13
C GLU B 24 -5.28 -35.42 -24.93
N ASP B 25 -4.57 -34.86 -23.95
CA ASP B 25 -4.69 -33.43 -23.66
C ASP B 25 -4.13 -32.53 -24.76
N TYR B 26 -3.01 -32.94 -25.35
CA TYR B 26 -2.39 -32.15 -26.40
C TYR B 26 -3.29 -32.14 -27.64
N GLU B 27 -3.86 -33.29 -27.98
CA GLU B 27 -4.73 -33.38 -29.15
C GLU B 27 -6.01 -32.59 -28.93
N ALA B 28 -6.55 -32.63 -27.71
CA ALA B 28 -7.77 -31.90 -27.39
C ALA B 28 -7.51 -30.40 -27.48
N LEU B 29 -6.40 -29.96 -26.92
CA LEU B 29 -6.04 -28.54 -26.95
C LEU B 29 -5.78 -28.13 -28.40
N GLY B 30 -5.16 -29.01 -29.16
CA GLY B 30 -4.88 -28.73 -30.55
C GLY B 30 -6.16 -28.50 -31.34
N ALA B 31 -7.19 -29.30 -31.07
CA ALA B 31 -8.47 -29.17 -31.75
C ALA B 31 -9.16 -27.88 -31.35
N ASN B 32 -9.08 -27.53 -30.07
CA ASN B 32 -9.69 -26.31 -29.57
C ASN B 32 -9.01 -25.08 -30.18
N LEU B 33 -7.68 -25.10 -30.21
CA LEU B 33 -6.94 -23.99 -30.78
C LEU B 33 -7.21 -23.91 -32.28
N ALA B 34 -7.42 -25.06 -32.91
CA ALA B 34 -7.69 -25.09 -34.34
C ALA B 34 -9.00 -24.35 -34.62
N ARG B 35 -10.01 -24.63 -33.79
CA ARG B 35 -11.30 -23.97 -33.95
C ARG B 35 -11.14 -22.46 -33.74
N ARG B 36 -10.07 -22.08 -33.04
CA ARG B 36 -9.79 -20.68 -32.76
C ARG B 36 -8.81 -20.07 -33.77
N GLY B 37 -8.46 -20.84 -34.80
CA GLY B 37 -7.56 -20.36 -35.82
C GLY B 37 -6.08 -20.36 -35.45
N VAL B 38 -5.71 -21.18 -34.47
CA VAL B 38 -4.33 -21.25 -34.02
C VAL B 38 -3.74 -22.65 -34.21
N ASP B 39 -2.49 -22.71 -34.67
CA ASP B 39 -1.81 -23.98 -34.85
C ASP B 39 -0.97 -24.28 -33.61
N ILE B 40 -1.43 -25.25 -32.82
CA ILE B 40 -0.73 -25.62 -31.59
C ILE B 40 0.75 -25.93 -31.83
N GLU B 41 1.07 -26.47 -32.99
CA GLU B 41 2.46 -26.81 -33.31
C GLU B 41 3.34 -25.58 -33.35
N ALA B 42 2.80 -24.48 -33.87
CA ALA B 42 3.55 -23.23 -33.96
C ALA B 42 3.84 -22.70 -32.55
N VAL B 43 2.86 -22.81 -31.67
CA VAL B 43 3.01 -22.34 -30.30
C VAL B 43 4.07 -23.17 -29.58
N THR B 44 3.97 -24.49 -29.71
CA THR B 44 4.92 -25.38 -29.06
C THR B 44 6.35 -25.10 -29.54
N ALA B 45 6.50 -24.84 -30.84
CA ALA B 45 7.82 -24.56 -31.40
C ALA B 45 8.42 -23.31 -30.76
N LYS B 46 7.59 -22.30 -30.53
CA LYS B 46 8.08 -21.06 -29.92
C LYS B 46 8.40 -21.26 -28.44
N VAL B 47 7.53 -21.98 -27.74
CA VAL B 47 7.75 -22.22 -26.32
C VAL B 47 9.07 -22.95 -26.10
N GLU B 48 9.39 -23.90 -26.98
CA GLU B 48 10.63 -24.65 -26.89
C GLU B 48 11.87 -23.77 -26.93
N LYS B 49 11.73 -22.60 -27.55
CA LYS B 49 12.84 -21.68 -27.69
C LYS B 49 12.89 -20.56 -26.66
N PHE B 50 11.94 -20.56 -25.72
CA PHE B 50 11.93 -19.51 -24.70
C PHE B 50 12.78 -19.94 -23.51
N PHE B 51 13.82 -19.16 -23.24
CA PHE B 51 14.73 -19.47 -22.14
C PHE B 51 14.79 -18.36 -21.08
N VAL B 52 15.01 -18.79 -19.84
CA VAL B 52 15.13 -17.86 -18.72
C VAL B 52 16.31 -18.33 -17.87
N ALA B 53 17.17 -17.41 -17.47
CA ALA B 53 18.34 -17.76 -16.68
C ALA B 53 18.02 -18.21 -15.26
N VAL B 54 18.68 -19.27 -14.81
CA VAL B 54 18.50 -19.77 -13.46
C VAL B 54 19.58 -19.16 -12.59
N PRO B 55 19.21 -18.65 -11.40
CA PRO B 55 20.16 -18.03 -10.49
C PRO B 55 20.98 -19.02 -9.67
N SER B 56 22.28 -18.80 -9.59
CA SER B 56 23.13 -19.69 -8.81
C SER B 56 22.69 -19.65 -7.36
N TRP B 57 22.21 -18.48 -6.92
CA TRP B 57 21.76 -18.29 -5.55
C TRP B 57 20.36 -18.84 -5.30
N GLY B 58 19.75 -19.40 -6.34
CA GLY B 58 18.42 -19.95 -6.20
C GLY B 58 18.37 -21.43 -5.84
N VAL B 59 19.44 -22.16 -6.08
CA VAL B 59 19.45 -23.59 -5.78
C VAL B 59 19.78 -23.92 -4.34
N GLY B 60 20.22 -22.91 -3.58
CA GLY B 60 20.50 -23.12 -2.18
C GLY B 60 19.28 -22.62 -1.45
N THR B 61 19.07 -23.05 -0.21
CA THR B 61 17.91 -22.59 0.54
C THR B 61 18.11 -21.14 0.99
N GLY B 62 17.07 -20.33 0.80
CA GLY B 62 17.16 -18.93 1.17
C GLY B 62 16.66 -18.72 2.60
N GLY B 63 16.75 -17.49 3.07
CA GLY B 63 16.30 -17.19 4.41
C GLY B 63 15.89 -15.74 4.55
N THR B 64 15.45 -15.37 5.75
CA THR B 64 15.04 -14.01 6.03
C THR B 64 16.00 -13.46 7.09
N ARG B 65 15.80 -12.22 7.51
CA ARG B 65 16.70 -11.66 8.52
C ARG B 65 16.52 -12.37 9.86
N PHE B 66 15.44 -13.13 10.00
CA PHE B 66 15.15 -13.85 11.23
C PHE B 66 15.78 -15.24 11.31
N ALA B 67 15.86 -15.94 10.18
CA ALA B 67 16.44 -17.28 10.18
C ALA B 67 16.55 -17.90 8.80
N ARG B 68 17.38 -18.95 8.73
CA ARG B 68 17.58 -19.72 7.51
C ARG B 68 17.44 -21.17 7.96
N PHE B 69 16.60 -21.92 7.26
CA PHE B 69 16.36 -23.32 7.60
C PHE B 69 16.80 -24.21 6.44
N PRO B 70 18.11 -24.49 6.33
CA PRO B 70 18.58 -25.33 5.22
C PRO B 70 17.97 -26.72 5.15
N GLY B 71 17.85 -27.23 3.93
CA GLY B 71 17.31 -28.56 3.74
C GLY B 71 18.49 -29.50 3.64
N THR B 72 18.27 -30.71 3.13
CA THR B 72 19.37 -31.66 2.99
C THR B 72 20.08 -31.46 1.64
N GLY B 73 21.32 -31.90 1.57
CA GLY B 73 22.08 -31.75 0.34
C GLY B 73 22.24 -30.32 -0.14
N GLU B 74 22.39 -29.38 0.79
CA GLU B 74 22.57 -27.99 0.42
C GLU B 74 23.83 -27.82 -0.42
N PRO B 75 23.72 -27.19 -1.59
CA PRO B 75 24.92 -26.99 -2.41
C PRO B 75 25.82 -25.93 -1.78
N ARG B 76 27.11 -26.25 -1.64
CA ARG B 76 28.06 -25.32 -1.06
C ARG B 76 29.08 -24.97 -2.13
N GLY B 77 29.14 -23.70 -2.50
CA GLY B 77 30.09 -23.29 -3.53
C GLY B 77 29.45 -23.36 -4.89
N ILE B 78 30.02 -22.63 -5.85
CA ILE B 78 29.49 -22.58 -7.20
C ILE B 78 29.46 -23.91 -7.95
N PHE B 79 30.42 -24.80 -7.70
CA PHE B 79 30.43 -26.07 -8.40
C PHE B 79 29.22 -26.93 -8.03
N ASP B 80 28.89 -26.99 -6.74
CA ASP B 80 27.72 -27.75 -6.31
C ASP B 80 26.48 -27.11 -6.91
N LYS B 81 26.44 -25.78 -6.87
CA LYS B 81 25.30 -25.03 -7.40
C LYS B 81 25.10 -25.27 -8.89
N LEU B 82 26.18 -25.33 -9.65
CA LEU B 82 26.05 -25.58 -11.09
C LEU B 82 25.48 -26.98 -11.31
N ASP B 83 25.94 -27.95 -10.52
CA ASP B 83 25.44 -29.32 -10.65
C ASP B 83 23.94 -29.36 -10.47
N ASP B 84 23.44 -28.60 -9.51
CA ASP B 84 22.00 -28.56 -9.25
C ASP B 84 21.26 -27.80 -10.35
N CYS B 85 21.87 -26.72 -10.86
CA CYS B 85 21.24 -25.95 -11.93
C CYS B 85 21.06 -26.84 -13.15
N ALA B 86 22.02 -27.74 -13.35
CA ALA B 86 21.99 -28.66 -14.49
C ALA B 86 20.75 -29.54 -14.46
N VAL B 87 20.28 -29.87 -13.26
CA VAL B 87 19.07 -30.70 -13.12
C VAL B 87 17.87 -29.94 -13.65
N ILE B 88 17.76 -28.67 -13.28
CA ILE B 88 16.65 -27.84 -13.72
C ILE B 88 16.63 -27.73 -15.24
N GLN B 89 17.80 -27.54 -15.84
CA GLN B 89 17.87 -27.45 -17.30
C GLN B 89 17.55 -28.79 -17.96
N GLN B 90 18.08 -29.87 -17.41
CA GLN B 90 17.82 -31.17 -17.99
C GLN B 90 16.33 -31.50 -18.02
N LEU B 91 15.64 -31.23 -16.91
CA LEU B 91 14.23 -31.55 -16.81
C LEU B 91 13.25 -30.56 -17.44
N THR B 92 13.57 -29.27 -17.43
CA THR B 92 12.68 -28.26 -18.01
C THR B 92 13.10 -27.80 -19.41
N ARG B 93 14.41 -27.90 -19.67
CA ARG B 93 15.00 -27.48 -20.94
C ARG B 93 14.68 -26.00 -21.20
N ALA B 94 14.38 -25.27 -20.12
CA ALA B 94 14.05 -23.85 -20.24
C ALA B 94 15.08 -22.94 -19.59
N THR B 95 16.10 -23.52 -18.96
CA THR B 95 17.12 -22.74 -18.27
C THR B 95 18.55 -23.12 -18.65
N PRO B 96 18.92 -22.97 -19.93
CA PRO B 96 20.26 -23.31 -20.39
C PRO B 96 21.38 -22.43 -19.83
N ASN B 97 21.02 -21.25 -19.32
CA ASN B 97 22.02 -20.34 -18.79
C ASN B 97 21.87 -20.04 -17.31
N VAL B 98 23.01 -19.83 -16.65
CA VAL B 98 23.06 -19.54 -15.23
C VAL B 98 23.54 -18.11 -14.95
N SER B 99 22.98 -17.49 -13.92
CA SER B 99 23.35 -16.15 -13.52
C SER B 99 24.33 -16.29 -12.35
N LEU B 100 25.52 -15.71 -12.49
CA LEU B 100 26.51 -15.78 -11.42
C LEU B 100 26.53 -14.50 -10.59
N HIS B 101 26.88 -14.65 -9.31
CA HIS B 101 26.96 -13.52 -8.40
C HIS B 101 28.35 -13.53 -7.79
N ILE B 102 29.05 -12.40 -7.91
CA ILE B 102 30.42 -12.28 -7.39
C ILE B 102 30.40 -11.37 -6.17
N PRO B 103 31.18 -11.70 -5.12
CA PRO B 103 32.08 -12.84 -4.94
C PRO B 103 31.53 -14.20 -4.51
N TRP B 104 30.22 -14.32 -4.28
CA TRP B 104 29.68 -15.62 -3.86
C TRP B 104 30.16 -16.79 -4.73
N ASP B 105 30.12 -16.60 -6.04
CA ASP B 105 30.52 -17.66 -6.97
C ASP B 105 31.92 -17.52 -7.54
N LYS B 106 32.80 -16.80 -6.84
CA LYS B 106 34.14 -16.63 -7.35
C LYS B 106 34.87 -17.97 -7.48
N ALA B 107 35.53 -18.15 -8.61
CA ALA B 107 36.29 -19.36 -8.91
C ALA B 107 37.08 -19.08 -10.17
N ASP B 108 38.06 -19.93 -10.46
CA ASP B 108 38.87 -19.76 -11.66
C ASP B 108 37.93 -19.74 -12.87
N PRO B 109 37.95 -18.65 -13.66
CA PRO B 109 37.10 -18.54 -14.84
C PRO B 109 37.17 -19.76 -15.77
N LYS B 110 38.37 -20.26 -16.01
CA LYS B 110 38.54 -21.40 -16.89
C LYS B 110 37.79 -22.61 -16.35
N GLU B 111 37.85 -22.82 -15.04
CA GLU B 111 37.16 -23.93 -14.41
C GLU B 111 35.65 -23.77 -14.46
N LEU B 112 35.18 -22.54 -14.27
CA LEU B 112 33.75 -22.27 -14.31
C LEU B 112 33.24 -22.60 -15.71
N LYS B 113 33.94 -22.07 -16.71
CA LYS B 113 33.57 -22.27 -18.10
C LYS B 113 33.60 -23.76 -18.45
N ALA B 114 34.65 -24.44 -18.01
CA ALA B 114 34.80 -25.87 -18.28
C ALA B 114 33.67 -26.66 -17.62
N ARG B 115 33.29 -26.26 -16.42
CA ARG B 115 32.22 -26.94 -15.70
C ARG B 115 30.89 -26.68 -16.39
N GLY B 116 30.68 -25.45 -16.81
CA GLY B 116 29.44 -25.11 -17.49
C GLY B 116 29.31 -25.90 -18.77
N ASP B 117 30.38 -25.95 -19.55
CA ASP B 117 30.36 -26.69 -20.82
C ASP B 117 30.06 -28.17 -20.59
N ALA B 118 30.65 -28.75 -19.56
CA ALA B 118 30.44 -30.15 -19.25
C ALA B 118 28.98 -30.46 -18.88
N LEU B 119 28.33 -29.50 -18.22
CA LEU B 119 26.94 -29.66 -17.79
C LEU B 119 25.92 -29.16 -18.80
N GLY B 120 26.39 -28.58 -19.90
CA GLY B 120 25.48 -28.07 -20.92
C GLY B 120 24.82 -26.78 -20.47
N LEU B 121 25.58 -25.97 -19.74
CA LEU B 121 25.07 -24.70 -19.24
C LEU B 121 25.93 -23.53 -19.68
N GLY B 122 25.27 -22.42 -19.99
CA GLY B 122 25.97 -21.21 -20.39
C GLY B 122 25.84 -20.22 -19.24
N PHE B 123 26.29 -18.99 -19.46
CA PHE B 123 26.22 -17.97 -18.42
C PHE B 123 25.55 -16.70 -18.88
N ASP B 124 24.56 -16.25 -18.11
CA ASP B 124 23.83 -15.03 -18.43
C ASP B 124 24.59 -13.86 -17.79
N ALA B 125 23.90 -12.75 -17.57
CA ALA B 125 24.52 -11.57 -17.00
C ALA B 125 25.21 -11.81 -15.66
N MET B 126 26.34 -11.16 -15.47
CA MET B 126 27.09 -11.23 -14.22
C MET B 126 26.36 -10.32 -13.24
N ASN B 127 26.51 -10.59 -11.94
CA ASN B 127 25.89 -9.77 -10.91
C ASN B 127 26.97 -9.38 -9.89
N SER B 128 27.15 -8.08 -9.69
CA SER B 128 28.13 -7.59 -8.74
C SER B 128 27.50 -7.51 -7.35
N ASN B 129 28.36 -7.43 -6.33
CA ASN B 129 27.91 -7.37 -4.95
C ASN B 129 28.66 -6.31 -4.14
N THR B 130 28.05 -5.14 -3.99
CA THR B 130 28.64 -4.10 -3.16
C THR B 130 27.58 -3.69 -2.14
N PHE B 131 26.81 -4.68 -1.72
CA PHE B 131 25.77 -4.48 -0.71
C PHE B 131 26.08 -5.30 0.55
N SER B 132 27.31 -5.81 0.60
CA SER B 132 27.79 -6.59 1.73
C SER B 132 29.31 -6.53 1.74
N ASP B 133 29.93 -6.71 2.90
CA ASP B 133 31.38 -6.66 3.01
C ASP B 133 32.02 -8.04 2.98
N ALA B 134 33.09 -8.16 2.18
CA ALA B 134 33.82 -9.40 2.06
C ALA B 134 35.04 -9.31 2.97
N PRO B 135 35.59 -10.47 3.40
CA PRO B 135 36.76 -10.50 4.27
C PRO B 135 37.98 -9.79 3.66
N GLY B 136 38.67 -9.01 4.48
CA GLY B 136 39.86 -8.30 4.01
C GLY B 136 39.56 -7.03 3.26
N GLN B 137 38.28 -6.75 3.06
CA GLN B 137 37.84 -5.56 2.33
C GLN B 137 38.36 -4.28 2.98
N ALA B 138 39.00 -3.42 2.18
CA ALA B 138 39.57 -2.18 2.68
C ALA B 138 38.54 -1.15 3.13
N HIS B 139 37.45 -1.03 2.38
CA HIS B 139 36.41 -0.07 2.71
C HIS B 139 35.04 -0.74 2.83
N SER B 140 34.33 -0.42 3.90
CA SER B 140 33.01 -1.01 4.15
C SER B 140 31.92 -0.34 3.32
N TYR B 141 30.90 -1.12 2.98
CA TYR B 141 29.77 -0.61 2.21
C TYR B 141 28.58 -0.31 3.13
N LYS B 142 28.86 -0.22 4.43
CA LYS B 142 27.81 0.06 5.41
C LYS B 142 26.98 1.30 5.02
N TYR B 143 27.65 2.35 4.58
CA TYR B 143 26.96 3.58 4.20
C TYR B 143 26.87 3.80 2.69
N GLY B 144 27.00 2.72 1.93
CA GLY B 144 26.91 2.84 0.49
C GLY B 144 28.12 2.27 -0.22
N SER B 145 28.08 2.31 -1.54
CA SER B 145 29.15 1.79 -2.36
C SER B 145 29.45 2.73 -3.52
N LEU B 146 28.76 2.55 -4.64
CA LEU B 146 28.97 3.39 -5.81
C LEU B 146 28.60 4.86 -5.54
N SER B 147 27.74 5.09 -4.54
CA SER B 147 27.32 6.45 -4.20
C SER B 147 27.82 6.89 -2.83
N HIS B 148 28.74 6.12 -2.25
CA HIS B 148 29.30 6.44 -0.93
C HIS B 148 29.96 7.83 -0.98
N THR B 149 29.96 8.54 0.15
CA THR B 149 30.56 9.86 0.18
C THR B 149 32.09 9.82 0.06
N ASN B 150 32.68 8.69 0.45
CA ASN B 150 34.13 8.52 0.40
C ASN B 150 34.59 8.07 -0.99
N ALA B 151 35.44 8.88 -1.61
CA ALA B 151 35.95 8.59 -2.95
C ALA B 151 36.60 7.22 -3.08
N ALA B 152 37.43 6.85 -2.10
CA ALA B 152 38.12 5.56 -2.13
C ALA B 152 37.15 4.39 -2.09
N THR B 153 36.03 4.59 -1.41
CA THR B 153 35.02 3.53 -1.31
C THR B 153 34.34 3.37 -2.66
N ARG B 154 34.03 4.48 -3.31
CA ARG B 154 33.40 4.42 -4.62
C ARG B 154 34.35 3.74 -5.61
N ALA B 155 35.63 4.09 -5.53
CA ALA B 155 36.63 3.51 -6.42
C ALA B 155 36.72 2.00 -6.23
N GLN B 156 36.64 1.56 -4.98
CA GLN B 156 36.69 0.14 -4.66
C GLN B 156 35.49 -0.56 -5.30
N ALA B 157 34.32 0.06 -5.19
CA ALA B 157 33.10 -0.53 -5.77
C ALA B 157 33.20 -0.60 -7.30
N VAL B 158 33.74 0.46 -7.90
CA VAL B 158 33.88 0.48 -9.36
C VAL B 158 34.82 -0.63 -9.81
N GLU B 159 35.94 -0.78 -9.11
CA GLU B 159 36.92 -1.81 -9.45
C GLU B 159 36.31 -3.20 -9.34
N HIS B 160 35.46 -3.40 -8.34
CA HIS B 160 34.81 -4.70 -8.17
C HIS B 160 33.93 -5.00 -9.37
N ASN B 161 33.17 -4.00 -9.82
CA ASN B 161 32.31 -4.19 -10.97
C ASN B 161 33.14 -4.48 -12.22
N LEU B 162 34.27 -3.80 -12.37
CA LEU B 162 35.13 -4.04 -13.53
C LEU B 162 35.66 -5.48 -13.48
N GLU B 163 35.91 -5.97 -12.27
CA GLU B 163 36.40 -7.32 -12.08
C GLU B 163 35.32 -8.31 -12.53
N CYS B 164 34.06 -7.98 -12.24
CA CYS B 164 32.96 -8.84 -12.64
C CYS B 164 32.89 -8.92 -14.16
N ILE B 165 33.17 -7.80 -14.82
CA ILE B 165 33.15 -7.78 -16.28
C ILE B 165 34.26 -8.68 -16.82
N GLU B 166 35.44 -8.62 -16.18
CA GLU B 166 36.56 -9.45 -16.61
C GLU B 166 36.22 -10.93 -16.48
N ILE B 167 35.57 -11.30 -15.37
CA ILE B 167 35.20 -12.69 -15.15
C ILE B 167 34.18 -13.11 -16.21
N GLY B 168 33.19 -12.26 -16.43
CA GLY B 168 32.16 -12.56 -17.42
C GLY B 168 32.72 -12.74 -18.82
N LYS B 169 33.67 -11.89 -19.21
CA LYS B 169 34.28 -11.99 -20.53
C LYS B 169 34.94 -13.34 -20.73
N ALA B 170 35.53 -13.87 -19.67
CA ALA B 170 36.23 -15.16 -19.72
C ALA B 170 35.30 -16.36 -19.81
N ILE B 171 34.06 -16.22 -19.32
CA ILE B 171 33.13 -17.35 -19.33
C ILE B 171 32.02 -17.26 -20.36
N GLY B 172 31.97 -16.17 -21.12
CA GLY B 172 30.94 -16.05 -22.14
C GLY B 172 29.75 -15.17 -21.79
N SER B 173 29.83 -14.44 -20.69
CA SER B 173 28.74 -13.55 -20.30
C SER B 173 28.81 -12.32 -21.19
N LYS B 174 27.68 -11.64 -21.35
CA LYS B 174 27.63 -10.44 -22.19
C LYS B 174 26.94 -9.26 -21.52
N ALA B 175 26.84 -9.28 -20.20
CA ALA B 175 26.19 -8.17 -19.50
C ALA B 175 26.51 -8.18 -18.02
N LEU B 176 26.36 -7.03 -17.41
CA LEU B 176 26.59 -6.86 -15.98
C LEU B 176 25.37 -6.19 -15.39
N THR B 177 24.81 -6.82 -14.36
CA THR B 177 23.65 -6.27 -13.67
C THR B 177 24.14 -5.68 -12.36
N VAL B 178 23.77 -4.42 -12.13
CA VAL B 178 24.17 -3.72 -10.92
C VAL B 178 22.98 -3.37 -10.03
N TRP B 179 22.89 -4.05 -8.90
CA TRP B 179 21.86 -3.76 -7.92
C TRP B 179 22.63 -3.46 -6.64
N ILE B 180 22.38 -2.30 -6.05
CA ILE B 180 23.05 -1.93 -4.82
C ILE B 180 22.03 -1.55 -3.77
N GLY B 181 22.43 -1.59 -2.50
CA GLY B 181 21.52 -1.23 -1.44
C GLY B 181 21.57 0.23 -1.07
N ASP B 182 22.50 0.96 -1.71
CA ASP B 182 22.71 2.39 -1.45
C ASP B 182 21.45 3.20 -1.19
N GLY B 183 21.45 3.92 -0.08
CA GLY B 183 20.32 4.75 0.29
C GLY B 183 20.50 5.25 1.71
N SER B 184 19.40 5.57 2.37
CA SER B 184 19.46 6.07 3.74
C SER B 184 18.30 5.49 4.56
N ASN B 185 18.48 5.46 5.88
CA ASN B 185 17.45 4.96 6.77
C ASN B 185 16.80 6.12 7.52
N PHE B 186 17.35 7.33 7.35
CA PHE B 186 16.84 8.51 8.05
C PHE B 186 16.80 9.76 7.21
N PRO B 187 15.74 10.57 7.37
CA PRO B 187 15.68 11.81 6.59
C PRO B 187 16.93 12.62 6.94
N GLY B 188 17.53 13.27 5.95
CA GLY B 188 18.72 14.06 6.21
C GLY B 188 20.03 13.31 6.15
N GLN B 189 20.00 12.00 6.38
CA GLN B 189 21.21 11.19 6.34
C GLN B 189 21.96 11.37 5.02
N SER B 190 21.21 11.39 3.93
CA SER B 190 21.80 11.56 2.59
C SER B 190 21.21 12.77 1.89
N ASN B 191 21.99 13.36 1.00
CA ASN B 191 21.48 14.45 0.20
C ASN B 191 21.10 13.69 -1.08
N PHE B 192 19.80 13.59 -1.35
CA PHE B 192 19.31 12.84 -2.51
C PHE B 192 20.03 13.12 -3.81
N THR B 193 20.17 14.40 -4.13
CA THR B 193 20.81 14.79 -5.37
C THR B 193 22.30 14.48 -5.42
N ARG B 194 23.04 14.85 -4.39
CA ARG B 194 24.47 14.58 -4.40
C ARG B 194 24.77 13.08 -4.45
N ALA B 195 24.00 12.28 -3.73
CA ALA B 195 24.21 10.83 -3.75
C ALA B 195 23.99 10.29 -5.15
N PHE B 196 22.96 10.78 -5.83
CA PHE B 196 22.67 10.31 -7.18
C PHE B 196 23.77 10.77 -8.15
N GLU B 197 24.30 11.97 -7.93
CA GLU B 197 25.36 12.48 -8.79
C GLU B 197 26.59 11.58 -8.63
N ARG B 198 26.89 11.17 -7.40
CA ARG B 198 28.05 10.30 -7.16
C ARG B 198 27.83 8.95 -7.84
N TYR B 199 26.61 8.43 -7.75
CA TYR B 199 26.28 7.15 -8.37
C TYR B 199 26.47 7.22 -9.89
N LEU B 200 25.95 8.28 -10.51
CA LEU B 200 26.06 8.44 -11.95
C LEU B 200 27.51 8.53 -12.42
N SER B 201 28.35 9.20 -11.63
CA SER B 201 29.76 9.34 -11.99
C SER B 201 30.46 7.99 -11.88
N ALA B 202 30.11 7.23 -10.85
CA ALA B 202 30.72 5.91 -10.65
C ALA B 202 30.29 4.94 -11.76
N MET B 203 29.00 4.98 -12.10
CA MET B 203 28.49 4.10 -13.14
C MET B 203 29.10 4.44 -14.51
N ALA B 204 29.45 5.71 -14.71
CA ALA B 204 30.05 6.11 -15.97
C ALA B 204 31.41 5.43 -16.11
N GLU B 205 32.11 5.27 -15.00
CA GLU B 205 33.42 4.61 -15.03
C GLU B 205 33.27 3.14 -15.37
N ILE B 206 32.23 2.51 -14.83
CA ILE B 206 31.97 1.11 -15.11
C ILE B 206 31.61 0.96 -16.59
N TYR B 207 30.80 1.90 -17.08
CA TYR B 207 30.37 1.90 -18.47
C TYR B 207 31.56 1.89 -19.42
N LYS B 208 32.62 2.61 -19.05
CA LYS B 208 33.83 2.68 -19.87
C LYS B 208 34.53 1.35 -20.04
N GLY B 209 34.31 0.42 -19.09
CA GLY B 209 34.95 -0.87 -19.18
C GLY B 209 34.14 -1.93 -19.90
N LEU B 210 33.03 -1.52 -20.50
CA LEU B 210 32.15 -2.44 -21.21
C LEU B 210 32.60 -2.74 -22.63
N PRO B 211 32.66 -4.03 -23.00
CA PRO B 211 33.07 -4.37 -24.36
C PRO B 211 31.99 -3.85 -25.31
N ASP B 212 32.30 -3.78 -26.59
CA ASP B 212 31.35 -3.28 -27.58
C ASP B 212 30.02 -4.03 -27.62
N ASP B 213 30.05 -5.33 -27.33
CA ASP B 213 28.85 -6.14 -27.37
C ASP B 213 28.25 -6.46 -26.00
N TRP B 214 28.58 -5.64 -25.01
CA TRP B 214 28.07 -5.83 -23.66
C TRP B 214 26.99 -4.82 -23.28
N LYS B 215 26.19 -5.20 -22.30
CA LYS B 215 25.12 -4.34 -21.79
C LYS B 215 25.37 -4.14 -20.29
N LEU B 216 24.89 -3.02 -19.77
CA LEU B 216 25.02 -2.71 -18.35
C LEU B 216 23.58 -2.50 -17.87
N PHE B 217 23.15 -3.33 -16.93
CA PHE B 217 21.79 -3.22 -16.41
C PHE B 217 21.77 -2.69 -14.99
N SER B 218 21.01 -1.63 -14.76
CA SER B 218 20.85 -1.08 -13.42
C SER B 218 19.47 -1.57 -12.95
N GLU B 219 19.40 -2.01 -11.70
CA GLU B 219 18.16 -2.56 -11.15
C GLU B 219 17.59 -1.69 -10.03
N HIS B 220 16.42 -1.10 -10.26
CA HIS B 220 15.79 -0.27 -9.25
C HIS B 220 15.08 -1.08 -8.17
N LYS B 221 14.92 -0.47 -6.99
CA LYS B 221 14.24 -1.14 -5.89
C LYS B 221 13.73 -0.06 -4.93
N MET B 222 12.46 -0.13 -4.57
CA MET B 222 11.87 0.89 -3.70
C MET B 222 12.52 0.99 -2.32
N TYR B 223 12.77 -0.15 -1.69
CA TYR B 223 13.38 -0.16 -0.37
C TYR B 223 13.97 -1.53 -0.06
N GLU B 224 14.71 -1.61 1.05
CA GLU B 224 15.40 -2.81 1.55
C GLU B 224 16.65 -3.09 0.73
N PRO B 225 17.83 -3.01 1.36
CA PRO B 225 18.14 -2.70 2.76
C PRO B 225 17.92 -1.28 3.29
N ALA B 226 17.77 -0.29 2.42
CA ALA B 226 17.55 1.07 2.88
C ALA B 226 16.06 1.28 3.17
N PHE B 227 15.75 1.77 4.37
CA PHE B 227 14.36 1.94 4.76
C PHE B 227 13.75 3.33 4.80
N TYR B 228 14.46 4.32 4.26
CA TYR B 228 13.90 5.67 4.17
C TYR B 228 13.99 6.09 2.70
N SER B 229 15.20 6.10 2.14
CA SER B 229 15.37 6.42 0.73
C SER B 229 16.36 5.44 0.11
N THR B 230 16.22 5.25 -1.20
CA THR B 230 17.12 4.37 -1.96
C THR B 230 17.51 5.17 -3.20
N VAL B 231 18.80 5.17 -3.52
CA VAL B 231 19.27 5.95 -4.67
C VAL B 231 18.57 5.54 -5.98
N VAL B 232 18.62 4.26 -6.31
CA VAL B 232 17.95 3.79 -7.53
C VAL B 232 16.64 3.19 -7.02
N GLN B 233 15.70 4.07 -6.68
CA GLN B 233 14.43 3.64 -6.09
C GLN B 233 13.30 3.19 -7.00
N ASP B 234 13.22 3.72 -8.21
CA ASP B 234 12.16 3.30 -9.11
C ASP B 234 12.57 3.39 -10.58
N TRP B 235 11.65 3.05 -11.47
CA TRP B 235 11.97 3.05 -12.89
C TRP B 235 12.24 4.43 -13.46
N GLY B 236 11.74 5.47 -12.79
CA GLY B 236 11.97 6.83 -13.26
C GLY B 236 13.44 7.15 -13.11
N THR B 237 13.97 6.90 -11.92
CA THR B 237 15.39 7.16 -11.68
C THR B 237 16.19 6.22 -12.59
N ASN B 238 15.71 4.99 -12.72
CA ASN B 238 16.41 4.02 -13.56
C ASN B 238 16.50 4.51 -15.00
N TYR B 239 15.42 5.09 -15.52
CA TYR B 239 15.45 5.59 -16.89
C TYR B 239 16.48 6.71 -17.01
N LEU B 240 16.51 7.60 -16.02
CA LEU B 240 17.47 8.70 -16.03
C LEU B 240 18.89 8.15 -16.09
N ILE B 241 19.14 7.08 -15.35
CA ILE B 241 20.46 6.45 -15.34
C ILE B 241 20.83 5.90 -16.72
N ALA B 242 19.95 5.07 -17.27
CA ALA B 242 20.20 4.47 -18.57
C ALA B 242 20.39 5.50 -19.67
N GLN B 243 19.51 6.50 -19.71
CA GLN B 243 19.61 7.53 -20.74
C GLN B 243 20.92 8.31 -20.60
N THR B 244 21.29 8.62 -19.36
CA THR B 244 22.52 9.38 -19.09
C THR B 244 23.79 8.61 -19.46
N LEU B 245 23.85 7.33 -19.12
CA LEU B 245 25.04 6.52 -19.39
C LEU B 245 25.33 6.21 -20.85
N GLY B 246 24.30 5.90 -21.63
CA GLY B 246 24.53 5.61 -23.03
C GLY B 246 23.75 4.43 -23.56
N PRO B 247 23.86 4.13 -24.86
CA PRO B 247 23.17 3.04 -25.53
C PRO B 247 23.36 1.63 -24.95
N LYS B 248 24.50 1.38 -24.32
CA LYS B 248 24.74 0.06 -23.74
C LYS B 248 24.13 -0.12 -22.36
N ALA B 249 23.60 0.97 -21.79
CA ALA B 249 22.99 0.91 -20.47
C ALA B 249 21.47 0.83 -20.57
N GLN B 250 20.89 -0.15 -19.86
CA GLN B 250 19.44 -0.33 -19.85
C GLN B 250 18.94 -0.66 -18.46
N CYS B 251 17.62 -0.67 -18.30
CA CYS B 251 17.00 -0.91 -17.01
C CYS B 251 16.51 -2.34 -16.81
N LEU B 252 16.75 -2.86 -15.62
CA LEU B 252 16.29 -4.21 -15.30
C LEU B 252 15.13 -4.07 -14.33
N VAL B 253 14.03 -4.74 -14.66
CA VAL B 253 12.81 -4.71 -13.86
C VAL B 253 12.66 -6.01 -13.06
N ASP B 254 12.72 -5.90 -11.74
CA ASP B 254 12.52 -7.05 -10.86
C ASP B 254 11.09 -6.89 -10.37
N LEU B 255 10.24 -7.86 -10.70
CA LEU B 255 8.82 -7.77 -10.35
C LEU B 255 8.48 -7.37 -8.91
N GLY B 256 9.24 -7.87 -7.93
CA GLY B 256 8.92 -7.54 -6.55
C GLY B 256 9.52 -6.27 -5.98
N HIS B 257 10.08 -5.43 -6.85
CA HIS B 257 10.73 -4.20 -6.40
C HIS B 257 9.91 -2.92 -6.54
N HIS B 258 8.59 -3.04 -6.57
CA HIS B 258 7.74 -1.87 -6.73
C HIS B 258 6.79 -1.61 -5.57
N ALA B 259 6.30 -0.38 -5.52
CA ALA B 259 5.37 0.03 -4.47
C ALA B 259 4.06 -0.75 -4.55
N PRO B 260 3.34 -0.82 -3.44
CA PRO B 260 2.06 -1.54 -3.43
C PRO B 260 1.14 -0.99 -4.53
N ASN B 261 0.51 -1.90 -5.26
CA ASN B 261 -0.44 -1.59 -6.33
C ASN B 261 0.10 -1.01 -7.64
N THR B 262 1.41 -0.89 -7.75
CA THR B 262 2.03 -0.37 -8.96
C THR B 262 1.59 -1.17 -10.19
N ASN B 263 1.36 -0.47 -11.30
CA ASN B 263 1.03 -1.19 -12.53
C ASN B 263 2.40 -1.44 -13.17
N ILE B 264 2.92 -2.64 -12.92
CA ILE B 264 4.22 -3.03 -13.41
C ILE B 264 4.29 -3.24 -14.93
N GLU B 265 3.25 -3.85 -15.50
CA GLU B 265 3.24 -4.08 -16.93
C GLU B 265 3.31 -2.75 -17.70
N MET B 266 2.80 -1.66 -17.12
CA MET B 266 2.88 -0.36 -17.80
C MET B 266 4.33 0.12 -17.80
N ILE B 267 5.03 -0.09 -16.69
CA ILE B 267 6.44 0.30 -16.61
C ILE B 267 7.20 -0.43 -17.72
N VAL B 268 6.89 -1.69 -17.90
CA VAL B 268 7.52 -2.49 -18.94
C VAL B 268 7.27 -1.86 -20.31
N ALA B 269 6.01 -1.51 -20.58
CA ALA B 269 5.67 -0.90 -21.86
C ALA B 269 6.43 0.40 -22.10
N ARG B 270 6.50 1.24 -21.07
CA ARG B 270 7.19 2.54 -21.17
C ARG B 270 8.67 2.36 -21.46
N LEU B 271 9.32 1.45 -20.77
CA LEU B 271 10.75 1.21 -21.00
C LEU B 271 10.99 0.69 -22.42
N ILE B 272 10.09 -0.17 -22.90
CA ILE B 272 10.22 -0.71 -24.26
C ILE B 272 10.08 0.42 -25.28
N GLN B 273 9.09 1.28 -25.09
CA GLN B 273 8.87 2.39 -26.00
C GLN B 273 10.10 3.28 -26.14
N PHE B 274 10.85 3.46 -25.05
CA PHE B 274 12.02 4.30 -25.09
C PHE B 274 13.34 3.53 -25.18
N GLY B 275 13.22 2.26 -25.57
CA GLY B 275 14.36 1.39 -25.78
C GLY B 275 15.29 1.12 -24.61
N LYS B 276 14.74 1.13 -23.40
CA LYS B 276 15.57 0.88 -22.23
C LYS B 276 15.16 -0.31 -21.37
N LEU B 277 14.44 -1.28 -21.95
CA LEU B 277 14.06 -2.46 -21.19
C LEU B 277 15.20 -3.47 -21.33
N GLY B 278 16.13 -3.43 -20.38
CA GLY B 278 17.26 -4.34 -20.44
C GLY B 278 16.92 -5.78 -20.16
N GLY B 279 16.09 -6.00 -19.14
CA GLY B 279 15.73 -7.36 -18.81
C GLY B 279 14.80 -7.47 -17.63
N PHE B 280 14.56 -8.71 -17.22
CA PHE B 280 13.65 -9.01 -16.11
C PHE B 280 14.24 -9.91 -15.06
N HIS B 281 13.76 -9.72 -13.84
CA HIS B 281 14.11 -10.58 -12.73
C HIS B 281 12.71 -11.06 -12.31
N PHE B 282 12.40 -12.29 -12.70
CA PHE B 282 11.10 -12.90 -12.41
C PHE B 282 11.02 -13.52 -11.03
N ASN B 283 9.87 -13.33 -10.40
CA ASN B 283 9.54 -13.86 -9.07
C ASN B 283 8.12 -13.39 -8.79
N ASP B 284 7.58 -13.81 -7.65
CA ASP B 284 6.24 -13.36 -7.28
C ASP B 284 6.31 -12.81 -5.87
N SER B 285 5.27 -12.10 -5.48
CA SER B 285 5.22 -11.49 -4.16
C SER B 285 3.80 -11.05 -3.82
N LYS B 286 3.59 -10.78 -2.54
CA LYS B 286 2.30 -10.32 -2.04
C LYS B 286 2.47 -9.09 -1.15
N TYR B 287 3.60 -9.00 -0.46
CA TYR B 287 3.82 -7.89 0.47
C TYR B 287 4.97 -6.95 0.10
N GLY B 288 6.18 -7.49 0.00
CA GLY B 288 7.33 -6.69 -0.36
C GLY B 288 8.12 -7.42 -1.44
N ASP B 289 9.44 -7.42 -1.32
CA ASP B 289 10.28 -8.13 -2.28
C ASP B 289 10.40 -9.54 -1.73
N ASP B 290 9.28 -10.24 -1.73
CA ASP B 290 9.17 -11.57 -1.18
C ASP B 290 9.99 -12.66 -1.87
N ASP B 291 10.33 -12.46 -3.14
CA ASP B 291 11.12 -13.42 -3.89
C ASP B 291 10.56 -14.84 -3.96
N LEU B 292 9.25 -14.94 -4.09
CA LEU B 292 8.57 -16.23 -4.16
C LEU B 292 8.55 -16.77 -5.59
N ASP B 293 8.19 -18.04 -5.72
CA ASP B 293 8.11 -18.71 -7.01
C ASP B 293 7.24 -17.94 -7.98
N ALA B 294 7.76 -17.69 -9.18
CA ALA B 294 7.03 -16.94 -10.20
C ALA B 294 5.62 -17.49 -10.42
N GLY B 295 4.65 -16.57 -10.43
CA GLY B 295 3.27 -16.94 -10.67
C GLY B 295 2.52 -17.69 -9.59
N ALA B 296 3.16 -17.97 -8.47
CA ALA B 296 2.52 -18.70 -7.38
C ALA B 296 1.51 -17.84 -6.59
N ILE B 297 1.60 -16.53 -6.74
CA ILE B 297 0.71 -15.61 -6.03
C ILE B 297 -0.25 -14.87 -6.98
N GLU B 298 0.31 -14.28 -8.03
CA GLU B 298 -0.48 -13.54 -9.01
C GLU B 298 -0.14 -13.94 -10.43
N PRO B 299 -0.65 -15.09 -10.89
CA PRO B 299 -0.36 -15.54 -12.24
C PRO B 299 -0.85 -14.62 -13.36
N TYR B 300 -1.97 -13.93 -13.16
CA TYR B 300 -2.48 -13.06 -14.21
C TYR B 300 -1.53 -11.88 -14.46
N ARG B 301 -0.95 -11.33 -13.40
CA ARG B 301 0.00 -10.22 -13.53
C ARG B 301 1.18 -10.67 -14.39
N LEU B 302 1.66 -11.90 -14.15
CA LEU B 302 2.78 -12.42 -14.92
C LEU B 302 2.38 -12.49 -16.40
N PHE B 303 1.16 -12.95 -16.66
CA PHE B 303 0.65 -13.05 -18.03
C PHE B 303 0.56 -11.66 -18.66
N LEU B 304 0.10 -10.67 -17.88
CA LEU B 304 -0.02 -9.31 -18.40
C LEU B 304 1.34 -8.71 -18.73
N VAL B 305 2.39 -9.13 -18.02
CA VAL B 305 3.72 -8.62 -18.31
C VAL B 305 4.13 -9.23 -19.66
N PHE B 306 3.89 -10.53 -19.82
CA PHE B 306 4.25 -11.18 -21.08
C PHE B 306 3.40 -10.68 -22.24
N ASN B 307 2.19 -10.21 -21.95
CA ASN B 307 1.34 -9.68 -23.01
C ASN B 307 2.04 -8.45 -23.60
N GLU B 308 2.71 -7.66 -22.76
CA GLU B 308 3.41 -6.48 -23.25
C GLU B 308 4.64 -6.87 -24.06
N LEU B 309 5.30 -7.94 -23.65
CA LEU B 309 6.50 -8.41 -24.35
C LEU B 309 6.12 -8.95 -25.73
N VAL B 310 5.07 -9.78 -25.77
CA VAL B 310 4.64 -10.35 -27.04
C VAL B 310 4.11 -9.25 -27.96
N ASP B 311 3.42 -8.26 -27.39
CA ASP B 311 2.89 -7.16 -28.19
C ASP B 311 4.04 -6.37 -28.82
N ALA B 312 5.08 -6.11 -28.02
CA ALA B 312 6.23 -5.37 -28.50
C ALA B 312 6.82 -6.04 -29.75
N GLU B 313 6.96 -7.35 -29.70
CA GLU B 313 7.51 -8.09 -30.83
C GLU B 313 6.54 -8.02 -32.00
N ALA B 314 5.24 -8.10 -31.71
CA ALA B 314 4.21 -8.04 -32.74
C ALA B 314 4.24 -6.71 -33.47
N ARG B 315 4.59 -5.65 -32.73
CA ARG B 315 4.65 -4.30 -33.28
C ARG B 315 5.98 -4.08 -34.02
N GLY B 316 6.94 -4.95 -33.78
CA GLY B 316 8.23 -4.83 -34.43
C GLY B 316 9.06 -3.71 -33.84
N VAL B 317 8.87 -3.46 -32.54
CA VAL B 317 9.61 -2.40 -31.84
C VAL B 317 11.11 -2.60 -31.96
N LYS B 318 11.83 -1.51 -32.19
CA LYS B 318 13.28 -1.55 -32.32
C LYS B 318 13.97 -1.45 -30.96
N GLY B 319 15.14 -2.08 -30.86
CA GLY B 319 15.90 -2.06 -29.63
C GLY B 319 15.30 -2.97 -28.57
N PHE B 320 14.31 -3.76 -28.96
CA PHE B 320 13.65 -4.67 -28.03
C PHE B 320 14.25 -6.08 -28.07
N HIS B 321 14.96 -6.44 -27.01
CA HIS B 321 15.59 -7.76 -26.89
C HIS B 321 16.00 -7.94 -25.43
N PRO B 322 15.02 -7.96 -24.52
CA PRO B 322 15.29 -8.13 -23.09
C PRO B 322 15.85 -9.48 -22.66
N ALA B 323 16.65 -9.45 -21.60
CA ALA B 323 17.22 -10.66 -21.04
C ALA B 323 16.18 -11.15 -20.03
N HIS B 324 16.10 -12.44 -19.81
CA HIS B 324 15.14 -12.99 -18.86
C HIS B 324 15.86 -13.81 -17.80
N MET B 325 15.62 -13.47 -16.54
CA MET B 325 16.27 -14.18 -15.44
C MET B 325 15.31 -14.37 -14.28
N ILE B 326 15.49 -15.48 -13.57
CA ILE B 326 14.69 -15.75 -12.38
C ILE B 326 15.53 -15.24 -11.21
N ASP B 327 14.90 -14.49 -10.31
CA ASP B 327 15.60 -14.00 -9.12
C ASP B 327 14.67 -14.34 -7.98
N GLN B 328 14.91 -15.49 -7.37
CA GLN B 328 14.07 -15.95 -6.28
C GLN B 328 14.90 -16.58 -5.17
N PHE B 329 14.26 -16.71 -4.02
CA PHE B 329 14.86 -17.35 -2.85
C PHE B 329 13.82 -18.36 -2.40
N HIS B 330 14.27 -19.56 -2.09
CA HIS B 330 13.38 -20.63 -1.68
C HIS B 330 13.64 -21.00 -0.23
N ASN B 331 12.76 -20.51 0.63
CA ASN B 331 12.89 -20.69 2.06
C ASN B 331 12.18 -21.89 2.66
N VAL B 332 11.13 -22.39 2.01
CA VAL B 332 10.39 -23.51 2.57
C VAL B 332 10.08 -24.64 1.59
N THR B 333 10.85 -24.73 0.52
CA THR B 333 10.67 -25.79 -0.48
C THR B 333 12.03 -26.27 -0.97
N ASP B 334 12.01 -27.35 -1.74
CA ASP B 334 13.24 -27.88 -2.33
C ASP B 334 13.54 -26.84 -3.42
N PRO B 335 14.66 -26.12 -3.31
CA PRO B 335 15.01 -25.09 -4.30
C PRO B 335 14.92 -25.54 -5.75
N ILE B 336 15.38 -26.75 -6.04
CA ILE B 336 15.35 -27.27 -7.39
C ILE B 336 13.91 -27.40 -7.91
N GLU B 337 13.02 -27.93 -7.08
CA GLU B 337 11.63 -28.08 -7.48
C GLU B 337 10.97 -26.72 -7.72
N SER B 338 11.25 -25.75 -6.87
CA SER B 338 10.66 -24.44 -7.04
C SER B 338 11.13 -23.78 -8.32
N LEU B 339 12.42 -23.89 -8.63
CA LEU B 339 12.96 -23.29 -9.84
C LEU B 339 12.37 -23.98 -11.07
N ILE B 340 12.15 -25.29 -10.95
CA ILE B 340 11.56 -26.04 -12.04
C ILE B 340 10.17 -25.50 -12.34
N ASN B 341 9.32 -25.45 -11.31
CA ASN B 341 7.96 -24.96 -11.49
C ASN B 341 7.85 -23.48 -11.79
N SER B 342 8.86 -22.70 -11.38
CA SER B 342 8.85 -21.28 -11.65
C SER B 342 9.18 -21.05 -13.12
N ALA B 343 10.16 -21.79 -13.62
CA ALA B 343 10.52 -21.68 -15.03
C ALA B 343 9.30 -22.11 -15.86
N ASN B 344 8.59 -23.12 -15.37
CA ASN B 344 7.40 -23.63 -16.06
C ASN B 344 6.33 -22.53 -16.11
N GLU B 345 6.13 -21.84 -15.00
CA GLU B 345 5.12 -20.79 -14.93
C GLU B 345 5.44 -19.64 -15.86
N ILE B 346 6.72 -19.35 -16.02
CA ILE B 346 7.14 -18.27 -16.91
C ILE B 346 6.83 -18.68 -18.36
N ARG B 347 7.10 -19.93 -18.72
CA ARG B 347 6.77 -20.39 -20.07
C ARG B 347 5.25 -20.45 -20.25
N ARG B 348 4.53 -20.73 -19.16
CA ARG B 348 3.07 -20.80 -19.22
C ARG B 348 2.48 -19.43 -19.61
N ALA B 349 2.96 -18.39 -18.93
CA ALA B 349 2.51 -17.03 -19.18
C ALA B 349 2.87 -16.61 -20.60
N TYR B 350 4.07 -16.98 -21.04
CA TYR B 350 4.55 -16.67 -22.39
C TYR B 350 3.65 -17.34 -23.42
N ALA B 351 3.39 -18.64 -23.23
CA ALA B 351 2.55 -19.39 -24.16
C ALA B 351 1.16 -18.79 -24.26
N GLN B 352 0.59 -18.41 -23.12
CA GLN B 352 -0.74 -17.81 -23.15
C GLN B 352 -0.73 -16.47 -23.87
N ALA B 353 0.32 -15.68 -23.68
CA ALA B 353 0.43 -14.39 -24.35
C ALA B 353 0.46 -14.62 -25.87
N LEU B 354 1.08 -15.72 -26.30
CA LEU B 354 1.16 -16.02 -27.73
C LEU B 354 -0.21 -16.34 -28.33
N LEU B 355 -1.15 -16.75 -27.48
CA LEU B 355 -2.50 -17.10 -27.94
C LEU B 355 -3.43 -15.92 -28.14
N VAL B 356 -3.08 -14.76 -27.59
CA VAL B 356 -3.93 -13.58 -27.73
C VAL B 356 -4.16 -13.23 -29.19
N ASP B 357 -5.42 -13.03 -29.57
CA ASP B 357 -5.75 -12.64 -30.94
C ASP B 357 -5.50 -11.15 -31.02
N ARG B 358 -4.31 -10.78 -31.49
CA ARG B 358 -3.89 -9.39 -31.60
C ARG B 358 -4.77 -8.55 -32.51
N ALA B 359 -5.23 -9.14 -33.61
CA ALA B 359 -6.09 -8.42 -34.54
C ALA B 359 -7.41 -8.06 -33.87
N ALA B 360 -8.01 -9.04 -33.21
CA ALA B 360 -9.27 -8.83 -32.51
C ALA B 360 -9.08 -7.80 -31.40
N LEU B 361 -8.01 -7.95 -30.64
CA LEU B 361 -7.72 -7.03 -29.55
C LEU B 361 -7.59 -5.60 -30.05
N SER B 362 -6.84 -5.42 -31.13
CA SER B 362 -6.66 -4.09 -31.70
C SER B 362 -8.00 -3.47 -32.07
N GLY B 363 -8.88 -4.26 -32.67
CA GLY B 363 -10.19 -3.77 -33.05
C GLY B 363 -10.99 -3.29 -31.85
N TYR B 364 -11.01 -4.11 -30.80
CA TYR B 364 -11.76 -3.76 -29.60
C TYR B 364 -11.16 -2.56 -28.89
N GLN B 365 -9.86 -2.36 -29.04
CA GLN B 365 -9.21 -1.20 -28.43
C GLN B 365 -9.61 0.06 -29.19
N GLU B 366 -9.53 0.01 -30.51
CA GLU B 366 -9.87 1.16 -31.32
C GLU B 366 -11.33 1.58 -31.14
N ASP B 367 -12.22 0.60 -30.99
CA ASP B 367 -13.64 0.90 -30.83
C ASP B 367 -14.08 1.11 -29.38
N ASN B 368 -13.12 1.13 -28.47
CA ASN B 368 -13.39 1.32 -27.06
C ASN B 368 -14.37 0.31 -26.46
N ASP B 369 -14.25 -0.93 -26.94
CA ASP B 369 -15.09 -2.02 -26.44
C ASP B 369 -14.24 -2.68 -25.33
N ALA B 370 -14.21 -2.03 -24.17
CA ALA B 370 -13.42 -2.50 -23.04
C ALA B 370 -13.72 -3.91 -22.58
N LEU B 371 -15.00 -4.27 -22.57
CA LEU B 371 -15.38 -5.61 -22.14
C LEU B 371 -14.83 -6.68 -23.07
N MET B 372 -15.01 -6.51 -24.37
CA MET B 372 -14.49 -7.51 -25.30
C MET B 372 -12.96 -7.50 -25.37
N ALA B 373 -12.35 -6.33 -25.15
CA ALA B 373 -10.90 -6.26 -25.18
C ALA B 373 -10.33 -7.07 -24.03
N THR B 374 -10.90 -6.92 -22.84
CA THR B 374 -10.41 -7.67 -21.70
C THR B 374 -10.72 -9.16 -21.83
N GLU B 375 -11.86 -9.49 -22.44
CA GLU B 375 -12.23 -10.88 -22.62
C GLU B 375 -11.31 -11.53 -23.66
N THR B 376 -10.80 -10.73 -24.59
CA THR B 376 -9.89 -11.24 -25.60
C THR B 376 -8.59 -11.69 -24.92
N LEU B 377 -8.17 -10.96 -23.89
CA LEU B 377 -6.98 -11.35 -23.16
C LEU B 377 -7.30 -12.58 -22.31
N LYS B 378 -8.46 -12.56 -21.66
CA LYS B 378 -8.87 -13.68 -20.82
C LYS B 378 -9.02 -14.99 -21.59
N ARG B 379 -9.46 -14.92 -22.84
CA ARG B 379 -9.61 -16.14 -23.63
C ARG B 379 -8.26 -16.85 -23.77
N ALA B 380 -7.19 -16.06 -23.86
CA ALA B 380 -5.86 -16.62 -23.97
C ALA B 380 -5.38 -17.09 -22.60
N TYR B 381 -5.52 -16.23 -21.60
CA TYR B 381 -5.09 -16.55 -20.25
C TYR B 381 -5.80 -17.75 -19.64
N ARG B 382 -7.09 -17.91 -19.93
CA ARG B 382 -7.86 -19.03 -19.39
C ARG B 382 -7.48 -20.36 -20.04
N THR B 383 -6.81 -20.31 -21.18
CA THR B 383 -6.42 -21.53 -21.87
C THR B 383 -5.36 -22.28 -21.07
N ASP B 384 -5.62 -23.57 -20.82
CA ASP B 384 -4.67 -24.40 -20.09
C ASP B 384 -3.63 -24.86 -21.07
N VAL B 385 -2.47 -24.21 -21.05
CA VAL B 385 -1.38 -24.54 -21.96
C VAL B 385 -0.41 -25.60 -21.44
N GLU B 386 -0.74 -26.23 -20.32
CA GLU B 386 0.13 -27.25 -19.76
C GLU B 386 0.54 -28.31 -20.78
N PRO B 387 -0.40 -28.77 -21.64
CA PRO B 387 -0.02 -29.78 -22.63
C PRO B 387 1.08 -29.31 -23.56
N ILE B 388 1.06 -28.02 -23.89
CA ILE B 388 2.07 -27.44 -24.78
C ILE B 388 3.42 -27.41 -24.05
N LEU B 389 3.41 -27.01 -22.78
CA LEU B 389 4.64 -26.95 -22.00
C LEU B 389 5.23 -28.34 -21.83
N ALA B 390 4.38 -29.31 -21.53
CA ALA B 390 4.81 -30.69 -21.33
C ALA B 390 5.36 -31.30 -22.61
N GLU B 391 4.67 -31.07 -23.73
CA GLU B 391 5.11 -31.60 -25.01
C GLU B 391 6.43 -30.97 -25.42
N ALA B 392 6.58 -29.68 -25.15
CA ALA B 392 7.80 -28.96 -25.48
C ALA B 392 8.97 -29.62 -24.75
N ARG B 393 8.75 -29.94 -23.48
CA ARG B 393 9.78 -30.58 -22.67
C ARG B 393 10.09 -31.97 -23.22
N ARG B 394 9.05 -32.75 -23.46
CA ARG B 394 9.21 -34.11 -23.98
C ARG B 394 10.00 -34.14 -25.28
N ARG B 395 9.69 -33.23 -26.19
CA ARG B 395 10.37 -33.18 -27.48
C ARG B 395 11.81 -32.70 -27.43
N THR B 396 12.18 -32.00 -26.37
CA THR B 396 13.54 -31.46 -26.25
C THR B 396 14.47 -32.14 -25.25
N GLY B 397 14.08 -33.32 -24.76
CA GLY B 397 14.92 -34.03 -23.82
C GLY B 397 14.55 -33.87 -22.36
N GLY B 398 13.48 -33.13 -22.11
CA GLY B 398 13.04 -32.90 -20.74
C GLY B 398 11.98 -33.87 -20.25
N ALA B 399 11.37 -33.56 -19.12
CA ALA B 399 10.35 -34.39 -18.51
C ALA B 399 8.93 -33.84 -18.63
N VAL B 400 7.97 -34.72 -18.91
CA VAL B 400 6.57 -34.34 -19.03
C VAL B 400 6.12 -33.65 -17.74
N ASP B 401 6.45 -34.25 -16.60
CA ASP B 401 6.15 -33.71 -15.27
C ASP B 401 7.52 -33.66 -14.59
N PRO B 402 8.22 -32.51 -14.70
CA PRO B 402 9.54 -32.28 -14.12
C PRO B 402 9.72 -32.61 -12.65
N VAL B 403 8.85 -32.08 -11.80
CA VAL B 403 8.96 -32.35 -10.38
C VAL B 403 8.75 -33.83 -10.07
N ALA B 404 7.78 -34.46 -10.74
CA ALA B 404 7.52 -35.88 -10.51
C ALA B 404 8.75 -36.71 -10.88
N THR B 405 9.38 -36.37 -11.99
CA THR B 405 10.56 -37.10 -12.45
C THR B 405 11.71 -36.85 -11.48
N TYR B 406 11.83 -35.61 -11.02
CA TYR B 406 12.87 -35.24 -10.08
C TYR B 406 12.75 -36.07 -8.81
N ARG B 407 11.53 -36.17 -8.29
CA ARG B 407 11.31 -36.95 -7.07
C ARG B 407 11.54 -38.43 -7.31
N ALA B 408 11.09 -38.92 -8.46
CA ALA B 408 11.27 -40.33 -8.79
C ALA B 408 12.75 -40.71 -8.90
N SER B 409 13.57 -39.73 -9.27
CA SER B 409 15.00 -39.97 -9.44
C SER B 409 15.77 -40.08 -8.13
N GLY B 410 15.23 -39.49 -7.07
CA GLY B 410 15.90 -39.53 -5.78
C GLY B 410 17.13 -38.64 -5.73
N TYR B 411 17.20 -37.67 -6.64
CA TYR B 411 18.34 -36.76 -6.69
C TYR B 411 18.66 -36.08 -5.35
N ARG B 412 17.63 -35.53 -4.70
CA ARG B 412 17.85 -34.84 -3.43
C ARG B 412 18.55 -35.74 -2.41
N ALA B 413 18.07 -36.97 -2.28
CA ALA B 413 18.66 -37.91 -1.33
C ALA B 413 20.09 -38.21 -1.77
N ARG B 414 20.33 -38.22 -3.08
CA ARG B 414 21.66 -38.49 -3.62
C ARG B 414 22.67 -37.43 -3.20
N VAL B 415 22.36 -36.16 -3.44
CA VAL B 415 23.29 -35.11 -3.07
C VAL B 415 23.39 -34.94 -1.57
N ALA B 416 22.35 -35.36 -0.85
CA ALA B 416 22.35 -35.28 0.61
C ALA B 416 23.39 -36.26 1.15
N ALA B 417 23.56 -37.37 0.44
CA ALA B 417 24.52 -38.39 0.84
C ALA B 417 25.95 -37.99 0.46
N GLU B 418 26.07 -37.08 -0.50
CA GLU B 418 27.39 -36.63 -0.97
C GLU B 418 27.85 -35.35 -0.28
N ARG B 419 26.89 -34.56 0.20
CA ARG B 419 27.21 -33.29 0.84
C ARG B 419 26.94 -33.28 2.35
N PRO B 420 27.96 -32.90 3.14
CA PRO B 420 27.82 -32.85 4.60
C PRO B 420 27.02 -31.65 5.07
N ALA B 421 26.01 -31.89 5.89
CA ALA B 421 25.19 -30.80 6.44
C ALA B 421 25.88 -30.31 7.70
N SER B 422 25.46 -29.17 8.21
CA SER B 422 26.06 -28.64 9.43
C SER B 422 25.85 -29.63 10.57
N VAL B 423 24.68 -30.27 10.58
CA VAL B 423 24.34 -31.26 11.59
C VAL B 423 23.45 -32.33 10.99
N ALA B 424 23.61 -33.57 11.46
CA ALA B 424 22.82 -34.69 10.97
C ALA B 424 21.33 -34.38 11.11
N GLU C 3 -42.58 -14.19 -18.86
CA GLU C 3 -42.03 -13.05 -19.66
C GLU C 3 -40.54 -13.24 -19.93
N PHE C 4 -40.13 -12.99 -21.17
CA PHE C 4 -38.74 -13.13 -21.56
C PHE C 4 -38.23 -11.84 -22.20
N ARG C 5 -37.33 -11.15 -21.51
CA ARG C 5 -36.76 -9.90 -22.01
C ARG C 5 -36.02 -10.15 -23.32
N ILE C 6 -35.41 -11.32 -23.43
CA ILE C 6 -34.68 -11.71 -24.63
C ILE C 6 -35.49 -12.76 -25.37
N ALA C 7 -35.75 -12.52 -26.65
CA ALA C 7 -36.54 -13.44 -27.46
C ALA C 7 -35.98 -14.85 -27.36
N GLN C 8 -36.85 -15.82 -27.08
CA GLN C 8 -36.44 -17.21 -26.95
C GLN C 8 -35.82 -17.75 -28.23
N ASP C 9 -36.30 -17.27 -29.37
CA ASP C 9 -35.78 -17.71 -30.66
C ASP C 9 -34.33 -17.25 -30.85
N VAL C 10 -33.99 -16.12 -30.26
CA VAL C 10 -32.63 -15.59 -30.35
C VAL C 10 -31.70 -16.43 -29.48
N VAL C 11 -32.17 -16.76 -28.28
CA VAL C 11 -31.39 -17.57 -27.36
C VAL C 11 -31.14 -18.93 -27.99
N ALA C 12 -32.19 -19.52 -28.55
CA ALA C 12 -32.07 -20.83 -29.19
C ALA C 12 -31.12 -20.76 -30.39
N ARG C 13 -31.27 -19.72 -31.19
CA ARG C 13 -30.44 -19.52 -32.38
C ARG C 13 -28.97 -19.40 -32.03
N GLU C 14 -28.65 -18.53 -31.07
CA GLU C 14 -27.27 -18.31 -30.67
C GLU C 14 -26.67 -19.50 -29.93
N ASN C 15 -27.53 -20.38 -29.40
CA ASN C 15 -27.05 -21.58 -28.71
C ASN C 15 -26.68 -22.62 -29.77
N ASP C 16 -27.57 -22.82 -30.74
CA ASP C 16 -27.32 -23.78 -31.81
C ASP C 16 -26.06 -23.43 -32.58
N ARG C 17 -25.84 -22.14 -32.78
CA ARG C 17 -24.67 -21.65 -33.51
C ARG C 17 -23.36 -22.06 -32.83
N ARG C 18 -23.41 -22.30 -31.53
CA ARG C 18 -22.21 -22.65 -30.77
C ARG C 18 -22.27 -24.03 -30.11
N ALA C 19 -23.33 -24.79 -30.38
CA ALA C 19 -23.49 -26.11 -29.79
C ALA C 19 -22.42 -27.13 -30.16
N SER C 20 -22.05 -27.15 -31.44
CA SER C 20 -21.05 -28.10 -31.92
C SER C 20 -19.72 -27.94 -31.18
N ALA C 21 -19.24 -26.69 -31.09
CA ALA C 21 -17.97 -26.41 -30.43
C ALA C 21 -18.06 -26.75 -28.94
N LEU C 22 -19.19 -26.40 -28.32
CA LEU C 22 -19.38 -26.68 -26.89
C LEU C 22 -19.36 -28.18 -26.62
N LYS C 23 -20.00 -28.94 -27.50
CA LYS C 23 -20.04 -30.40 -27.33
C LYS C 23 -18.61 -30.94 -27.31
N GLU C 24 -17.79 -30.48 -28.26
CA GLU C 24 -16.41 -30.93 -28.34
C GLU C 24 -15.61 -30.55 -27.10
N ASP C 25 -15.73 -29.29 -26.67
CA ASP C 25 -14.99 -28.83 -25.50
C ASP C 25 -15.48 -29.51 -24.21
N TYR C 26 -16.79 -29.67 -24.07
CA TYR C 26 -17.34 -30.30 -22.88
C TYR C 26 -16.89 -31.75 -22.78
N GLU C 27 -16.94 -32.47 -23.90
CA GLU C 27 -16.53 -33.88 -23.89
C GLU C 27 -15.04 -34.02 -23.63
N ALA C 28 -14.24 -33.10 -24.17
CA ALA C 28 -12.80 -33.14 -23.97
C ALA C 28 -12.51 -32.90 -22.48
N LEU C 29 -13.15 -31.88 -21.91
CA LEU C 29 -12.95 -31.58 -20.50
C LEU C 29 -13.47 -32.75 -19.65
N GLY C 30 -14.56 -33.36 -20.08
CA GLY C 30 -15.11 -34.50 -19.36
C GLY C 30 -14.12 -35.64 -19.30
N ALA C 31 -13.45 -35.90 -20.42
CA ALA C 31 -12.46 -36.96 -20.49
C ALA C 31 -11.27 -36.64 -19.61
N ASN C 32 -10.83 -35.39 -19.64
CA ASN C 32 -9.70 -34.96 -18.82
C ASN C 32 -10.02 -35.11 -17.34
N LEU C 33 -11.20 -34.69 -16.93
CA LEU C 33 -11.60 -34.80 -15.53
C LEU C 33 -11.75 -36.27 -15.13
N ALA C 34 -12.23 -37.10 -16.04
CA ALA C 34 -12.39 -38.52 -15.77
C ALA C 34 -11.03 -39.12 -15.44
N ARG C 35 -10.00 -38.71 -16.19
CA ARG C 35 -8.66 -39.20 -15.97
C ARG C 35 -8.15 -38.74 -14.60
N ARG C 36 -8.71 -37.65 -14.12
CA ARG C 36 -8.34 -37.08 -12.82
C ARG C 36 -9.27 -37.55 -11.70
N GLY C 37 -10.12 -38.52 -12.02
CA GLY C 37 -11.03 -39.06 -11.03
C GLY C 37 -12.21 -38.16 -10.67
N VAL C 38 -12.56 -37.25 -11.57
CA VAL C 38 -13.66 -36.34 -11.34
C VAL C 38 -14.77 -36.53 -12.36
N ASP C 39 -16.01 -36.53 -11.89
CA ASP C 39 -17.18 -36.68 -12.76
C ASP C 39 -17.66 -35.28 -13.13
N ILE C 40 -17.44 -34.90 -14.39
CA ILE C 40 -17.84 -33.59 -14.86
C ILE C 40 -19.31 -33.28 -14.61
N GLU C 41 -20.17 -34.30 -14.67
CA GLU C 41 -21.59 -34.08 -14.44
C GLU C 41 -21.88 -33.60 -13.02
N ALA C 42 -21.11 -34.11 -12.06
CA ALA C 42 -21.29 -33.71 -10.67
C ALA C 42 -20.93 -32.24 -10.49
N VAL C 43 -19.91 -31.78 -11.21
CA VAL C 43 -19.49 -30.39 -11.13
C VAL C 43 -20.54 -29.50 -11.76
N THR C 44 -20.97 -29.85 -12.96
CA THR C 44 -21.98 -29.07 -13.66
C THR C 44 -23.27 -28.94 -12.84
N ALA C 45 -23.67 -30.02 -12.18
CA ALA C 45 -24.88 -30.01 -11.37
C ALA C 45 -24.78 -29.00 -10.24
N LYS C 46 -23.60 -28.88 -9.64
CA LYS C 46 -23.40 -27.94 -8.53
C LYS C 46 -23.31 -26.51 -9.06
N VAL C 47 -22.63 -26.35 -10.19
CA VAL C 47 -22.49 -25.02 -10.79
C VAL C 47 -23.83 -24.42 -11.20
N GLU C 48 -24.70 -25.24 -11.77
CA GLU C 48 -26.01 -24.73 -12.21
C GLU C 48 -26.87 -24.31 -11.03
N LYS C 49 -26.45 -24.65 -9.82
CA LYS C 49 -27.19 -24.31 -8.61
C LYS C 49 -26.54 -23.18 -7.82
N PHE C 50 -25.43 -22.64 -8.33
CA PHE C 50 -24.77 -21.55 -7.63
C PHE C 50 -25.32 -20.20 -8.07
N PHE C 51 -25.82 -19.43 -7.11
CA PHE C 51 -26.40 -18.13 -7.39
C PHE C 51 -25.75 -16.99 -6.64
N VAL C 52 -25.71 -15.83 -7.30
CA VAL C 52 -25.14 -14.62 -6.72
C VAL C 52 -26.11 -13.48 -7.04
N ALA C 53 -26.41 -12.65 -6.05
CA ALA C 53 -27.35 -11.55 -6.23
C ALA C 53 -26.77 -10.39 -7.04
N VAL C 54 -27.61 -9.81 -7.91
CA VAL C 54 -27.18 -8.67 -8.71
C VAL C 54 -27.67 -7.39 -8.08
N PRO C 55 -26.80 -6.36 -8.03
CA PRO C 55 -27.16 -5.06 -7.44
C PRO C 55 -27.99 -4.22 -8.40
N SER C 56 -29.10 -3.68 -7.91
CA SER C 56 -29.96 -2.85 -8.75
C SER C 56 -29.16 -1.64 -9.23
N TRP C 57 -28.25 -1.16 -8.37
CA TRP C 57 -27.44 0.00 -8.70
C TRP C 57 -26.32 -0.35 -9.67
N GLY C 58 -26.24 -1.62 -10.05
CA GLY C 58 -25.21 -2.06 -10.97
C GLY C 58 -25.64 -2.03 -12.42
N VAL C 59 -26.96 -2.04 -12.67
CA VAL C 59 -27.48 -2.04 -14.03
C VAL C 59 -27.51 -0.64 -14.64
N GLY C 60 -27.27 0.37 -13.82
CA GLY C 60 -27.24 1.73 -14.31
C GLY C 60 -25.76 2.10 -14.38
N THR C 61 -25.35 2.89 -15.36
CA THR C 61 -23.95 3.27 -15.47
C THR C 61 -23.51 4.00 -14.20
N GLY C 62 -22.33 3.66 -13.70
CA GLY C 62 -21.83 4.30 -12.50
C GLY C 62 -20.91 5.46 -12.83
N GLY C 63 -20.30 6.03 -11.80
CA GLY C 63 -19.40 7.15 -12.01
C GLY C 63 -18.42 7.33 -10.86
N THR C 64 -17.52 8.29 -10.99
CA THR C 64 -16.54 8.59 -9.96
C THR C 64 -16.87 9.97 -9.42
N ARG C 65 -16.07 10.50 -8.51
CA ARG C 65 -16.36 11.83 -7.99
C ARG C 65 -16.05 12.89 -9.05
N PHE C 66 -15.35 12.48 -10.11
CA PHE C 66 -14.99 13.41 -11.18
C PHE C 66 -16.03 13.51 -12.30
N ALA C 67 -16.72 12.42 -12.59
CA ALA C 67 -17.70 12.46 -13.66
C ALA C 67 -18.50 11.18 -13.81
N ARG C 68 -19.63 11.29 -14.49
CA ARG C 68 -20.50 10.16 -14.78
C ARG C 68 -20.77 10.23 -16.27
N PHE C 69 -20.58 9.10 -16.95
CA PHE C 69 -20.78 9.03 -18.40
C PHE C 69 -21.85 7.99 -18.73
N PRO C 70 -23.12 8.38 -18.63
CA PRO C 70 -24.22 7.45 -18.93
C PRO C 70 -24.22 6.97 -20.37
N GLY C 71 -24.72 5.75 -20.58
CA GLY C 71 -24.80 5.20 -21.91
C GLY C 71 -26.22 5.37 -22.40
N THR C 72 -26.61 4.64 -23.43
CA THR C 72 -27.97 4.75 -23.95
C THR C 72 -28.89 3.81 -23.19
N GLY C 73 -30.19 4.12 -23.21
CA GLY C 73 -31.16 3.29 -22.51
C GLY C 73 -30.88 3.15 -21.02
N GLU C 74 -30.48 4.23 -20.39
CA GLU C 74 -30.22 4.19 -18.96
C GLU C 74 -31.55 3.96 -18.23
N PRO C 75 -31.56 3.02 -17.28
CA PRO C 75 -32.81 2.76 -16.55
C PRO C 75 -33.25 3.98 -15.74
N ARG C 76 -34.55 4.28 -15.80
CA ARG C 76 -35.12 5.42 -15.11
C ARG C 76 -35.27 5.22 -13.61
N GLY C 77 -35.73 4.04 -13.21
CA GLY C 77 -35.92 3.74 -11.80
C GLY C 77 -35.78 2.26 -11.52
N ILE C 78 -36.24 1.83 -10.36
CA ILE C 78 -36.12 0.43 -9.97
C ILE C 78 -36.84 -0.53 -10.92
N PHE C 79 -37.95 -0.10 -11.49
CA PHE C 79 -38.70 -0.96 -12.41
C PHE C 79 -37.91 -1.22 -13.69
N ASP C 80 -37.25 -0.20 -14.22
CA ASP C 80 -36.44 -0.37 -15.41
C ASP C 80 -35.25 -1.25 -15.04
N LYS C 81 -34.69 -1.02 -13.85
CA LYS C 81 -33.55 -1.80 -13.39
C LYS C 81 -33.91 -3.27 -13.24
N LEU C 82 -35.11 -3.55 -12.75
CA LEU C 82 -35.55 -4.92 -12.58
C LEU C 82 -35.64 -5.58 -13.96
N ASP C 83 -36.18 -4.86 -14.93
CA ASP C 83 -36.30 -5.38 -16.29
C ASP C 83 -34.93 -5.77 -16.83
N ASP C 84 -33.93 -4.93 -16.56
CA ASP C 84 -32.57 -5.20 -17.03
C ASP C 84 -31.95 -6.36 -16.28
N CYS C 85 -32.23 -6.45 -14.98
CA CYS C 85 -31.69 -7.55 -14.18
C CYS C 85 -32.25 -8.87 -14.68
N ALA C 86 -33.48 -8.82 -15.19
CA ALA C 86 -34.14 -10.01 -15.71
C ALA C 86 -33.35 -10.60 -16.87
N VAL C 87 -32.71 -9.72 -17.65
CA VAL C 87 -31.90 -10.15 -18.78
C VAL C 87 -30.67 -10.92 -18.32
N ILE C 88 -30.02 -10.42 -17.28
CA ILE C 88 -28.83 -11.08 -16.75
C ILE C 88 -29.18 -12.48 -16.25
N GLN C 89 -30.29 -12.59 -15.53
CA GLN C 89 -30.74 -13.88 -15.02
C GLN C 89 -31.14 -14.82 -16.15
N GLN C 90 -31.88 -14.31 -17.12
CA GLN C 90 -32.32 -15.15 -18.23
C GLN C 90 -31.13 -15.77 -18.98
N LEU C 91 -30.11 -14.94 -19.26
CA LEU C 91 -28.95 -15.40 -19.99
C LEU C 91 -27.89 -16.18 -19.21
N THR C 92 -27.68 -15.83 -17.94
CA THR C 92 -26.67 -16.51 -17.12
C THR C 92 -27.26 -17.55 -16.18
N ARG C 93 -28.53 -17.38 -15.83
CA ARG C 93 -29.23 -18.28 -14.91
C ARG C 93 -28.49 -18.39 -13.58
N ALA C 94 -27.69 -17.39 -13.26
CA ALA C 94 -26.92 -17.39 -12.03
C ALA C 94 -27.27 -16.24 -11.10
N THR C 95 -28.21 -15.39 -11.51
CA THR C 95 -28.58 -14.23 -10.70
C THR C 95 -30.10 -14.08 -10.53
N PRO C 96 -30.75 -15.08 -9.93
CA PRO C 96 -32.20 -15.02 -9.73
C PRO C 96 -32.68 -13.95 -8.74
N ASN C 97 -31.78 -13.47 -7.88
CA ASN C 97 -32.17 -12.45 -6.90
C ASN C 97 -31.49 -11.11 -7.08
N VAL C 98 -32.22 -10.05 -6.76
CA VAL C 98 -31.73 -8.68 -6.89
C VAL C 98 -31.61 -8.00 -5.52
N SER C 99 -30.55 -7.20 -5.36
CA SER C 99 -30.31 -6.46 -4.13
C SER C 99 -30.84 -5.05 -4.29
N LEU C 100 -31.74 -4.64 -3.40
CA LEU C 100 -32.31 -3.30 -3.46
C LEU C 100 -31.61 -2.33 -2.53
N HIS C 101 -31.62 -1.06 -2.90
CA HIS C 101 -31.00 -0.01 -2.10
C HIS C 101 -32.06 1.07 -1.87
N ILE C 102 -32.31 1.39 -0.61
CA ILE C 102 -33.31 2.40 -0.26
C ILE C 102 -32.59 3.66 0.21
N PRO C 103 -33.08 4.85 -0.19
CA PRO C 103 -34.25 5.17 -1.02
C PRO C 103 -34.12 5.13 -2.55
N TRP C 104 -32.96 4.77 -3.09
CA TRP C 104 -32.82 4.74 -4.55
C TRP C 104 -33.93 3.94 -5.22
N ASP C 105 -34.25 2.78 -4.66
CA ASP C 105 -35.28 1.92 -5.24
C ASP C 105 -36.61 1.92 -4.49
N LYS C 106 -36.82 2.91 -3.64
CA LYS C 106 -38.06 2.97 -2.89
C LYS C 106 -39.27 3.00 -3.82
N ALA C 107 -40.26 2.16 -3.52
CA ALA C 107 -41.48 2.06 -4.31
C ALA C 107 -42.46 1.13 -3.59
N ASP C 108 -43.70 1.09 -4.06
CA ASP C 108 -44.71 0.24 -3.46
C ASP C 108 -44.25 -1.22 -3.41
N PRO C 109 -44.08 -1.77 -2.20
CA PRO C 109 -43.65 -3.16 -2.02
C PRO C 109 -44.47 -4.15 -2.86
N LYS C 110 -45.76 -3.90 -2.95
CA LYS C 110 -46.64 -4.77 -3.72
C LYS C 110 -46.31 -4.75 -5.21
N GLU C 111 -45.92 -3.59 -5.72
CA GLU C 111 -45.56 -3.48 -7.13
C GLU C 111 -44.20 -4.11 -7.38
N LEU C 112 -43.27 -3.87 -6.47
CA LEU C 112 -41.92 -4.43 -6.58
C LEU C 112 -41.99 -5.94 -6.61
N LYS C 113 -42.75 -6.50 -5.67
CA LYS C 113 -42.93 -7.95 -5.57
C LYS C 113 -43.63 -8.48 -6.81
N ALA C 114 -44.59 -7.71 -7.30
CA ALA C 114 -45.35 -8.10 -8.49
C ALA C 114 -44.45 -8.19 -9.72
N ARG C 115 -43.63 -7.17 -9.92
CA ARG C 115 -42.73 -7.15 -11.07
C ARG C 115 -41.69 -8.26 -10.95
N GLY C 116 -41.19 -8.47 -9.74
CA GLY C 116 -40.20 -9.50 -9.53
C GLY C 116 -40.74 -10.86 -9.94
N ASP C 117 -41.93 -11.19 -9.45
CA ASP C 117 -42.56 -12.47 -9.76
C ASP C 117 -42.78 -12.66 -11.26
N ALA C 118 -43.16 -11.58 -11.94
CA ALA C 118 -43.41 -11.64 -13.38
C ALA C 118 -42.12 -11.85 -14.16
N LEU C 119 -41.02 -11.34 -13.64
CA LEU C 119 -39.72 -11.46 -14.30
C LEU C 119 -38.92 -12.68 -13.85
N GLY C 120 -39.44 -13.37 -12.83
CA GLY C 120 -38.75 -14.54 -12.32
C GLY C 120 -37.56 -14.13 -11.47
N LEU C 121 -37.74 -13.04 -10.73
CA LEU C 121 -36.67 -12.53 -9.86
C LEU C 121 -37.11 -12.45 -8.40
N GLY C 122 -36.17 -12.74 -7.52
CA GLY C 122 -36.42 -12.66 -6.09
C GLY C 122 -35.64 -11.48 -5.56
N PHE C 123 -35.66 -11.28 -4.25
CA PHE C 123 -34.93 -10.17 -3.64
C PHE C 123 -33.99 -10.62 -2.55
N ASP C 124 -32.74 -10.20 -2.64
CA ASP C 124 -31.74 -10.55 -1.64
C ASP C 124 -31.80 -9.52 -0.52
N ALA C 125 -30.69 -9.35 0.19
CA ALA C 125 -30.64 -8.40 1.30
C ALA C 125 -30.94 -6.96 0.93
N MET C 126 -31.66 -6.26 1.81
CA MET C 126 -31.98 -4.86 1.62
C MET C 126 -30.73 -4.07 1.98
N ASN C 127 -30.59 -2.87 1.42
CA ASN C 127 -29.46 -2.02 1.70
C ASN C 127 -29.97 -0.64 2.11
N SER C 128 -29.59 -0.20 3.31
CA SER C 128 -30.00 1.10 3.81
C SER C 128 -29.01 2.16 3.32
N ASN C 129 -29.47 3.42 3.30
CA ASN C 129 -28.64 4.52 2.83
C ASN C 129 -28.64 5.70 3.78
N THR C 130 -27.64 5.79 4.64
CA THR C 130 -27.52 6.92 5.54
C THR C 130 -26.14 7.55 5.32
N PHE C 131 -25.69 7.51 4.07
CA PHE C 131 -24.41 8.08 3.68
C PHE C 131 -24.63 9.23 2.68
N SER C 132 -25.88 9.67 2.58
CA SER C 132 -26.27 10.75 1.68
C SER C 132 -27.57 11.35 2.21
N ASP C 133 -27.84 12.59 1.85
CA ASP C 133 -29.07 13.26 2.28
C ASP C 133 -30.14 13.27 1.20
N ALA C 134 -31.37 12.98 1.58
CA ALA C 134 -32.48 12.96 0.66
C ALA C 134 -33.29 14.25 0.83
N PRO C 135 -34.15 14.58 -0.14
CA PRO C 135 -34.95 15.80 -0.04
C PRO C 135 -35.87 15.78 1.17
N GLY C 136 -35.98 16.92 1.85
CA GLY C 136 -36.85 17.03 3.01
C GLY C 136 -36.33 16.38 4.27
N GLN C 137 -35.12 15.83 4.21
CA GLN C 137 -34.51 15.18 5.36
C GLN C 137 -34.29 16.19 6.50
N ALA C 138 -34.74 15.83 7.70
CA ALA C 138 -34.62 16.71 8.85
C ALA C 138 -33.20 16.88 9.39
N HIS C 139 -32.44 15.79 9.43
CA HIS C 139 -31.07 15.85 9.94
C HIS C 139 -30.08 15.35 8.90
N SER C 140 -29.05 16.14 8.64
CA SER C 140 -28.02 15.77 7.67
C SER C 140 -27.06 14.72 8.18
N TYR C 141 -26.58 13.88 7.28
CA TYR C 141 -25.63 12.83 7.63
C TYR C 141 -24.20 13.26 7.33
N LYS C 142 -24.00 14.56 7.13
CA LYS C 142 -22.69 15.12 6.85
C LYS C 142 -21.62 14.63 7.83
N TYR C 143 -21.94 14.67 9.12
CA TYR C 143 -21.01 14.25 10.16
C TYR C 143 -21.29 12.86 10.72
N GLY C 144 -22.01 12.05 9.97
CA GLY C 144 -22.30 10.71 10.44
C GLY C 144 -23.79 10.41 10.46
N SER C 145 -24.11 9.17 10.85
CA SER C 145 -25.49 8.74 10.91
C SER C 145 -25.75 7.94 12.18
N LEU C 146 -25.56 6.63 12.10
CA LEU C 146 -25.75 5.77 13.26
C LEU C 146 -24.78 6.09 14.40
N SER C 147 -23.68 6.76 14.09
CA SER C 147 -22.70 7.12 15.10
C SER C 147 -22.56 8.64 15.27
N HIS C 148 -23.51 9.39 14.71
CA HIS C 148 -23.50 10.86 14.79
C HIS C 148 -23.60 11.28 16.26
N THR C 149 -22.97 12.39 16.60
CA THR C 149 -23.03 12.87 17.99
C THR C 149 -24.43 13.28 18.40
N ASN C 150 -25.23 13.71 17.44
CA ASN C 150 -26.61 14.16 17.71
C ASN C 150 -27.58 12.99 17.83
N ALA C 151 -28.24 12.89 18.97
CA ALA C 151 -29.20 11.81 19.22
C ALA C 151 -30.32 11.74 18.19
N ALA C 152 -30.90 12.88 17.84
CA ALA C 152 -31.98 12.90 16.86
C ALA C 152 -31.55 12.38 15.50
N THR C 153 -30.27 12.58 15.18
CA THR C 153 -29.74 12.12 13.90
C THR C 153 -29.59 10.60 13.91
N ARG C 154 -29.11 10.07 15.03
CA ARG C 154 -28.96 8.61 15.14
C ARG C 154 -30.35 7.98 15.07
N ALA C 155 -31.31 8.61 15.74
CA ALA C 155 -32.68 8.09 15.75
C ALA C 155 -33.27 8.05 14.34
N GLN C 156 -33.01 9.10 13.57
CA GLN C 156 -33.50 9.17 12.20
C GLN C 156 -32.87 8.05 11.36
N ALA C 157 -31.59 7.80 11.59
CA ALA C 157 -30.87 6.75 10.85
C ALA C 157 -31.45 5.39 11.22
N VAL C 158 -31.72 5.18 12.50
CA VAL C 158 -32.28 3.92 12.97
C VAL C 158 -33.66 3.70 12.34
N GLU C 159 -34.48 4.73 12.35
CA GLU C 159 -35.82 4.63 11.78
C GLU C 159 -35.76 4.28 10.29
N HIS C 160 -34.80 4.85 9.59
CA HIS C 160 -34.65 4.58 8.16
C HIS C 160 -34.34 3.10 7.95
N ASN C 161 -33.46 2.55 8.77
CA ASN C 161 -33.10 1.15 8.66
C ASN C 161 -34.30 0.25 8.97
N LEU C 162 -35.10 0.63 9.95
CA LEU C 162 -36.28 -0.14 10.30
C LEU C 162 -37.26 -0.14 9.14
N GLU C 163 -37.33 0.99 8.42
CA GLU C 163 -38.23 1.09 7.27
C GLU C 163 -37.73 0.14 6.19
N CYS C 164 -36.42 0.01 6.07
CA CYS C 164 -35.83 -0.88 5.08
C CYS C 164 -36.25 -2.31 5.38
N ILE C 165 -36.29 -2.64 6.66
CA ILE C 165 -36.68 -3.98 7.09
C ILE C 165 -38.15 -4.20 6.71
N GLU C 166 -38.98 -3.21 6.95
CA GLU C 166 -40.40 -3.32 6.63
C GLU C 166 -40.63 -3.53 5.14
N ILE C 167 -39.85 -2.83 4.32
CA ILE C 167 -39.97 -2.97 2.87
C ILE C 167 -39.51 -4.37 2.48
N GLY C 168 -38.40 -4.81 3.05
CA GLY C 168 -37.87 -6.12 2.75
C GLY C 168 -38.82 -7.24 3.13
N LYS C 169 -39.48 -7.09 4.27
CA LYS C 169 -40.43 -8.10 4.74
C LYS C 169 -41.57 -8.31 3.75
N ALA C 170 -41.99 -7.23 3.11
CA ALA C 170 -43.09 -7.27 2.15
C ALA C 170 -42.74 -7.85 0.77
N ILE C 171 -41.46 -7.82 0.41
CA ILE C 171 -41.05 -8.32 -0.89
C ILE C 171 -40.35 -9.68 -0.86
N GLY C 172 -40.07 -10.19 0.33
CA GLY C 172 -39.42 -11.49 0.44
C GLY C 172 -37.94 -11.48 0.79
N SER C 173 -37.44 -10.32 1.23
CA SER C 173 -36.04 -10.22 1.62
C SER C 173 -35.87 -10.83 3.01
N LYS C 174 -34.67 -11.29 3.33
CA LYS C 174 -34.41 -11.91 4.63
C LYS C 174 -33.19 -11.35 5.35
N ALA C 175 -32.75 -10.16 4.95
CA ALA C 175 -31.59 -9.56 5.59
C ALA C 175 -31.45 -8.08 5.26
N LEU C 176 -30.72 -7.38 6.13
CA LEU C 176 -30.46 -5.97 5.96
C LEU C 176 -28.95 -5.78 6.01
N THR C 177 -28.39 -5.14 4.99
CA THR C 177 -26.96 -4.87 4.95
C THR C 177 -26.78 -3.41 5.30
N VAL C 178 -25.93 -3.15 6.28
CA VAL C 178 -25.66 -1.79 6.71
C VAL C 178 -24.24 -1.35 6.44
N TRP C 179 -24.08 -0.46 5.47
CA TRP C 179 -22.77 0.12 5.17
C TRP C 179 -22.96 1.62 5.33
N ILE C 180 -22.14 2.25 6.16
CA ILE C 180 -22.24 3.68 6.35
C ILE C 180 -20.88 4.33 6.10
N GLY C 181 -20.88 5.63 5.84
CA GLY C 181 -19.63 6.31 5.60
C GLY C 181 -19.02 6.89 6.86
N ASP C 182 -19.76 6.80 7.96
CA ASP C 182 -19.35 7.32 9.26
C ASP C 182 -17.86 7.21 9.57
N GLY C 183 -17.27 8.34 9.92
CA GLY C 183 -15.85 8.39 10.25
C GLY C 183 -15.41 9.83 10.40
N SER C 184 -14.14 10.09 10.17
CA SER C 184 -13.61 11.44 10.28
C SER C 184 -12.56 11.67 9.20
N ASN C 185 -12.34 12.93 8.86
CA ASN C 185 -11.34 13.28 7.87
C ASN C 185 -10.11 13.91 8.52
N PHE C 186 -10.18 14.15 9.84
CA PHE C 186 -9.08 14.77 10.56
C PHE C 186 -8.83 14.17 11.93
N PRO C 187 -7.56 14.09 12.34
CA PRO C 187 -7.23 13.55 13.66
C PRO C 187 -7.93 14.45 14.69
N GLY C 188 -8.53 13.85 15.71
CA GLY C 188 -9.21 14.65 16.73
C GLY C 188 -10.66 14.97 16.45
N GLN C 189 -11.06 14.99 15.18
CA GLN C 189 -12.45 15.30 14.83
C GLN C 189 -13.41 14.37 15.56
N SER C 190 -13.07 13.08 15.61
CA SER C 190 -13.89 12.09 16.29
C SER C 190 -13.13 11.41 17.42
N ASN C 191 -13.87 10.94 18.41
CA ASN C 191 -13.27 10.17 19.49
C ASN C 191 -13.59 8.76 19.00
N PHE C 192 -12.56 8.01 18.61
CA PHE C 192 -12.78 6.67 18.08
C PHE C 192 -13.70 5.81 18.91
N THR C 193 -13.42 5.75 20.22
CA THR C 193 -14.20 4.92 21.12
C THR C 193 -15.65 5.36 21.29
N ARG C 194 -15.86 6.65 21.57
CA ARG C 194 -17.23 7.14 21.75
C ARG C 194 -18.06 6.97 20.48
N ALA C 195 -17.46 7.22 19.32
CA ALA C 195 -18.17 7.06 18.06
C ALA C 195 -18.60 5.61 17.87
N PHE C 196 -17.72 4.68 18.20
CA PHE C 196 -18.03 3.26 18.05
C PHE C 196 -19.12 2.86 19.06
N GLU C 197 -19.07 3.41 20.26
CA GLU C 197 -20.09 3.09 21.26
C GLU C 197 -21.45 3.55 20.75
N ARG C 198 -21.51 4.75 20.18
CA ARG C 198 -22.77 5.26 19.65
C ARG C 198 -23.27 4.36 18.53
N TYR C 199 -22.36 3.90 17.68
CA TYR C 199 -22.73 3.02 16.57
C TYR C 199 -23.32 1.71 17.10
N LEU C 200 -22.65 1.13 18.09
CA LEU C 200 -23.12 -0.14 18.66
C LEU C 200 -24.51 0.00 19.27
N SER C 201 -24.76 1.13 19.94
CA SER C 201 -26.06 1.35 20.57
C SER C 201 -27.16 1.50 19.52
N ALA C 202 -26.85 2.19 18.43
CA ALA C 202 -27.82 2.40 17.37
C ALA C 202 -28.13 1.08 16.65
N MET C 203 -27.09 0.29 16.38
CA MET C 203 -27.28 -0.99 15.72
C MET C 203 -28.09 -1.94 16.60
N ALA C 204 -27.99 -1.78 17.91
CA ALA C 204 -28.74 -2.62 18.84
C ALA C 204 -30.22 -2.33 18.66
N GLU C 205 -30.56 -1.08 18.41
CA GLU C 205 -31.96 -0.70 18.20
C GLU C 205 -32.46 -1.31 16.90
N ILE C 206 -31.62 -1.32 15.88
CA ILE C 206 -32.00 -1.89 14.59
C ILE C 206 -32.16 -3.39 14.75
N TYR C 207 -31.27 -4.00 15.52
CA TYR C 207 -31.29 -5.44 15.77
C TYR C 207 -32.63 -5.86 16.38
N LYS C 208 -33.15 -5.05 17.28
CA LYS C 208 -34.42 -5.34 17.94
C LYS C 208 -35.58 -5.42 16.96
N GLY C 209 -35.42 -4.81 15.79
CA GLY C 209 -36.47 -4.82 14.79
C GLY C 209 -36.35 -5.93 13.77
N LEU C 210 -35.37 -6.81 13.95
CA LEU C 210 -35.16 -7.92 13.03
C LEU C 210 -36.09 -9.12 13.25
N PRO C 211 -36.73 -9.60 12.17
CA PRO C 211 -37.61 -10.75 12.32
C PRO C 211 -36.76 -11.95 12.74
N ASP C 212 -37.40 -13.01 13.21
CA ASP C 212 -36.69 -14.20 13.66
C ASP C 212 -35.78 -14.82 12.60
N ASP C 213 -36.22 -14.80 11.35
CA ASP C 213 -35.45 -15.39 10.27
C ASP C 213 -34.64 -14.40 9.44
N TRP C 214 -34.34 -13.25 10.05
CA TRP C 214 -33.57 -12.21 9.36
C TRP C 214 -32.14 -12.12 9.88
N LYS C 215 -31.26 -11.59 9.04
CA LYS C 215 -29.87 -11.39 9.42
C LYS C 215 -29.53 -9.93 9.22
N LEU C 216 -28.62 -9.43 10.04
CA LEU C 216 -28.16 -8.06 9.96
C LEU C 216 -26.68 -8.12 9.61
N PHE C 217 -26.35 -7.63 8.40
CA PHE C 217 -24.97 -7.65 7.94
C PHE C 217 -24.32 -6.28 8.01
N SER C 218 -23.22 -6.18 8.75
CA SER C 218 -22.48 -4.93 8.83
C SER C 218 -21.30 -5.09 7.88
N GLU C 219 -21.03 -4.04 7.10
CA GLU C 219 -19.97 -4.07 6.10
C GLU C 219 -18.83 -3.10 6.41
N HIS C 220 -17.64 -3.65 6.64
CA HIS C 220 -16.48 -2.80 6.94
C HIS C 220 -15.86 -2.22 5.68
N LYS C 221 -15.15 -1.12 5.85
CA LYS C 221 -14.47 -0.44 4.75
C LYS C 221 -13.36 0.41 5.35
N MET C 222 -12.14 0.25 4.83
CA MET C 222 -10.99 0.99 5.36
C MET C 222 -11.12 2.51 5.27
N TYR C 223 -11.59 3.01 4.13
CA TYR C 223 -11.75 4.45 3.93
C TYR C 223 -12.69 4.72 2.75
N GLU C 224 -13.07 5.99 2.62
CA GLU C 224 -13.96 6.52 1.58
C GLU C 224 -15.41 6.21 1.94
N PRO C 225 -16.24 7.25 2.17
CA PRO C 225 -15.97 8.69 2.15
C PRO C 225 -15.10 9.32 3.23
N ALA C 226 -14.84 8.62 4.32
CA ALA C 226 -13.99 9.19 5.39
C ALA C 226 -12.53 8.92 5.05
N PHE C 227 -11.72 9.97 5.10
CA PHE C 227 -10.32 9.85 4.73
C PHE C 227 -9.25 9.85 5.81
N TYR C 228 -9.67 9.76 7.08
CA TYR C 228 -8.70 9.66 8.16
C TYR C 228 -9.07 8.42 8.97
N SER C 229 -10.31 8.35 9.45
CA SER C 229 -10.76 7.18 10.20
C SER C 229 -12.17 6.83 9.78
N THR C 230 -12.51 5.55 9.92
CA THR C 230 -13.84 5.06 9.59
C THR C 230 -14.26 4.21 10.78
N VAL C 231 -15.49 4.39 11.26
CA VAL C 231 -15.96 3.64 12.41
C VAL C 231 -15.85 2.13 12.18
N VAL C 232 -16.48 1.64 11.11
CA VAL C 232 -16.40 0.22 10.82
C VAL C 232 -15.31 0.10 9.75
N GLN C 233 -14.06 0.20 10.18
CA GLN C 233 -12.93 0.21 9.25
C GLN C 233 -12.37 -1.12 8.76
N ASP C 234 -12.48 -2.18 9.55
CA ASP C 234 -11.97 -3.47 9.10
C ASP C 234 -12.72 -4.65 9.70
N TRP C 235 -12.29 -5.86 9.36
CA TRP C 235 -12.97 -7.05 9.85
C TRP C 235 -12.87 -7.24 11.35
N GLY C 236 -11.84 -6.67 11.98
CA GLY C 236 -11.69 -6.80 13.41
C GLY C 236 -12.83 -6.07 14.11
N THR C 237 -13.06 -4.83 13.71
CA THR C 237 -14.15 -4.05 14.30
C THR C 237 -15.46 -4.71 13.91
N ASN C 238 -15.52 -5.23 12.69
CA ASN C 238 -16.74 -5.88 12.23
C ASN C 238 -17.06 -7.07 13.12
N TYR C 239 -16.04 -7.87 13.46
CA TYR C 239 -16.28 -9.01 14.32
C TYR C 239 -16.82 -8.55 15.66
N LEU C 240 -16.23 -7.50 16.23
CA LEU C 240 -16.70 -6.99 17.51
C LEU C 240 -18.16 -6.59 17.43
N ILE C 241 -18.56 -6.00 16.31
CA ILE C 241 -19.95 -5.59 16.11
C ILE C 241 -20.86 -6.81 16.12
N ALA C 242 -20.57 -7.77 15.25
CA ALA C 242 -21.38 -8.97 15.12
C ALA C 242 -21.48 -9.77 16.42
N GLN C 243 -20.35 -9.91 17.12
CA GLN C 243 -20.36 -10.66 18.37
C GLN C 243 -21.17 -9.92 19.43
N THR C 244 -21.07 -8.60 19.45
CA THR C 244 -21.79 -7.78 20.42
C THR C 244 -23.31 -7.75 20.20
N LEU C 245 -23.72 -7.62 18.95
CA LEU C 245 -25.14 -7.53 18.63
C LEU C 245 -25.96 -8.79 18.85
N GLY C 246 -25.44 -9.94 18.46
CA GLY C 246 -26.18 -11.17 18.65
C GLY C 246 -26.07 -12.16 17.50
N PRO C 247 -26.68 -13.34 17.63
CA PRO C 247 -26.67 -14.41 16.63
C PRO C 247 -27.10 -14.02 15.23
N LYS C 248 -28.02 -13.07 15.12
CA LYS C 248 -28.50 -12.64 13.81
C LYS C 248 -27.59 -11.62 13.12
N ALA C 249 -26.58 -11.15 13.83
CA ALA C 249 -25.64 -10.18 13.29
C ALA C 249 -24.38 -10.85 12.76
N GLN C 250 -24.06 -10.60 11.49
CA GLN C 250 -22.89 -11.18 10.89
C GLN C 250 -22.11 -10.17 10.05
N CYS C 251 -20.91 -10.54 9.64
CA CYS C 251 -20.05 -9.65 8.86
C CYS C 251 -20.09 -9.87 7.36
N LEU C 252 -20.16 -8.77 6.61
CA LEU C 252 -20.16 -8.85 5.16
C LEU C 252 -18.80 -8.39 4.65
N VAL C 253 -18.20 -9.19 3.79
CA VAL C 253 -16.88 -8.89 3.24
C VAL C 253 -16.97 -8.41 1.80
N ASP C 254 -16.60 -7.15 1.57
CA ASP C 254 -16.59 -6.59 0.23
C ASP C 254 -15.11 -6.64 -0.16
N LEU C 255 -14.81 -7.37 -1.23
CA LEU C 255 -13.43 -7.57 -1.64
C LEU C 255 -12.56 -6.31 -1.77
N GLY C 256 -13.10 -5.24 -2.32
CA GLY C 256 -12.30 -4.03 -2.48
C GLY C 256 -12.23 -3.10 -1.29
N HIS C 257 -12.66 -3.57 -0.11
CA HIS C 257 -12.67 -2.73 1.09
C HIS C 257 -11.51 -2.93 2.07
N HIS C 258 -10.40 -3.50 1.61
CA HIS C 258 -9.26 -3.77 2.48
C HIS C 258 -7.99 -3.03 2.13
N ALA C 259 -7.10 -2.94 3.12
CA ALA C 259 -5.82 -2.26 2.95
C ALA C 259 -4.99 -2.94 1.86
N PRO C 260 -4.06 -2.19 1.26
CA PRO C 260 -3.23 -2.81 0.22
C PRO C 260 -2.52 -4.06 0.74
N ASN C 261 -2.50 -5.09 -0.10
CA ASN C 261 -1.86 -6.38 0.17
C ASN C 261 -2.49 -7.29 1.23
N THR C 262 -3.63 -6.88 1.76
CA THR C 262 -4.33 -7.69 2.76
C THR C 262 -4.60 -9.10 2.25
N ASN C 263 -4.47 -10.09 3.13
CA ASN C 263 -4.79 -11.47 2.73
C ASN C 263 -6.28 -11.59 3.06
N ILE C 264 -7.11 -11.35 2.06
CA ILE C 264 -8.56 -11.38 2.21
C ILE C 264 -9.13 -12.77 2.45
N GLU C 265 -8.61 -13.77 1.73
CA GLU C 265 -9.10 -15.12 1.92
C GLU C 265 -8.90 -15.60 3.36
N MET C 266 -7.90 -15.08 4.07
CA MET C 266 -7.70 -15.48 5.47
C MET C 266 -8.80 -14.87 6.33
N ILE C 267 -9.20 -13.64 6.01
CA ILE C 267 -10.27 -12.99 6.76
C ILE C 267 -11.53 -13.84 6.63
N VAL C 268 -11.78 -14.33 5.42
CA VAL C 268 -12.93 -15.17 5.16
C VAL C 268 -12.88 -16.42 6.04
N ALA C 269 -11.73 -17.07 6.07
CA ALA C 269 -11.57 -18.28 6.89
C ALA C 269 -11.81 -18.00 8.36
N ARG C 270 -11.26 -16.89 8.86
CA ARG C 270 -11.43 -16.51 10.26
C ARG C 270 -12.90 -16.29 10.61
N LEU C 271 -13.62 -15.58 9.76
CA LEU C 271 -15.03 -15.31 10.01
C LEU C 271 -15.84 -16.61 9.99
N ILE C 272 -15.45 -17.55 9.12
CA ILE C 272 -16.17 -18.83 9.06
C ILE C 272 -15.92 -19.60 10.35
N GLN C 273 -14.66 -19.64 10.78
CA GLN C 273 -14.28 -20.36 12.00
C GLN C 273 -15.08 -19.90 13.21
N PHE C 274 -15.37 -18.60 13.28
CA PHE C 274 -16.11 -18.05 14.41
C PHE C 274 -17.58 -17.79 14.11
N GLY C 275 -18.06 -18.40 13.03
CA GLY C 275 -19.45 -18.29 12.63
C GLY C 275 -20.04 -16.92 12.35
N LYS C 276 -19.21 -16.00 11.85
CA LYS C 276 -19.69 -14.66 11.56
C LYS C 276 -19.55 -14.22 10.10
N LEU C 277 -19.43 -15.17 9.18
CA LEU C 277 -19.32 -14.80 7.77
C LEU C 277 -20.74 -14.65 7.23
N GLY C 278 -21.25 -13.43 7.21
CA GLY C 278 -22.59 -13.18 6.72
C GLY C 278 -22.72 -13.34 5.21
N GLY C 279 -21.78 -12.76 4.47
CA GLY C 279 -21.86 -12.85 3.04
C GLY C 279 -20.74 -12.10 2.34
N PHE C 280 -20.89 -11.96 1.03
CA PHE C 280 -19.89 -11.29 0.20
C PHE C 280 -20.44 -10.22 -0.72
N HIS C 281 -19.55 -9.30 -1.08
CA HIS C 281 -19.84 -8.25 -2.05
C HIS C 281 -18.67 -8.44 -3.00
N PHE C 282 -18.93 -9.18 -4.08
CA PHE C 282 -17.91 -9.47 -5.08
C PHE C 282 -17.68 -8.32 -6.05
N ASN C 283 -16.41 -8.17 -6.43
CA ASN C 283 -15.94 -7.15 -7.37
C ASN C 283 -14.43 -7.31 -7.40
N ASP C 284 -13.76 -6.55 -8.25
CA ASP C 284 -12.31 -6.61 -8.30
C ASP C 284 -11.76 -5.22 -8.18
N SER C 285 -10.45 -5.13 -7.97
CA SER C 285 -9.81 -3.83 -7.80
C SER C 285 -8.31 -3.96 -7.87
N LYS C 286 -7.65 -2.83 -8.04
CA LYS C 286 -6.20 -2.79 -8.10
C LYS C 286 -5.63 -1.73 -7.17
N TYR C 287 -6.38 -0.65 -6.96
CA TYR C 287 -5.90 0.46 -6.13
C TYR C 287 -6.68 0.71 -4.84
N GLY C 288 -7.98 0.95 -4.96
CA GLY C 288 -8.82 1.18 -3.80
C GLY C 288 -10.10 0.38 -3.95
N ASP C 289 -11.23 0.99 -3.60
CA ASP C 289 -12.52 0.32 -3.74
C ASP C 289 -12.98 0.64 -5.16
N ASP C 290 -12.25 0.10 -6.13
CA ASP C 290 -12.49 0.35 -7.54
C ASP C 290 -13.82 -0.17 -8.11
N ASP C 291 -14.41 -1.15 -7.44
CA ASP C 291 -15.69 -1.72 -7.85
C ASP C 291 -15.74 -2.23 -9.30
N LEU C 292 -14.64 -2.82 -9.74
CA LEU C 292 -14.54 -3.36 -11.09
C LEU C 292 -15.14 -4.76 -11.21
N ASP C 293 -15.31 -5.21 -12.45
CA ASP C 293 -15.88 -6.53 -12.73
C ASP C 293 -15.10 -7.63 -12.00
N ALA C 294 -15.82 -8.48 -11.29
CA ALA C 294 -15.20 -9.57 -10.54
C ALA C 294 -14.23 -10.39 -11.38
N GLY C 295 -13.03 -10.62 -10.84
CA GLY C 295 -12.03 -11.42 -11.53
C GLY C 295 -11.32 -10.81 -12.72
N ALA C 296 -11.67 -9.57 -13.07
CA ALA C 296 -11.06 -8.89 -14.21
C ALA C 296 -9.63 -8.43 -13.95
N ILE C 297 -9.27 -8.30 -12.68
CA ILE C 297 -7.91 -7.85 -12.32
C ILE C 297 -7.08 -8.94 -11.67
N GLU C 298 -7.66 -9.62 -10.69
CA GLU C 298 -6.97 -10.69 -9.98
C GLU C 298 -7.83 -11.93 -9.87
N PRO C 299 -7.92 -12.72 -10.95
CA PRO C 299 -8.73 -13.93 -10.94
C PRO C 299 -8.30 -14.99 -9.93
N TYR C 300 -7.00 -15.11 -9.67
CA TYR C 300 -6.54 -16.13 -8.72
C TYR C 300 -7.03 -15.82 -7.31
N ARG C 301 -7.00 -14.54 -6.92
CA ARG C 301 -7.47 -14.14 -5.59
C ARG C 301 -8.92 -14.57 -5.40
N LEU C 302 -9.73 -14.40 -6.45
CA LEU C 302 -11.15 -14.77 -6.40
C LEU C 302 -11.27 -16.28 -6.18
N PHE C 303 -10.44 -17.05 -6.88
CA PHE C 303 -10.44 -18.51 -6.74
C PHE C 303 -10.03 -18.89 -5.31
N LEU C 304 -9.03 -18.20 -4.77
CA LEU C 304 -8.57 -18.49 -3.42
C LEU C 304 -9.64 -18.23 -2.36
N VAL C 305 -10.50 -17.25 -2.60
CA VAL C 305 -11.58 -16.95 -1.67
C VAL C 305 -12.57 -18.11 -1.79
N PHE C 306 -12.87 -18.53 -3.01
CA PHE C 306 -13.79 -19.64 -3.19
C PHE C 306 -13.21 -20.94 -2.66
N ASN C 307 -11.90 -21.06 -2.63
CA ASN C 307 -11.27 -22.27 -2.10
C ASN C 307 -11.63 -22.39 -0.62
N GLU C 308 -11.64 -21.27 0.10
CA GLU C 308 -11.98 -21.29 1.52
C GLU C 308 -13.45 -21.64 1.71
N LEU C 309 -14.30 -21.13 0.83
CA LEU C 309 -15.73 -21.38 0.89
C LEU C 309 -16.05 -22.85 0.62
N VAL C 310 -15.44 -23.40 -0.43
CA VAL C 310 -15.69 -24.79 -0.79
C VAL C 310 -15.12 -25.74 0.26
N ASP C 311 -13.99 -25.38 0.85
CA ASP C 311 -13.40 -26.23 1.89
C ASP C 311 -14.38 -26.32 3.04
N ALA C 312 -15.07 -25.21 3.31
CA ALA C 312 -16.05 -25.16 4.39
C ALA C 312 -17.25 -26.01 3.99
N GLU C 313 -17.66 -25.89 2.73
CA GLU C 313 -18.79 -26.64 2.20
C GLU C 313 -18.46 -28.13 2.22
N ALA C 314 -17.17 -28.44 2.25
CA ALA C 314 -16.71 -29.83 2.27
C ALA C 314 -16.67 -30.41 3.67
N ARG C 315 -16.03 -29.72 4.60
CA ARG C 315 -15.96 -30.21 5.98
C ARG C 315 -17.26 -29.96 6.73
N GLY C 316 -18.34 -29.97 5.96
CA GLY C 316 -19.68 -29.79 6.50
C GLY C 316 -19.98 -28.73 7.55
N VAL C 317 -19.58 -27.48 7.33
CA VAL C 317 -19.91 -26.46 8.31
C VAL C 317 -21.38 -26.14 8.09
N LYS C 318 -22.24 -26.98 8.67
CA LYS C 318 -23.69 -26.85 8.55
C LYS C 318 -24.24 -25.48 8.95
N GLY C 319 -25.40 -25.14 8.40
CA GLY C 319 -26.02 -23.85 8.69
C GLY C 319 -25.32 -22.76 7.90
N PHE C 320 -24.04 -23.01 7.61
CA PHE C 320 -23.20 -22.09 6.84
C PHE C 320 -23.78 -21.87 5.46
N HIS C 321 -24.36 -20.70 5.26
CA HIS C 321 -24.96 -20.33 3.98
C HIS C 321 -24.74 -18.83 3.76
N PRO C 322 -23.50 -18.42 3.50
CA PRO C 322 -23.20 -17.00 3.28
C PRO C 322 -23.95 -16.45 2.08
N ALA C 323 -24.37 -15.19 2.17
CA ALA C 323 -25.09 -14.55 1.08
C ALA C 323 -24.08 -14.02 0.07
N HIS C 324 -24.26 -14.40 -1.19
CA HIS C 324 -23.36 -13.94 -2.25
C HIS C 324 -24.02 -12.84 -3.04
N MET C 325 -23.33 -11.72 -3.19
CA MET C 325 -23.86 -10.60 -3.94
C MET C 325 -22.74 -9.89 -4.69
N ILE C 326 -23.08 -9.32 -5.82
CA ILE C 326 -22.12 -8.57 -6.62
C ILE C 326 -22.33 -7.11 -6.25
N ASP C 327 -21.24 -6.40 -5.98
CA ASP C 327 -21.33 -4.99 -5.67
C ASP C 327 -20.29 -4.33 -6.57
N GLN C 328 -20.77 -3.86 -7.72
CA GLN C 328 -19.89 -3.23 -8.70
C GLN C 328 -20.54 -2.00 -9.31
N PHE C 329 -19.72 -1.18 -9.95
CA PHE C 329 -20.18 0.00 -10.67
C PHE C 329 -19.49 -0.12 -12.02
N HIS C 330 -20.26 0.14 -13.07
CA HIS C 330 -19.73 0.01 -14.41
C HIS C 330 -19.68 1.38 -15.07
N ASN C 331 -18.47 1.92 -15.13
CA ASN C 331 -18.26 3.25 -15.68
C ASN C 331 -17.88 3.31 -17.16
N VAL C 332 -17.34 2.23 -17.71
CA VAL C 332 -16.93 2.24 -19.10
C VAL C 332 -17.39 1.04 -19.93
N THR C 333 -18.44 0.38 -19.48
CA THR C 333 -18.99 -0.77 -20.21
C THR C 333 -20.50 -0.77 -20.10
N ASP C 334 -21.14 -1.65 -20.86
CA ASP C 334 -22.59 -1.79 -20.80
C ASP C 334 -22.76 -2.55 -19.48
N PRO C 335 -23.44 -1.95 -18.50
CA PRO C 335 -23.68 -2.56 -17.19
C PRO C 335 -24.18 -3.99 -17.23
N ILE C 336 -25.10 -4.26 -18.16
CA ILE C 336 -25.65 -5.59 -18.27
C ILE C 336 -24.59 -6.60 -18.69
N GLU C 337 -23.75 -6.23 -19.64
CA GLU C 337 -22.69 -7.13 -20.10
C GLU C 337 -21.67 -7.39 -19.00
N SER C 338 -21.29 -6.35 -18.26
CA SER C 338 -20.32 -6.55 -17.19
C SER C 338 -20.88 -7.44 -16.09
N LEU C 339 -22.15 -7.26 -15.74
CA LEU C 339 -22.75 -8.08 -14.70
C LEU C 339 -22.85 -9.53 -15.17
N ILE C 340 -23.10 -9.72 -16.46
CA ILE C 340 -23.18 -11.06 -17.02
C ILE C 340 -21.84 -11.78 -16.86
N ASN C 341 -20.77 -11.14 -17.34
CA ASN C 341 -19.45 -11.76 -17.26
C ASN C 341 -18.91 -11.84 -15.84
N SER C 342 -19.37 -10.95 -14.96
CA SER C 342 -18.90 -10.98 -13.58
C SER C 342 -19.53 -12.17 -12.87
N ALA C 343 -20.82 -12.40 -13.11
CA ALA C 343 -21.51 -13.53 -12.52
C ALA C 343 -20.84 -14.80 -13.06
N ASN C 344 -20.47 -14.77 -14.34
CA ASN C 344 -19.80 -15.91 -14.96
C ASN C 344 -18.47 -16.21 -14.28
N GLU C 345 -17.70 -15.17 -14.02
CA GLU C 345 -16.39 -15.29 -13.39
C GLU C 345 -16.51 -15.86 -11.98
N ILE C 346 -17.57 -15.48 -11.27
CA ILE C 346 -17.79 -15.97 -9.92
C ILE C 346 -18.08 -17.47 -9.99
N ARG C 347 -18.89 -17.88 -10.96
CA ARG C 347 -19.19 -19.30 -11.10
C ARG C 347 -17.92 -20.04 -11.55
N ARG C 348 -17.08 -19.35 -12.31
CA ARG C 348 -15.83 -19.93 -12.80
C ARG C 348 -14.93 -20.29 -11.61
N ALA C 349 -14.76 -19.33 -10.70
CA ALA C 349 -13.93 -19.53 -9.52
C ALA C 349 -14.50 -20.63 -8.63
N TYR C 350 -15.82 -20.67 -8.52
CA TYR C 350 -16.50 -21.69 -7.71
C TYR C 350 -16.25 -23.07 -8.33
N ALA C 351 -16.48 -23.19 -9.63
CA ALA C 351 -16.29 -24.46 -10.32
C ALA C 351 -14.86 -24.97 -10.16
N GLN C 352 -13.88 -24.07 -10.30
CA GLN C 352 -12.50 -24.49 -10.16
C GLN C 352 -12.22 -24.93 -8.73
N ALA C 353 -12.79 -24.23 -7.75
CA ALA C 353 -12.59 -24.61 -6.36
C ALA C 353 -13.16 -26.01 -6.13
N LEU C 354 -14.21 -26.37 -6.86
CA LEU C 354 -14.82 -27.69 -6.71
C LEU C 354 -13.91 -28.79 -7.24
N LEU C 355 -12.98 -28.43 -8.13
CA LEU C 355 -12.07 -29.39 -8.73
C LEU C 355 -10.87 -29.75 -7.85
N VAL C 356 -10.63 -28.96 -6.80
CA VAL C 356 -9.50 -29.22 -5.92
C VAL C 356 -9.59 -30.59 -5.27
N ASP C 357 -8.48 -31.33 -5.31
CA ASP C 357 -8.41 -32.65 -4.69
C ASP C 357 -8.17 -32.38 -3.20
N ARG C 358 -9.25 -32.32 -2.44
CA ARG C 358 -9.17 -32.03 -1.01
C ARG C 358 -8.35 -33.03 -0.21
N ALA C 359 -8.49 -34.31 -0.52
CA ALA C 359 -7.73 -35.34 0.18
C ALA C 359 -6.24 -35.16 -0.07
N ALA C 360 -5.88 -34.90 -1.32
CA ALA C 360 -4.47 -34.70 -1.68
C ALA C 360 -3.94 -33.45 -0.99
N LEU C 361 -4.71 -32.37 -1.05
CA LEU C 361 -4.30 -31.11 -0.43
C LEU C 361 -4.06 -31.31 1.06
N SER C 362 -4.99 -31.98 1.74
CA SER C 362 -4.84 -32.23 3.16
C SER C 362 -3.53 -32.97 3.45
N GLY C 363 -3.23 -33.97 2.63
CA GLY C 363 -2.00 -34.73 2.83
C GLY C 363 -0.77 -33.86 2.70
N TYR C 364 -0.73 -33.02 1.66
CA TYR C 364 0.42 -32.16 1.45
C TYR C 364 0.54 -31.12 2.55
N GLN C 365 -0.59 -30.71 3.12
CA GLN C 365 -0.57 -29.73 4.20
C GLN C 365 0.01 -30.37 5.45
N GLU C 366 -0.46 -31.56 5.80
CA GLU C 366 0.05 -32.24 6.98
C GLU C 366 1.53 -32.58 6.85
N ASP C 367 1.96 -32.86 5.63
CA ASP C 367 3.36 -33.22 5.36
C ASP C 367 4.27 -32.02 5.13
N ASN C 368 3.69 -30.82 5.17
CA ASN C 368 4.45 -29.59 4.95
C ASN C 368 5.14 -29.59 3.58
N ASP C 369 4.46 -30.16 2.59
CA ASP C 369 4.96 -30.20 1.22
C ASP C 369 4.31 -28.98 0.57
N ALA C 370 4.88 -27.80 0.84
CA ALA C 370 4.34 -26.54 0.33
C ALA C 370 4.18 -26.49 -1.19
N LEU C 371 5.17 -27.00 -1.90
CA LEU C 371 5.13 -26.99 -3.36
C LEU C 371 3.97 -27.79 -3.93
N MET C 372 3.82 -29.03 -3.47
CA MET C 372 2.73 -29.85 -3.98
C MET C 372 1.37 -29.34 -3.51
N ALA C 373 1.34 -28.72 -2.33
CA ALA C 373 0.08 -28.19 -1.83
C ALA C 373 -0.38 -27.07 -2.76
N THR C 374 0.53 -26.17 -3.10
CA THR C 374 0.18 -25.06 -3.98
C THR C 374 -0.14 -25.56 -5.40
N GLU C 375 0.59 -26.57 -5.86
CA GLU C 375 0.34 -27.12 -7.19
C GLU C 375 -1.02 -27.83 -7.21
N THR C 376 -1.44 -28.34 -6.07
CA THR C 376 -2.74 -29.01 -6.00
C THR C 376 -3.85 -27.96 -6.23
N LEU C 377 -3.66 -26.76 -5.71
CA LEU C 377 -4.65 -25.70 -5.95
C LEU C 377 -4.55 -25.26 -7.40
N LYS C 378 -3.33 -25.10 -7.90
CA LYS C 378 -3.13 -24.67 -9.28
C LYS C 378 -3.70 -25.63 -10.32
N ARG C 379 -3.67 -26.93 -10.03
CA ARG C 379 -4.21 -27.90 -10.99
C ARG C 379 -5.70 -27.65 -11.21
N ALA C 380 -6.39 -27.20 -10.16
CA ALA C 380 -7.81 -26.90 -10.26
C ALA C 380 -7.98 -25.56 -10.95
N TYR C 381 -7.27 -24.54 -10.45
CA TYR C 381 -7.35 -23.20 -11.00
C TYR C 381 -6.96 -23.10 -12.48
N ARG C 382 -5.97 -23.87 -12.91
CA ARG C 382 -5.53 -23.84 -14.30
C ARG C 382 -6.55 -24.47 -15.25
N THR C 383 -7.44 -25.29 -14.70
CA THR C 383 -8.46 -25.94 -15.53
C THR C 383 -9.45 -24.96 -16.12
N ASP C 384 -9.61 -25.01 -17.44
CA ASP C 384 -10.54 -24.13 -18.12
C ASP C 384 -11.93 -24.73 -17.98
N VAL C 385 -12.72 -24.20 -17.05
CA VAL C 385 -14.05 -24.71 -16.79
C VAL C 385 -15.15 -24.04 -17.61
N GLU C 386 -14.77 -23.23 -18.60
CA GLU C 386 -15.76 -22.55 -19.42
C GLU C 386 -16.81 -23.50 -20.02
N PRO C 387 -16.40 -24.70 -20.48
CA PRO C 387 -17.41 -25.61 -21.04
C PRO C 387 -18.48 -25.99 -20.02
N ILE C 388 -18.08 -26.11 -18.77
CA ILE C 388 -19.01 -26.46 -17.70
C ILE C 388 -19.98 -25.30 -17.47
N LEU C 389 -19.44 -24.09 -17.41
CA LEU C 389 -20.26 -22.89 -17.20
C LEU C 389 -21.27 -22.73 -18.34
N ALA C 390 -20.80 -22.93 -19.57
CA ALA C 390 -21.66 -22.79 -20.75
C ALA C 390 -22.74 -23.86 -20.82
N GLU C 391 -22.37 -25.10 -20.52
CA GLU C 391 -23.32 -26.21 -20.55
C GLU C 391 -24.35 -26.04 -19.45
N ALA C 392 -23.92 -25.52 -18.30
CA ALA C 392 -24.82 -25.29 -17.18
C ALA C 392 -25.87 -24.27 -17.64
N ARG C 393 -25.43 -23.23 -18.33
CA ARG C 393 -26.35 -22.22 -18.83
C ARG C 393 -27.31 -22.81 -19.86
N ARG C 394 -26.77 -23.53 -20.83
CA ARG C 394 -27.58 -24.13 -21.88
C ARG C 394 -28.67 -25.05 -21.33
N ARG C 395 -28.30 -25.88 -20.35
CA ARG C 395 -29.24 -26.83 -19.75
C ARG C 395 -30.33 -26.19 -18.91
N THR C 396 -30.10 -24.97 -18.44
CA THR C 396 -31.08 -24.30 -17.59
C THR C 396 -31.84 -23.15 -18.25
N GLY C 397 -31.78 -23.07 -19.58
CA GLY C 397 -32.48 -22.02 -20.28
C GLY C 397 -31.68 -20.76 -20.54
N GLY C 398 -30.37 -20.84 -20.33
CA GLY C 398 -29.51 -19.70 -20.54
C GLY C 398 -28.79 -19.74 -21.87
N ALA C 399 -27.81 -18.86 -22.05
CA ALA C 399 -27.04 -18.79 -23.29
C ALA C 399 -25.63 -19.34 -23.17
N VAL C 400 -25.19 -20.05 -24.20
CA VAL C 400 -23.84 -20.62 -24.23
C VAL C 400 -22.83 -19.48 -24.09
N ASP C 401 -23.07 -18.40 -24.83
CA ASP C 401 -22.23 -17.20 -24.79
C ASP C 401 -23.21 -16.07 -24.51
N PRO C 402 -23.42 -15.74 -23.22
CA PRO C 402 -24.32 -14.68 -22.75
C PRO C 402 -24.19 -13.31 -23.40
N VAL C 403 -22.98 -12.75 -23.40
CA VAL C 403 -22.79 -11.45 -24.00
C VAL C 403 -23.05 -11.49 -25.51
N ALA C 404 -22.64 -12.57 -26.16
CA ALA C 404 -22.86 -12.71 -27.60
C ALA C 404 -24.36 -12.69 -27.90
N THR C 405 -25.12 -13.46 -27.13
CA THR C 405 -26.56 -13.53 -27.32
C THR C 405 -27.20 -12.17 -26.99
N TYR C 406 -26.69 -11.53 -25.94
CA TYR C 406 -27.19 -10.22 -25.55
C TYR C 406 -27.06 -9.22 -26.70
N ARG C 407 -25.88 -9.18 -27.31
CA ARG C 407 -25.65 -8.26 -28.41
C ARG C 407 -26.48 -8.63 -29.64
N ALA C 408 -26.62 -9.92 -29.90
CA ALA C 408 -27.39 -10.38 -31.05
C ALA C 408 -28.87 -10.03 -30.90
N SER C 409 -29.33 -9.92 -29.66
CA SER C 409 -30.73 -9.61 -29.38
C SER C 409 -31.09 -8.16 -29.65
N GLY C 410 -30.11 -7.26 -29.57
CA GLY C 410 -30.37 -5.85 -29.80
C GLY C 410 -31.11 -5.19 -28.65
N TYR C 411 -31.04 -5.82 -27.48
CA TYR C 411 -31.72 -5.31 -26.29
C TYR C 411 -31.36 -3.87 -25.92
N ARG C 412 -30.07 -3.54 -25.92
CA ARG C 412 -29.65 -2.19 -25.57
C ARG C 412 -30.29 -1.14 -26.47
N ALA C 413 -30.27 -1.37 -27.77
CA ALA C 413 -30.86 -0.43 -28.72
C ALA C 413 -32.36 -0.36 -28.49
N ARG C 414 -32.94 -1.49 -28.07
CA ARG C 414 -34.38 -1.56 -27.79
C ARG C 414 -34.78 -0.64 -26.65
N VAL C 415 -34.16 -0.82 -25.49
CA VAL C 415 -34.49 0.01 -24.33
C VAL C 415 -34.04 1.45 -24.53
N ALA C 416 -33.03 1.66 -25.37
CA ALA C 416 -32.53 3.00 -25.64
C ALA C 416 -33.63 3.81 -26.32
N ALA C 417 -34.42 3.14 -27.16
CA ALA C 417 -35.49 3.79 -27.88
C ALA C 417 -36.74 3.97 -27.01
N GLU C 418 -36.87 3.16 -25.96
CA GLU C 418 -38.01 3.24 -25.07
C GLU C 418 -37.80 4.23 -23.93
N ARG C 419 -36.54 4.40 -23.54
CA ARG C 419 -36.19 5.28 -22.44
C ARG C 419 -35.64 6.63 -22.88
N PRO C 420 -35.81 7.66 -22.05
CA PRO C 420 -35.31 9.00 -22.38
C PRO C 420 -33.79 9.03 -22.47
N ALA C 421 -33.26 9.92 -23.29
CA ALA C 421 -31.82 10.06 -23.46
C ALA C 421 -31.21 10.56 -22.15
N SER C 422 -29.94 10.25 -21.95
CA SER C 422 -29.25 10.67 -20.73
C SER C 422 -28.29 11.81 -21.02
N VAL C 423 -27.74 12.39 -19.96
CA VAL C 423 -26.79 13.49 -20.09
C VAL C 423 -25.63 13.29 -19.13
N ALA C 424 -24.41 13.41 -19.65
CA ALA C 424 -23.21 13.24 -18.84
C ALA C 424 -22.96 14.51 -18.02
N GLY C 425 -22.36 14.34 -16.85
CA GLY C 425 -22.07 15.48 -15.99
C GLY C 425 -21.00 15.13 -14.97
N GLY C 426 -20.87 15.98 -13.95
CA GLY C 426 -19.88 15.74 -12.91
C GLY C 426 -20.33 14.70 -11.90
N GLY C 427 -19.51 14.49 -10.88
CA GLY C 427 -19.85 13.52 -9.85
C GLY C 427 -20.16 14.18 -8.52
N GLY C 428 -20.29 15.50 -8.52
CA GLY C 428 -20.57 16.22 -7.29
C GLY C 428 -19.33 16.59 -6.52
N ILE C 429 -18.19 16.65 -7.20
CA ILE C 429 -16.94 16.99 -6.54
C ILE C 429 -17.03 18.43 -6.05
N ILE C 430 -17.89 19.20 -6.70
CA ILE C 430 -18.13 20.61 -6.35
C ILE C 430 -19.61 20.95 -6.60
N GLY C 431 -20.05 22.08 -6.08
CA GLY C 431 -21.43 22.48 -6.28
C GLY C 431 -21.65 23.10 -7.64
N SER C 432 -22.91 23.25 -8.03
CA SER C 432 -23.23 23.87 -9.31
C SER C 432 -22.52 25.20 -9.42
N HIS C 433 -22.33 25.66 -10.65
CA HIS C 433 -21.63 26.91 -10.93
C HIS C 433 -22.11 27.51 -12.26
N GLU D 3 -11.34 47.27 -1.61
CA GLU D 3 -12.42 46.78 -0.70
C GLU D 3 -11.92 45.68 0.21
N PHE D 4 -12.50 45.59 1.41
CA PHE D 4 -12.11 44.57 2.37
C PHE D 4 -13.29 43.69 2.75
N ARG D 5 -13.17 42.40 2.45
CA ARG D 5 -14.23 41.44 2.76
C ARG D 5 -14.46 41.42 4.27
N ILE D 6 -13.37 41.57 5.02
CA ILE D 6 -13.43 41.57 6.47
C ILE D 6 -13.15 43.00 6.94
N ALA D 7 -14.05 43.55 7.76
CA ALA D 7 -13.89 44.90 8.27
C ALA D 7 -12.54 45.08 8.94
N GLN D 8 -11.84 46.15 8.58
CA GLN D 8 -10.52 46.42 9.14
C GLN D 8 -10.55 46.62 10.66
N ASP D 9 -11.68 47.09 11.19
CA ASP D 9 -11.77 47.30 12.63
C ASP D 9 -11.79 45.98 13.38
N VAL D 10 -12.34 44.94 12.74
CA VAL D 10 -12.40 43.62 13.34
C VAL D 10 -11.00 43.01 13.34
N VAL D 11 -10.30 43.16 12.22
CA VAL D 11 -8.94 42.65 12.11
C VAL D 11 -8.07 43.31 13.16
N ALA D 12 -8.18 44.63 13.28
CA ALA D 12 -7.40 45.38 14.26
C ALA D 12 -7.72 44.94 15.69
N ARG D 13 -9.00 44.83 15.99
CA ARG D 13 -9.45 44.44 17.32
C ARG D 13 -8.93 43.07 17.71
N GLU D 14 -9.07 42.10 16.79
CA GLU D 14 -8.62 40.74 17.06
C GLU D 14 -7.10 40.60 17.09
N ASN D 15 -6.40 41.57 16.51
CA ASN D 15 -4.94 41.54 16.53
C ASN D 15 -4.48 42.12 17.87
N ASP D 16 -5.11 43.22 18.28
CA ASP D 16 -4.76 43.85 19.55
C ASP D 16 -5.03 42.90 20.71
N ARG D 17 -6.12 42.14 20.60
CA ARG D 17 -6.51 41.19 21.63
C ARG D 17 -5.42 40.13 21.86
N ARG D 18 -4.65 39.83 20.82
CA ARG D 18 -3.61 38.81 20.90
C ARG D 18 -2.19 39.36 20.76
N ALA D 19 -2.06 40.67 20.62
CA ALA D 19 -0.76 41.31 20.44
C ALA D 19 0.24 41.08 21.58
N SER D 20 -0.22 41.18 22.82
CA SER D 20 0.67 40.99 23.96
C SER D 20 1.31 39.62 23.97
N ALA D 21 0.49 38.58 23.84
CA ALA D 21 0.99 37.21 23.83
C ALA D 21 1.96 36.96 22.67
N LEU D 22 1.62 37.49 21.50
CA LEU D 22 2.47 37.32 20.33
C LEU D 22 3.84 37.96 20.55
N LYS D 23 3.85 39.13 21.17
CA LYS D 23 5.10 39.83 21.44
C LYS D 23 6.00 38.95 22.31
N GLU D 24 5.41 38.36 23.34
CA GLU D 24 6.16 37.49 24.25
C GLU D 24 6.71 36.26 23.52
N ASP D 25 5.85 35.62 22.73
CA ASP D 25 6.26 34.43 22.00
C ASP D 25 7.29 34.73 20.91
N TYR D 26 7.11 35.84 20.21
CA TYR D 26 8.04 36.20 19.15
C TYR D 26 9.41 36.55 19.73
N GLU D 27 9.42 37.30 20.82
CA GLU D 27 10.69 37.68 21.44
C GLU D 27 11.40 36.45 22.03
N ALA D 28 10.65 35.52 22.59
CA ALA D 28 11.24 34.31 23.16
C ALA D 28 11.88 33.49 22.04
N LEU D 29 11.14 33.31 20.95
CA LEU D 29 11.66 32.54 19.81
C LEU D 29 12.86 33.27 19.21
N GLY D 30 12.79 34.60 19.17
CA GLY D 30 13.89 35.37 18.63
C GLY D 30 15.17 35.16 19.42
N ALA D 31 15.04 35.09 20.75
CA ALA D 31 16.19 34.88 21.62
C ALA D 31 16.74 33.47 21.42
N ASN D 32 15.83 32.51 21.28
CA ASN D 32 16.22 31.11 21.08
C ASN D 32 16.97 30.98 19.75
N LEU D 33 16.43 31.58 18.69
CA LEU D 33 17.09 31.50 17.39
C LEU D 33 18.43 32.21 17.41
N ALA D 34 18.53 33.30 18.16
CA ALA D 34 19.78 34.04 18.25
C ALA D 34 20.86 33.15 18.87
N ARG D 35 20.47 32.38 19.89
CA ARG D 35 21.40 31.47 20.54
C ARG D 35 21.85 30.38 19.56
N ARG D 36 21.03 30.17 18.54
CA ARG D 36 21.30 29.17 17.51
C ARG D 36 21.94 29.79 16.27
N GLY D 37 22.33 31.06 16.38
CA GLY D 37 22.96 31.74 15.28
C GLY D 37 22.04 32.11 14.12
N VAL D 38 20.76 32.26 14.41
CA VAL D 38 19.77 32.61 13.39
C VAL D 38 19.07 33.93 13.72
N ASP D 39 18.92 34.78 12.71
CA ASP D 39 18.26 36.07 12.86
C ASP D 39 16.78 35.89 12.52
N ILE D 40 15.92 35.92 13.53
CA ILE D 40 14.50 35.73 13.32
C ILE D 40 13.92 36.71 12.30
N GLU D 41 14.46 37.92 12.24
CA GLU D 41 13.97 38.91 11.29
C GLU D 41 14.16 38.45 9.84
N ALA D 42 15.27 37.78 9.57
CA ALA D 42 15.55 37.29 8.23
C ALA D 42 14.55 36.20 7.84
N VAL D 43 14.16 35.39 8.81
CA VAL D 43 13.20 34.32 8.53
C VAL D 43 11.82 34.92 8.27
N THR D 44 11.40 35.83 9.14
CA THR D 44 10.10 36.47 8.99
C THR D 44 9.99 37.18 7.64
N ALA D 45 11.07 37.84 7.23
CA ALA D 45 11.11 38.56 5.97
C ALA D 45 10.87 37.63 4.78
N LYS D 46 11.41 36.42 4.87
CA LYS D 46 11.22 35.45 3.78
C LYS D 46 9.82 34.85 3.85
N VAL D 47 9.35 34.55 5.06
CA VAL D 47 8.03 33.97 5.22
C VAL D 47 6.93 34.88 4.67
N GLU D 48 7.02 36.18 4.91
CA GLU D 48 5.99 37.09 4.41
C GLU D 48 6.01 37.22 2.89
N LYS D 49 7.02 36.62 2.26
CA LYS D 49 7.14 36.65 0.81
C LYS D 49 6.77 35.32 0.16
N PHE D 50 6.45 34.33 0.97
CA PHE D 50 6.08 33.03 0.42
C PHE D 50 4.59 32.99 0.10
N PHE D 51 4.27 32.74 -1.16
CA PHE D 51 2.88 32.70 -1.59
C PHE D 51 2.51 31.37 -2.22
N VAL D 52 1.26 30.96 -2.01
CA VAL D 52 0.74 29.73 -2.57
C VAL D 52 -0.64 30.05 -3.13
N ALA D 53 -0.93 29.57 -4.33
CA ALA D 53 -2.21 29.83 -4.98
C ALA D 53 -3.38 29.07 -4.36
N VAL D 54 -4.52 29.74 -4.26
CA VAL D 54 -5.71 29.10 -3.71
C VAL D 54 -6.58 28.61 -4.86
N PRO D 55 -7.09 27.37 -4.75
CA PRO D 55 -7.94 26.79 -5.79
C PRO D 55 -9.38 27.28 -5.69
N SER D 56 -9.94 27.73 -6.80
CA SER D 56 -11.32 28.19 -6.81
C SER D 56 -12.22 27.04 -6.37
N TRP D 57 -11.85 25.82 -6.78
CA TRP D 57 -12.62 24.64 -6.45
C TRP D 57 -12.54 24.22 -4.98
N GLY D 58 -11.67 24.88 -4.22
CA GLY D 58 -11.56 24.56 -2.82
C GLY D 58 -12.36 25.53 -1.96
N VAL D 59 -12.90 26.56 -2.59
CA VAL D 59 -13.67 27.60 -1.91
C VAL D 59 -15.10 27.18 -1.54
N GLY D 60 -15.68 26.29 -2.35
CA GLY D 60 -17.02 25.81 -2.05
C GLY D 60 -16.83 24.44 -1.42
N THR D 61 -17.88 23.89 -0.84
CA THR D 61 -17.78 22.57 -0.21
C THR D 61 -17.64 21.49 -1.29
N GLY D 62 -16.74 20.55 -1.06
CA GLY D 62 -16.54 19.48 -2.02
C GLY D 62 -17.34 18.25 -1.69
N GLY D 63 -17.21 17.21 -2.52
CA GLY D 63 -17.94 15.98 -2.27
C GLY D 63 -17.18 14.76 -2.74
N THR D 64 -17.69 13.58 -2.38
CA THR D 64 -17.08 12.32 -2.78
C THR D 64 -18.01 11.70 -3.82
N ARG D 65 -17.70 10.49 -4.29
CA ARG D 65 -18.59 9.89 -5.29
C ARG D 65 -19.88 9.42 -4.64
N PHE D 66 -19.92 9.44 -3.31
CA PHE D 66 -21.10 8.99 -2.57
C PHE D 66 -22.05 10.13 -2.21
N ALA D 67 -21.51 11.31 -1.91
CA ALA D 67 -22.38 12.42 -1.54
C ALA D 67 -21.63 13.74 -1.35
N ARG D 68 -22.41 14.82 -1.30
CA ARG D 68 -21.88 16.16 -1.09
C ARG D 68 -22.80 16.79 -0.06
N PHE D 69 -22.20 17.40 0.97
CA PHE D 69 -22.96 18.02 2.06
C PHE D 69 -22.63 19.51 2.16
N PRO D 70 -23.29 20.35 1.35
CA PRO D 70 -23.03 21.79 1.38
C PRO D 70 -23.31 22.46 2.72
N GLY D 71 -22.54 23.50 3.01
CA GLY D 71 -22.73 24.25 4.24
C GLY D 71 -23.57 25.47 3.87
N THR D 72 -23.58 26.49 4.71
CA THR D 72 -24.37 27.68 4.40
C THR D 72 -23.53 28.68 3.59
N GLY D 73 -24.22 29.56 2.87
CA GLY D 73 -23.52 30.55 2.08
C GLY D 73 -22.56 29.99 1.04
N GLU D 74 -22.94 28.89 0.40
CA GLU D 74 -22.09 28.30 -0.63
C GLU D 74 -21.97 29.27 -1.79
N PRO D 75 -20.76 29.43 -2.35
CA PRO D 75 -20.60 30.35 -3.48
C PRO D 75 -21.42 29.87 -4.66
N ARG D 76 -22.12 30.80 -5.32
CA ARG D 76 -22.97 30.49 -6.46
C ARG D 76 -22.20 30.30 -7.75
N GLY D 77 -21.03 30.91 -7.83
CA GLY D 77 -20.22 30.81 -9.04
C GLY D 77 -18.83 31.34 -8.79
N ILE D 78 -18.07 31.53 -9.85
CA ILE D 78 -16.70 32.01 -9.72
C ILE D 78 -16.57 33.37 -9.04
N PHE D 79 -17.52 34.27 -9.28
CA PHE D 79 -17.45 35.59 -8.65
C PHE D 79 -17.59 35.51 -7.13
N ASP D 80 -18.48 34.65 -6.64
CA ASP D 80 -18.61 34.50 -5.19
C ASP D 80 -17.32 33.86 -4.68
N LYS D 81 -16.77 32.94 -5.47
CA LYS D 81 -15.54 32.26 -5.08
C LYS D 81 -14.37 33.23 -4.95
N LEU D 82 -14.28 34.18 -5.87
CA LEU D 82 -13.21 35.16 -5.80
C LEU D 82 -13.37 36.00 -4.53
N ASP D 83 -14.60 36.38 -4.23
CA ASP D 83 -14.86 37.18 -3.02
C ASP D 83 -14.39 36.42 -1.79
N ASP D 84 -14.67 35.12 -1.75
CA ASP D 84 -14.26 34.31 -0.61
C ASP D 84 -12.74 34.13 -0.58
N CYS D 85 -12.12 34.05 -1.74
CA CYS D 85 -10.67 33.91 -1.80
C CYS D 85 -10.04 35.18 -1.26
N ALA D 86 -10.71 36.31 -1.46
CA ALA D 86 -10.20 37.60 -0.98
C ALA D 86 -10.07 37.59 0.54
N VAL D 87 -10.96 36.87 1.20
CA VAL D 87 -10.93 36.74 2.67
C VAL D 87 -9.68 35.99 3.09
N ILE D 88 -9.40 34.89 2.42
CA ILE D 88 -8.23 34.08 2.73
C ILE D 88 -6.95 34.90 2.59
N GLN D 89 -6.84 35.65 1.49
CA GLN D 89 -5.67 36.48 1.26
C GLN D 89 -5.58 37.63 2.27
N GLN D 90 -6.71 38.27 2.55
CA GLN D 90 -6.71 39.38 3.49
C GLN D 90 -6.22 38.94 4.87
N LEU D 91 -6.67 37.78 5.32
CA LEU D 91 -6.31 37.29 6.66
C LEU D 91 -4.97 36.58 6.78
N THR D 92 -4.57 35.82 5.75
CA THR D 92 -3.30 35.10 5.80
C THR D 92 -2.18 35.83 5.06
N ARG D 93 -2.55 36.62 4.06
CA ARG D 93 -1.60 37.37 3.23
C ARG D 93 -0.63 36.42 2.53
N ALA D 94 -1.01 35.15 2.43
CA ALA D 94 -0.15 34.16 1.79
C ALA D 94 -0.75 33.62 0.50
N THR D 95 -1.93 34.09 0.13
CA THR D 95 -2.62 33.59 -1.06
C THR D 95 -3.10 34.69 -2.02
N PRO D 96 -2.17 35.51 -2.55
CA PRO D 96 -2.56 36.58 -3.46
C PRO D 96 -3.10 36.14 -4.82
N ASN D 97 -2.85 34.89 -5.20
CA ASN D 97 -3.31 34.40 -6.50
C ASN D 97 -4.28 33.23 -6.42
N VAL D 98 -5.19 33.18 -7.39
CA VAL D 98 -6.21 32.14 -7.47
C VAL D 98 -6.03 31.26 -8.71
N SER D 99 -6.30 29.97 -8.55
CA SER D 99 -6.20 29.02 -9.65
C SER D 99 -7.59 28.79 -10.21
N LEU D 100 -7.76 29.01 -11.50
CA LEU D 100 -9.06 28.82 -12.14
C LEU D 100 -9.14 27.48 -12.85
N HIS D 101 -10.35 26.94 -12.92
CA HIS D 101 -10.60 25.67 -13.59
C HIS D 101 -11.71 25.90 -14.61
N ILE D 102 -11.47 25.53 -15.85
CA ILE D 102 -12.43 25.74 -16.94
C ILE D 102 -13.00 24.39 -17.38
N PRO D 103 -14.32 24.32 -17.63
CA PRO D 103 -15.37 25.33 -17.56
C PRO D 103 -16.04 25.65 -16.22
N TRP D 104 -15.58 25.06 -15.12
CA TRP D 104 -16.22 25.37 -13.84
C TRP D 104 -16.28 26.87 -13.57
N ASP D 105 -15.19 27.57 -13.88
CA ASP D 105 -15.12 29.02 -13.64
C ASP D 105 -15.29 29.86 -14.89
N LYS D 106 -15.91 29.30 -15.92
CA LYS D 106 -16.10 30.04 -17.14
C LYS D 106 -16.96 31.28 -16.88
N ALA D 107 -16.47 32.41 -17.39
CA ALA D 107 -17.14 33.70 -17.25
C ALA D 107 -16.38 34.67 -18.14
N ASP D 108 -16.89 35.89 -18.30
CA ASP D 108 -16.21 36.87 -19.13
C ASP D 108 -14.84 37.15 -18.53
N PRO D 109 -13.77 36.81 -19.27
CA PRO D 109 -12.40 37.03 -18.80
C PRO D 109 -12.16 38.45 -18.27
N LYS D 110 -12.64 39.44 -19.01
CA LYS D 110 -12.47 40.84 -18.61
C LYS D 110 -13.10 41.11 -17.25
N GLU D 111 -14.26 40.49 -17.00
CA GLU D 111 -14.95 40.68 -15.73
C GLU D 111 -14.19 39.99 -14.61
N LEU D 112 -13.63 38.82 -14.90
CA LEU D 112 -12.85 38.07 -13.91
C LEU D 112 -11.65 38.92 -13.50
N LYS D 113 -10.97 39.49 -14.48
CA LYS D 113 -9.80 40.32 -14.22
C LYS D 113 -10.19 41.54 -13.40
N ALA D 114 -11.30 42.16 -13.77
CA ALA D 114 -11.79 43.33 -13.06
C ALA D 114 -12.06 43.02 -11.60
N ARG D 115 -12.69 41.88 -11.34
CA ARG D 115 -12.99 41.49 -9.97
C ARG D 115 -11.70 41.18 -9.21
N GLY D 116 -10.77 40.52 -9.88
CA GLY D 116 -9.50 40.19 -9.25
C GLY D 116 -8.75 41.43 -8.81
N ASP D 117 -8.60 42.39 -9.72
CA ASP D 117 -7.90 43.62 -9.40
C ASP D 117 -8.56 44.36 -8.24
N ALA D 118 -9.88 44.42 -8.25
CA ALA D 118 -10.63 45.11 -7.20
C ALA D 118 -10.44 44.44 -5.83
N LEU D 119 -10.26 43.12 -5.85
CA LEU D 119 -10.08 42.36 -4.61
C LEU D 119 -8.62 42.21 -4.21
N GLY D 120 -7.71 42.60 -5.09
CA GLY D 120 -6.29 42.48 -4.80
C GLY D 120 -5.83 41.06 -5.01
N LEU D 121 -6.41 40.38 -6.00
CA LEU D 121 -6.08 39.00 -6.31
C LEU D 121 -5.57 38.86 -7.74
N GLY D 122 -4.61 37.97 -7.92
CA GLY D 122 -4.07 37.70 -9.24
C GLY D 122 -4.50 36.30 -9.63
N PHE D 123 -3.99 35.81 -10.76
CA PHE D 123 -4.35 34.49 -11.23
C PHE D 123 -3.14 33.63 -11.53
N ASP D 124 -3.14 32.42 -10.98
CA ASP D 124 -2.05 31.48 -11.18
C ASP D 124 -2.39 30.64 -12.41
N ALA D 125 -1.78 29.46 -12.52
CA ALA D 125 -2.01 28.60 -13.68
C ALA D 125 -3.48 28.25 -13.94
N MET D 126 -3.82 28.20 -15.22
CA MET D 126 -5.16 27.81 -15.65
C MET D 126 -5.20 26.29 -15.57
N ASN D 127 -6.39 25.74 -15.38
CA ASN D 127 -6.56 24.29 -15.31
C ASN D 127 -7.65 23.88 -16.30
N SER D 128 -7.30 23.01 -17.25
CA SER D 128 -8.27 22.52 -18.23
C SER D 128 -9.05 21.35 -17.66
N ASN D 129 -10.20 21.08 -18.26
CA ASN D 129 -11.05 19.98 -17.81
C ASN D 129 -11.56 19.12 -18.96
N THR D 130 -10.90 18.01 -19.22
CA THR D 130 -11.38 17.08 -20.24
C THR D 130 -11.53 15.73 -19.56
N PHE D 131 -11.96 15.77 -18.30
CA PHE D 131 -12.21 14.56 -17.52
C PHE D 131 -13.70 14.46 -17.17
N SER D 132 -14.48 15.32 -17.81
CA SER D 132 -15.93 15.35 -17.61
C SER D 132 -16.57 16.01 -18.83
N ASP D 133 -17.83 15.71 -19.09
CA ASP D 133 -18.54 16.29 -20.23
C ASP D 133 -19.42 17.46 -19.83
N ALA D 134 -19.49 18.46 -20.71
CA ALA D 134 -20.33 19.62 -20.48
C ALA D 134 -21.59 19.40 -21.32
N PRO D 135 -22.70 20.05 -20.96
CA PRO D 135 -23.93 19.88 -21.74
C PRO D 135 -23.73 20.27 -23.20
N GLY D 136 -24.32 19.51 -24.11
CA GLY D 136 -24.20 19.81 -25.53
C GLY D 136 -22.83 19.55 -26.13
N GLN D 137 -22.00 18.77 -25.44
CA GLN D 137 -20.67 18.47 -25.92
C GLN D 137 -20.75 17.48 -27.09
N ALA D 138 -20.04 17.77 -28.16
CA ALA D 138 -20.05 16.92 -29.36
C ALA D 138 -19.49 15.52 -29.14
N HIS D 139 -18.32 15.45 -28.52
CA HIS D 139 -17.66 14.16 -28.26
C HIS D 139 -17.44 13.97 -26.77
N SER D 140 -17.83 12.80 -26.26
CA SER D 140 -17.68 12.49 -24.84
C SER D 140 -16.28 12.06 -24.46
N TYR D 141 -15.87 12.37 -23.24
CA TYR D 141 -14.55 11.98 -22.76
C TYR D 141 -14.62 10.69 -21.93
N LYS D 142 -15.71 9.95 -22.09
CA LYS D 142 -15.91 8.70 -21.35
C LYS D 142 -14.71 7.76 -21.49
N TYR D 143 -14.20 7.63 -22.71
CA TYR D 143 -13.08 6.75 -22.98
C TYR D 143 -11.76 7.48 -23.16
N GLY D 144 -11.68 8.71 -22.68
CA GLY D 144 -10.46 9.47 -22.81
C GLY D 144 -10.66 10.81 -23.47
N SER D 145 -9.58 11.57 -23.58
CA SER D 145 -9.64 12.90 -24.17
C SER D 145 -8.45 13.13 -25.10
N LEU D 146 -7.34 13.63 -24.55
CA LEU D 146 -6.15 13.88 -25.35
C LEU D 146 -5.55 12.59 -25.91
N SER D 147 -5.88 11.45 -25.28
CA SER D 147 -5.36 10.16 -25.73
C SER D 147 -6.46 9.25 -26.28
N HIS D 148 -7.65 9.80 -26.47
CA HIS D 148 -8.79 9.04 -27.00
C HIS D 148 -8.44 8.46 -28.37
N THR D 149 -9.00 7.29 -28.70
CA THR D 149 -8.72 6.67 -29.99
C THR D 149 -9.31 7.46 -31.16
N ASN D 150 -10.36 8.23 -30.89
CA ASN D 150 -11.03 9.03 -31.92
C ASN D 150 -10.35 10.37 -32.13
N ALA D 151 -9.89 10.61 -33.36
CA ALA D 151 -9.19 11.85 -33.71
C ALA D 151 -10.01 13.11 -33.40
N ALA D 152 -11.30 13.08 -33.71
CA ALA D 152 -12.17 14.23 -33.46
C ALA D 152 -12.26 14.55 -31.98
N THR D 153 -12.23 13.53 -31.15
CA THR D 153 -12.30 13.72 -29.70
C THR D 153 -11.01 14.35 -29.20
N ARG D 154 -9.87 13.87 -29.70
CA ARG D 154 -8.59 14.43 -29.30
C ARG D 154 -8.52 15.90 -29.74
N ALA D 155 -9.02 16.17 -30.94
CA ALA D 155 -9.02 17.54 -31.48
C ALA D 155 -9.85 18.47 -30.59
N GLN D 156 -10.99 17.98 -30.13
CA GLN D 156 -11.86 18.77 -29.27
C GLN D 156 -11.16 19.07 -27.94
N ALA D 157 -10.45 18.07 -27.42
CA ALA D 157 -9.72 18.23 -26.16
C ALA D 157 -8.60 19.26 -26.32
N VAL D 158 -7.90 19.21 -27.45
CA VAL D 158 -6.82 20.15 -27.71
C VAL D 158 -7.38 21.56 -27.81
N GLU D 159 -8.48 21.71 -28.54
CA GLU D 159 -9.09 23.03 -28.70
C GLU D 159 -9.54 23.60 -27.36
N HIS D 160 -10.04 22.74 -26.48
CA HIS D 160 -10.47 23.20 -25.16
C HIS D 160 -9.28 23.76 -24.39
N ASN D 161 -8.15 23.08 -24.48
CA ASN D 161 -6.96 23.56 -23.78
C ASN D 161 -6.51 24.90 -24.34
N LEU D 162 -6.63 25.07 -25.66
CA LEU D 162 -6.24 26.32 -26.29
C LEU D 162 -7.16 27.45 -25.82
N GLU D 163 -8.43 27.12 -25.57
CA GLU D 163 -9.37 28.12 -25.09
C GLU D 163 -8.98 28.52 -23.68
N CYS D 164 -8.49 27.57 -22.89
CA CYS D 164 -8.07 27.88 -21.53
C CYS D 164 -6.92 28.87 -21.55
N ILE D 165 -6.03 28.71 -22.52
CA ILE D 165 -4.89 29.60 -22.68
C ILE D 165 -5.38 31.01 -23.03
N GLU D 166 -6.37 31.08 -23.90
CA GLU D 166 -6.91 32.39 -24.29
C GLU D 166 -7.53 33.11 -23.10
N ILE D 167 -8.26 32.37 -22.26
CA ILE D 167 -8.86 32.98 -21.08
C ILE D 167 -7.74 33.44 -20.15
N GLY D 168 -6.73 32.59 -19.99
CA GLY D 168 -5.61 32.93 -19.14
C GLY D 168 -4.87 34.17 -19.59
N LYS D 169 -4.68 34.31 -20.90
CA LYS D 169 -3.97 35.47 -21.41
C LYS D 169 -4.72 36.77 -21.12
N ALA D 170 -6.04 36.69 -21.04
CA ALA D 170 -6.86 37.86 -20.78
C ALA D 170 -6.87 38.28 -19.31
N ILE D 171 -6.55 37.36 -18.41
CA ILE D 171 -6.56 37.68 -16.99
C ILE D 171 -5.19 37.77 -16.31
N GLY D 172 -4.14 37.45 -17.05
CA GLY D 172 -2.81 37.54 -16.46
C GLY D 172 -2.18 36.23 -16.01
N SER D 173 -2.76 35.11 -16.42
CA SER D 173 -2.21 33.81 -16.06
C SER D 173 -1.03 33.57 -16.99
N LYS D 174 -0.06 32.78 -16.53
CA LYS D 174 1.13 32.49 -17.34
C LYS D 174 1.44 31.02 -17.43
N ALA D 175 0.45 30.16 -17.22
CA ALA D 175 0.69 28.73 -17.29
C ALA D 175 -0.60 27.93 -17.42
N LEU D 176 -0.48 26.75 -18.00
CA LEU D 176 -1.60 25.84 -18.16
C LEU D 176 -1.23 24.51 -17.55
N THR D 177 -2.07 24.03 -16.64
CA THR D 177 -1.86 22.75 -16.00
C THR D 177 -2.84 21.76 -16.62
N VAL D 178 -2.29 20.63 -17.06
CA VAL D 178 -3.11 19.61 -17.68
C VAL D 178 -3.13 18.31 -16.88
N TRP D 179 -4.30 18.01 -16.32
CA TRP D 179 -4.50 16.76 -15.60
C TRP D 179 -5.70 16.14 -16.27
N ILE D 180 -5.55 14.89 -16.72
CA ILE D 180 -6.66 14.19 -17.36
C ILE D 180 -6.88 12.85 -16.68
N GLY D 181 -8.06 12.28 -16.85
CA GLY D 181 -8.34 11.01 -16.23
C GLY D 181 -8.03 9.83 -17.14
N ASP D 182 -7.61 10.14 -18.37
CA ASP D 182 -7.29 9.13 -19.39
C ASP D 182 -6.57 7.90 -18.85
N GLY D 183 -7.14 6.74 -19.17
CA GLY D 183 -6.57 5.48 -18.75
C GLY D 183 -7.53 4.36 -19.10
N SER D 184 -7.44 3.26 -18.38
CA SER D 184 -8.32 2.12 -18.61
C SER D 184 -8.72 1.49 -17.29
N ASN D 185 -9.85 0.79 -17.28
CA ASN D 185 -10.30 0.12 -16.08
C ASN D 185 -10.12 -1.39 -16.21
N PHE D 186 -9.71 -1.85 -17.40
CA PHE D 186 -9.53 -3.28 -17.64
C PHE D 186 -8.28 -3.60 -18.44
N PRO D 187 -7.61 -4.71 -18.10
CA PRO D 187 -6.42 -5.10 -18.85
C PRO D 187 -6.86 -5.30 -20.31
N GLY D 188 -6.07 -4.82 -21.26
CA GLY D 188 -6.42 -4.98 -22.66
C GLY D 188 -7.29 -3.88 -23.25
N GLN D 189 -8.01 -3.15 -22.40
CA GLN D 189 -8.87 -2.09 -22.89
C GLN D 189 -8.07 -1.08 -23.70
N SER D 190 -6.87 -0.77 -23.22
CA SER D 190 -6.00 0.18 -23.90
C SER D 190 -4.66 -0.46 -24.21
N ASN D 191 -4.02 0.01 -25.29
CA ASN D 191 -2.67 -0.44 -25.60
C ASN D 191 -1.88 0.68 -24.95
N PHE D 192 -1.17 0.36 -23.87
CA PHE D 192 -0.40 1.36 -23.13
C PHE D 192 0.43 2.31 -23.99
N THR D 193 1.23 1.74 -24.88
CA THR D 193 2.10 2.53 -25.73
C THR D 193 1.35 3.40 -26.73
N ARG D 194 0.38 2.83 -27.44
CA ARG D 194 -0.37 3.63 -28.41
C ARG D 194 -1.14 4.77 -27.74
N ALA D 195 -1.69 4.52 -26.56
CA ALA D 195 -2.42 5.58 -25.86
C ALA D 195 -1.46 6.71 -25.50
N PHE D 196 -0.27 6.35 -25.02
CA PHE D 196 0.72 7.37 -24.65
C PHE D 196 1.17 8.13 -25.90
N GLU D 197 1.32 7.43 -27.01
CA GLU D 197 1.72 8.10 -28.25
C GLU D 197 0.67 9.13 -28.65
N ARG D 198 -0.61 8.76 -28.52
CA ARG D 198 -1.67 9.69 -28.87
C ARG D 198 -1.64 10.90 -27.94
N TYR D 199 -1.40 10.64 -26.66
CA TYR D 199 -1.33 11.72 -25.67
C TYR D 199 -0.20 12.69 -26.02
N LEU D 200 0.98 12.15 -26.33
CA LEU D 200 2.13 12.97 -26.66
C LEU D 200 1.89 13.83 -27.91
N SER D 201 1.21 13.24 -28.90
CA SER D 201 0.93 13.97 -30.13
C SER D 201 -0.05 15.13 -29.86
N ALA D 202 -1.04 14.89 -29.02
CA ALA D 202 -2.03 15.90 -28.69
C ALA D 202 -1.40 17.01 -27.85
N MET D 203 -0.56 16.63 -26.89
CA MET D 203 0.11 17.60 -26.04
C MET D 203 1.08 18.44 -26.88
N ALA D 204 1.60 17.87 -27.96
CA ALA D 204 2.52 18.60 -28.82
C ALA D 204 1.73 19.72 -29.52
N GLU D 205 0.46 19.47 -29.81
CA GLU D 205 -0.37 20.48 -30.45
C GLU D 205 -0.67 21.59 -29.47
N ILE D 206 -0.86 21.24 -28.20
CA ILE D 206 -1.12 22.24 -27.18
C ILE D 206 0.15 23.05 -27.00
N TYR D 207 1.29 22.37 -26.96
CA TYR D 207 2.58 23.03 -26.80
C TYR D 207 2.79 24.04 -27.93
N LYS D 208 2.41 23.65 -29.14
CA LYS D 208 2.56 24.52 -30.31
C LYS D 208 1.77 25.81 -30.12
N GLY D 209 0.62 25.73 -29.45
CA GLY D 209 -0.19 26.90 -29.23
C GLY D 209 0.07 27.60 -27.90
N LEU D 210 1.12 27.17 -27.22
CA LEU D 210 1.47 27.76 -25.92
C LEU D 210 2.31 29.02 -26.11
N PRO D 211 1.89 30.14 -25.50
CA PRO D 211 2.65 31.39 -25.62
C PRO D 211 4.08 31.18 -25.13
N ASP D 212 5.02 31.98 -25.64
CA ASP D 212 6.40 31.83 -25.22
C ASP D 212 6.71 32.42 -23.85
N ASP D 213 5.70 32.98 -23.19
CA ASP D 213 5.88 33.52 -21.85
C ASP D 213 5.05 32.68 -20.88
N TRP D 214 4.68 31.48 -21.35
CA TRP D 214 3.89 30.53 -20.56
C TRP D 214 4.63 29.22 -20.34
N LYS D 215 4.13 28.45 -19.38
CA LYS D 215 4.66 27.13 -19.08
C LYS D 215 3.49 26.17 -19.22
N LEU D 216 3.81 24.92 -19.53
CA LEU D 216 2.81 23.87 -19.66
C LEU D 216 3.15 22.82 -18.62
N PHE D 217 2.24 22.62 -17.66
CA PHE D 217 2.47 21.64 -16.61
C PHE D 217 1.59 20.41 -16.79
N SER D 218 2.22 19.24 -16.77
CA SER D 218 1.46 17.99 -16.85
C SER D 218 1.48 17.41 -15.44
N GLU D 219 0.33 16.90 -15.01
CA GLU D 219 0.19 16.34 -13.66
C GLU D 219 -0.08 14.85 -13.65
N HIS D 220 0.85 14.09 -13.10
CA HIS D 220 0.67 12.64 -13.02
C HIS D 220 -0.22 12.22 -11.86
N LYS D 221 -0.80 11.03 -11.99
CA LYS D 221 -1.68 10.48 -10.97
C LYS D 221 -1.73 8.96 -11.16
N MET D 222 -1.51 8.22 -10.08
CA MET D 222 -1.49 6.76 -10.15
C MET D 222 -2.80 6.12 -10.59
N TYR D 223 -3.91 6.64 -10.06
CA TYR D 223 -5.22 6.11 -10.40
C TYR D 223 -6.31 7.09 -9.99
N GLU D 224 -7.53 6.80 -10.46
CA GLU D 224 -8.75 7.58 -10.23
C GLU D 224 -8.78 8.80 -11.14
N PRO D 225 -9.75 8.87 -12.05
CA PRO D 225 -10.85 7.94 -12.32
C PRO D 225 -10.58 6.59 -12.97
N ALA D 226 -9.38 6.40 -13.52
CA ALA D 226 -9.05 5.11 -14.14
C ALA D 226 -8.56 4.15 -13.07
N PHE D 227 -9.14 2.95 -13.03
CA PHE D 227 -8.79 1.99 -12.00
C PHE D 227 -7.92 0.79 -12.37
N TYR D 228 -7.38 0.77 -13.58
CA TYR D 228 -6.45 -0.30 -13.96
C TYR D 228 -5.14 0.35 -14.40
N SER D 229 -5.22 1.23 -15.39
CA SER D 229 -4.04 1.94 -15.84
C SER D 229 -4.41 3.40 -16.09
N THR D 230 -3.41 4.26 -16.00
CA THR D 230 -3.58 5.68 -16.23
C THR D 230 -2.42 6.09 -17.15
N VAL D 231 -2.72 6.83 -18.21
CA VAL D 231 -1.68 7.23 -19.15
C VAL D 231 -0.53 7.99 -18.47
N VAL D 232 -0.85 9.05 -17.75
CA VAL D 232 0.19 9.81 -17.05
C VAL D 232 0.09 9.33 -15.60
N GLN D 233 0.60 8.13 -15.36
CA GLN D 233 0.50 7.50 -14.05
C GLN D 233 1.49 7.85 -12.95
N ASP D 234 2.72 8.21 -13.32
CA ASP D 234 3.71 8.56 -12.32
C ASP D 234 4.72 9.58 -12.82
N TRP D 235 5.69 9.92 -11.96
CA TRP D 235 6.66 10.94 -12.33
C TRP D 235 7.62 10.52 -13.44
N GLY D 236 7.77 9.22 -13.66
CA GLY D 236 8.65 8.75 -14.73
C GLY D 236 8.02 9.07 -16.07
N THR D 237 6.75 8.71 -16.24
CA THR D 237 6.06 9.03 -17.47
C THR D 237 6.00 10.54 -17.61
N ASN D 238 5.79 11.23 -16.48
CA ASN D 238 5.70 12.68 -16.53
C ASN D 238 7.01 13.27 -17.03
N TYR D 239 8.15 12.74 -16.55
CA TYR D 239 9.43 13.26 -17.02
C TYR D 239 9.57 13.07 -18.53
N LEU D 240 9.16 11.90 -19.02
CA LEU D 240 9.25 11.62 -20.45
C LEU D 240 8.41 12.63 -21.24
N ILE D 241 7.24 12.98 -20.70
CA ILE D 241 6.38 13.95 -21.35
C ILE D 241 7.04 15.31 -21.44
N ALA D 242 7.48 15.83 -20.30
CA ALA D 242 8.12 17.14 -20.25
C ALA D 242 9.36 17.22 -21.13
N GLN D 243 10.20 16.19 -21.07
CA GLN D 243 11.43 16.17 -21.86
C GLN D 243 11.09 16.16 -23.35
N THR D 244 10.08 15.38 -23.73
CA THR D 244 9.67 15.27 -25.12
C THR D 244 9.09 16.56 -25.68
N LEU D 245 8.21 17.22 -24.91
CA LEU D 245 7.55 18.43 -25.38
C LEU D 245 8.43 19.66 -25.58
N GLY D 246 9.34 19.92 -24.66
CA GLY D 246 10.20 21.09 -24.81
C GLY D 246 10.49 21.81 -23.50
N PRO D 247 11.36 22.82 -23.53
CA PRO D 247 11.73 23.57 -22.33
C PRO D 247 10.59 24.26 -21.57
N LYS D 248 9.49 24.56 -22.25
CA LYS D 248 8.39 25.22 -21.56
C LYS D 248 7.49 24.22 -20.84
N ALA D 249 7.74 22.93 -21.06
CA ALA D 249 6.94 21.88 -20.44
C ALA D 249 7.62 21.31 -19.20
N GLN D 250 6.91 21.31 -18.08
CA GLN D 250 7.46 20.77 -16.84
C GLN D 250 6.43 19.91 -16.11
N CYS D 251 6.90 19.22 -15.07
CA CYS D 251 6.05 18.33 -14.29
C CYS D 251 5.49 18.95 -13.03
N LEU D 252 4.22 18.66 -12.76
CA LEU D 252 3.57 19.16 -11.56
C LEU D 252 3.35 17.97 -10.64
N VAL D 253 3.79 18.12 -9.40
CA VAL D 253 3.68 17.07 -8.39
C VAL D 253 2.56 17.35 -7.40
N ASP D 254 1.54 16.51 -7.40
CA ASP D 254 0.43 16.65 -6.47
C ASP D 254 0.73 15.61 -5.39
N LEU D 255 0.92 16.04 -4.15
CA LEU D 255 1.28 15.14 -3.07
C LEU D 255 0.45 13.86 -2.92
N GLY D 256 -0.86 13.94 -3.14
CA GLY D 256 -1.68 12.77 -2.97
C GLY D 256 -1.81 11.83 -4.17
N HIS D 257 -1.02 12.05 -5.20
CA HIS D 257 -1.10 11.24 -6.42
C HIS D 257 -0.09 10.10 -6.56
N HIS D 258 0.46 9.64 -5.44
CA HIS D 258 1.47 8.59 -5.49
C HIS D 258 1.08 7.30 -4.81
N ALA D 259 1.76 6.23 -5.18
CA ALA D 259 1.51 4.92 -4.61
C ALA D 259 1.79 4.92 -3.12
N PRO D 260 1.19 3.98 -2.39
CA PRO D 260 1.41 3.90 -0.94
C PRO D 260 2.90 3.81 -0.63
N ASN D 261 3.33 4.57 0.38
CA ASN D 261 4.70 4.59 0.87
C ASN D 261 5.76 5.21 -0.02
N THR D 262 5.34 5.82 -1.13
CA THR D 262 6.28 6.47 -2.05
C THR D 262 7.10 7.53 -1.33
N ASN D 263 8.38 7.64 -1.66
CA ASN D 263 9.20 8.70 -1.07
C ASN D 263 9.01 9.86 -2.06
N ILE D 264 8.07 10.74 -1.73
CA ILE D 264 7.74 11.87 -2.59
C ILE D 264 8.80 12.96 -2.62
N GLU D 265 9.45 13.22 -1.49
CA GLU D 265 10.47 14.25 -1.47
C GLU D 265 11.64 13.87 -2.40
N MET D 266 11.85 12.56 -2.62
CA MET D 266 12.93 12.16 -3.54
C MET D 266 12.53 12.50 -4.97
N ILE D 267 11.25 12.30 -5.30
CA ILE D 267 10.77 12.61 -6.65
C ILE D 267 11.00 14.10 -6.89
N VAL D 268 10.71 14.91 -5.88
CA VAL D 268 10.90 16.35 -5.98
C VAL D 268 12.38 16.64 -6.28
N ALA D 269 13.27 16.00 -5.54
CA ALA D 269 14.70 16.19 -5.75
C ALA D 269 15.13 15.81 -7.16
N ARG D 270 14.64 14.66 -7.65
CA ARG D 270 15.00 14.19 -8.98
C ARG D 270 14.56 15.15 -10.07
N LEU D 271 13.31 15.62 -9.99
CA LEU D 271 12.81 16.56 -10.98
C LEU D 271 13.58 17.86 -10.99
N ILE D 272 14.01 18.32 -9.82
CA ILE D 272 14.78 19.56 -9.72
C ILE D 272 16.14 19.37 -10.39
N GLN D 273 16.78 18.25 -10.12
CA GLN D 273 18.09 17.97 -10.69
C GLN D 273 18.07 17.99 -12.20
N PHE D 274 16.96 17.54 -12.79
CA PHE D 274 16.83 17.49 -14.24
C PHE D 274 16.00 18.62 -14.84
N GLY D 275 15.83 19.68 -14.04
CA GLY D 275 15.11 20.86 -14.46
C GLY D 275 13.67 20.74 -14.92
N LYS D 276 12.95 19.75 -14.38
CA LYS D 276 11.56 19.58 -14.78
C LYS D 276 10.52 19.70 -13.66
N LEU D 277 10.89 20.32 -12.54
CA LEU D 277 9.91 20.50 -11.47
C LEU D 277 9.19 21.81 -11.74
N GLY D 278 8.01 21.72 -12.34
CA GLY D 278 7.24 22.91 -12.66
C GLY D 278 6.54 23.52 -11.46
N GLY D 279 5.97 22.67 -10.62
CA GLY D 279 5.27 23.16 -9.45
C GLY D 279 4.65 22.08 -8.61
N PHE D 280 3.90 22.51 -7.60
CA PHE D 280 3.25 21.62 -6.66
C PHE D 280 1.76 21.84 -6.49
N HIS D 281 1.09 20.76 -6.11
CA HIS D 281 -0.32 20.81 -5.75
C HIS D 281 -0.28 20.25 -4.34
N PHE D 282 -0.39 21.15 -3.36
CA PHE D 282 -0.35 20.77 -1.96
C PHE D 282 -1.69 20.32 -1.40
N ASN D 283 -1.61 19.30 -0.54
CA ASN D 283 -2.75 18.71 0.15
C ASN D 283 -2.17 17.59 1.00
N ASP D 284 -3.00 16.95 1.81
CA ASP D 284 -2.53 15.83 2.61
C ASP D 284 -3.44 14.65 2.35
N SER D 285 -3.00 13.48 2.77
CA SER D 285 -3.77 12.27 2.56
C SER D 285 -3.24 11.14 3.42
N LYS D 286 -4.05 10.10 3.57
CA LYS D 286 -3.67 8.93 4.34
C LYS D 286 -3.90 7.65 3.53
N TYR D 287 -4.90 7.67 2.66
CA TYR D 287 -5.25 6.49 1.88
C TYR D 287 -5.04 6.59 0.37
N GLY D 288 -5.71 7.54 -0.27
CA GLY D 288 -5.57 7.75 -1.70
C GLY D 288 -5.39 9.23 -1.97
N ASP D 289 -6.03 9.75 -3.01
CA ASP D 289 -5.94 11.18 -3.32
C ASP D 289 -7.05 11.82 -2.49
N ASP D 290 -6.87 11.79 -1.17
CA ASP D 290 -7.85 12.30 -0.22
C ASP D 290 -8.11 13.80 -0.28
N ASP D 291 -7.15 14.55 -0.79
CA ASP D 291 -7.28 16.01 -0.92
C ASP D 291 -7.63 16.73 0.37
N LEU D 292 -7.01 16.30 1.46
CA LEU D 292 -7.23 16.90 2.77
C LEU D 292 -6.34 18.13 3.00
N ASP D 293 -6.65 18.86 4.06
CA ASP D 293 -5.90 20.07 4.43
C ASP D 293 -4.41 19.77 4.55
N ALA D 294 -3.57 20.54 3.86
CA ALA D 294 -2.13 20.33 3.90
C ALA D 294 -1.58 20.22 5.32
N GLY D 295 -0.76 19.19 5.53
CA GLY D 295 -0.14 18.98 6.83
C GLY D 295 -1.02 18.46 7.96
N ALA D 296 -2.30 18.24 7.68
CA ALA D 296 -3.22 17.77 8.72
C ALA D 296 -3.03 16.29 9.08
N ILE D 297 -2.37 15.54 8.20
CA ILE D 297 -2.15 14.12 8.42
C ILE D 297 -0.67 13.79 8.64
N GLU D 298 0.18 14.29 7.75
CA GLU D 298 1.62 14.04 7.85
C GLU D 298 2.41 15.33 7.70
N PRO D 299 2.49 16.13 8.77
CA PRO D 299 3.23 17.39 8.70
C PRO D 299 4.72 17.25 8.44
N TYR D 300 5.35 16.17 8.90
CA TYR D 300 6.78 16.02 8.69
C TYR D 300 7.11 15.84 7.20
N ARG D 301 6.28 15.09 6.49
CA ARG D 301 6.46 14.87 5.06
C ARG D 301 6.45 16.21 4.32
N LEU D 302 5.52 17.08 4.71
CA LEU D 302 5.42 18.39 4.08
C LEU D 302 6.72 19.15 4.30
N PHE D 303 7.25 19.07 5.52
CA PHE D 303 8.52 19.72 5.86
C PHE D 303 9.66 19.13 5.03
N LEU D 304 9.67 17.81 4.86
CA LEU D 304 10.72 17.17 4.08
C LEU D 304 10.68 17.58 2.60
N VAL D 305 9.50 17.87 2.08
CA VAL D 305 9.39 18.32 0.69
C VAL D 305 10.02 19.71 0.61
N PHE D 306 9.65 20.58 1.55
CA PHE D 306 10.22 21.92 1.56
C PHE D 306 11.72 21.90 1.84
N ASN D 307 12.19 20.88 2.55
CA ASN D 307 13.60 20.76 2.83
C ASN D 307 14.36 20.60 1.50
N GLU D 308 13.75 19.88 0.54
CA GLU D 308 14.38 19.70 -0.75
C GLU D 308 14.38 21.01 -1.54
N LEU D 309 13.32 21.80 -1.39
CA LEU D 309 13.23 23.05 -2.11
C LEU D 309 14.28 24.03 -1.59
N VAL D 310 14.42 24.10 -0.28
CA VAL D 310 15.40 24.99 0.31
C VAL D 310 16.83 24.50 0.01
N ASP D 311 17.01 23.18 -0.01
CA ASP D 311 18.33 22.65 -0.31
C ASP D 311 18.75 23.03 -1.72
N ALA D 312 17.79 23.07 -2.64
CA ALA D 312 18.09 23.42 -4.03
C ALA D 312 18.71 24.81 -4.06
N GLU D 313 18.13 25.74 -3.30
CA GLU D 313 18.67 27.09 -3.26
C GLU D 313 20.06 27.05 -2.64
N ALA D 314 20.22 26.23 -1.60
CA ALA D 314 21.49 26.09 -0.91
C ALA D 314 22.59 25.52 -1.79
N ARG D 315 22.22 24.61 -2.69
CA ARG D 315 23.17 23.99 -3.61
C ARG D 315 23.54 24.93 -4.75
N GLY D 316 22.82 26.05 -4.84
CA GLY D 316 23.09 27.02 -5.89
C GLY D 316 22.33 26.77 -7.19
N VAL D 317 21.25 25.98 -7.13
CA VAL D 317 20.47 25.72 -8.32
C VAL D 317 19.90 27.05 -8.83
N LYS D 318 20.04 27.29 -10.13
CA LYS D 318 19.57 28.53 -10.71
C LYS D 318 18.30 28.39 -11.54
N GLY D 319 17.59 29.50 -11.70
CA GLY D 319 16.37 29.52 -12.48
C GLY D 319 15.28 28.62 -11.91
N PHE D 320 15.34 28.41 -10.60
CA PHE D 320 14.37 27.54 -9.94
C PHE D 320 13.32 28.34 -9.17
N HIS D 321 12.12 28.43 -9.75
CA HIS D 321 11.00 29.13 -9.14
C HIS D 321 9.74 28.31 -9.36
N PRO D 322 9.62 27.19 -8.63
CA PRO D 322 8.45 26.34 -8.79
C PRO D 322 7.15 27.03 -8.41
N ALA D 323 6.09 26.69 -9.14
CA ALA D 323 4.77 27.24 -8.85
C ALA D 323 4.22 26.50 -7.63
N HIS D 324 3.59 27.24 -6.73
CA HIS D 324 3.01 26.63 -5.54
C HIS D 324 1.50 26.83 -5.53
N MET D 325 0.77 25.72 -5.46
CA MET D 325 -0.69 25.80 -5.44
C MET D 325 -1.29 24.75 -4.52
N ILE D 326 -2.39 25.13 -3.89
CA ILE D 326 -3.11 24.21 -3.03
C ILE D 326 -4.15 23.55 -3.91
N ASP D 327 -4.29 22.23 -3.80
CA ASP D 327 -5.30 21.50 -4.55
C ASP D 327 -5.98 20.64 -3.49
N GLN D 328 -7.08 21.13 -2.96
CA GLN D 328 -7.80 20.43 -1.91
C GLN D 328 -9.31 20.54 -2.08
N PHE D 329 -10.02 19.64 -1.42
CA PHE D 329 -11.48 19.65 -1.41
C PHE D 329 -11.84 19.59 0.07
N HIS D 330 -12.79 20.42 0.46
CA HIS D 330 -13.19 20.49 1.85
C HIS D 330 -14.62 20.01 1.97
N ASN D 331 -14.74 18.75 2.40
CA ASN D 331 -16.03 18.10 2.50
C ASN D 331 -16.75 18.23 3.84
N VAL D 332 -15.99 18.45 4.92
CA VAL D 332 -16.61 18.52 6.23
C VAL D 332 -16.19 19.70 7.11
N THR D 333 -15.72 20.77 6.47
CA THR D 333 -15.31 21.98 7.18
C THR D 333 -15.70 23.20 6.38
N ASP D 334 -15.55 24.38 6.98
CA ASP D 334 -15.82 25.62 6.27
C ASP D 334 -14.62 25.74 5.33
N PRO D 335 -14.85 25.69 4.02
CA PRO D 335 -13.76 25.78 3.03
C PRO D 335 -12.76 26.91 3.26
N ILE D 336 -13.28 28.08 3.63
CA ILE D 336 -12.41 29.23 3.86
C ILE D 336 -11.48 28.98 5.03
N GLU D 337 -12.00 28.42 6.12
CA GLU D 337 -11.18 28.14 7.28
C GLU D 337 -10.10 27.10 6.95
N SER D 338 -10.47 26.06 6.22
CA SER D 338 -9.50 25.03 5.85
C SER D 338 -8.40 25.61 4.96
N LEU D 339 -8.78 26.44 3.99
CA LEU D 339 -7.80 27.03 3.11
C LEU D 339 -6.86 27.96 3.88
N ILE D 340 -7.41 28.66 4.87
CA ILE D 340 -6.61 29.55 5.70
C ILE D 340 -5.54 28.75 6.45
N ASN D 341 -5.96 27.72 7.17
CA ASN D 341 -4.99 26.92 7.93
C ASN D 341 -4.05 26.09 7.07
N SER D 342 -4.51 25.71 5.87
CA SER D 342 -3.65 24.95 4.96
C SER D 342 -2.52 25.85 4.48
N ALA D 343 -2.87 27.09 4.10
CA ALA D 343 -1.86 28.03 3.63
C ALA D 343 -0.88 28.29 4.77
N ASN D 344 -1.40 28.37 5.99
CA ASN D 344 -0.57 28.60 7.17
C ASN D 344 0.42 27.44 7.35
N GLU D 345 -0.08 26.21 7.19
CA GLU D 345 0.76 25.02 7.35
C GLU D 345 1.87 24.97 6.31
N ILE D 346 1.57 25.41 5.10
CA ILE D 346 2.56 25.41 4.04
C ILE D 346 3.67 26.41 4.40
N ARG D 347 3.28 27.57 4.93
CA ARG D 347 4.28 28.54 5.35
C ARG D 347 5.06 28.01 6.56
N ARG D 348 4.38 27.22 7.40
CA ARG D 348 5.01 26.66 8.59
C ARG D 348 6.16 25.73 8.19
N ALA D 349 5.88 24.82 7.24
CA ALA D 349 6.87 23.87 6.76
C ALA D 349 8.04 24.61 6.10
N TYR D 350 7.71 25.64 5.32
CA TYR D 350 8.73 26.45 4.64
C TYR D 350 9.64 27.13 5.67
N ALA D 351 9.02 27.77 6.66
CA ALA D 351 9.77 28.47 7.70
C ALA D 351 10.72 27.51 8.43
N GLN D 352 10.23 26.33 8.77
CA GLN D 352 11.06 25.36 9.46
C GLN D 352 12.21 24.91 8.57
N ALA D 353 11.95 24.73 7.27
CA ALA D 353 13.01 24.33 6.34
C ALA D 353 14.10 25.41 6.29
N LEU D 354 13.70 26.67 6.45
CA LEU D 354 14.67 27.77 6.44
C LEU D 354 15.58 27.75 7.66
N LEU D 355 15.12 27.10 8.73
CA LEU D 355 15.89 27.02 9.97
C LEU D 355 16.96 25.94 10.00
N VAL D 356 16.91 25.01 9.04
CA VAL D 356 17.91 23.95 8.99
C VAL D 356 19.33 24.50 8.87
N ASP D 357 20.22 24.02 9.73
CA ASP D 357 21.62 24.45 9.67
C ASP D 357 22.24 23.65 8.53
N ARG D 358 22.27 24.25 7.34
CA ARG D 358 22.79 23.59 6.15
C ARG D 358 24.25 23.17 6.26
N ALA D 359 25.08 24.01 6.89
CA ALA D 359 26.50 23.69 7.04
C ALA D 359 26.67 22.46 7.94
N ALA D 360 25.95 22.44 9.05
CA ALA D 360 26.04 21.32 9.97
C ALA D 360 25.53 20.05 9.29
N LEU D 361 24.41 20.16 8.60
CA LEU D 361 23.83 19.00 7.91
C LEU D 361 24.81 18.43 6.88
N SER D 362 25.44 19.32 6.10
CA SER D 362 26.39 18.87 5.09
C SER D 362 27.53 18.09 5.73
N GLY D 363 27.99 18.56 6.89
CA GLY D 363 29.07 17.89 7.58
C GLY D 363 28.69 16.49 8.03
N TYR D 364 27.50 16.36 8.59
CA TYR D 364 27.03 15.06 9.06
C TYR D 364 26.76 14.12 7.89
N GLN D 365 26.39 14.67 6.75
CA GLN D 365 26.14 13.84 5.58
C GLN D 365 27.47 13.29 5.05
N GLU D 366 28.47 14.18 4.94
CA GLU D 366 29.77 13.78 4.45
C GLU D 366 30.42 12.72 5.35
N ASP D 367 30.23 12.88 6.66
CA ASP D 367 30.81 11.95 7.62
C ASP D 367 29.94 10.74 7.93
N ASN D 368 28.81 10.63 7.23
CA ASN D 368 27.90 9.51 7.43
C ASN D 368 27.44 9.36 8.88
N ASP D 369 27.17 10.49 9.52
CA ASP D 369 26.67 10.53 10.88
C ASP D 369 25.16 10.67 10.70
N ALA D 370 24.51 9.54 10.42
CA ALA D 370 23.07 9.51 10.16
C ALA D 370 22.23 10.08 11.29
N LEU D 371 22.58 9.72 12.53
CA LEU D 371 21.83 10.20 13.69
C LEU D 371 21.86 11.71 13.83
N MET D 372 23.04 12.32 13.74
CA MET D 372 23.11 13.77 13.86
C MET D 372 22.54 14.46 12.63
N ALA D 373 22.60 13.81 11.48
CA ALA D 373 22.06 14.40 10.27
C ALA D 373 20.55 14.53 10.44
N THR D 374 19.91 13.44 10.86
CA THR D 374 18.47 13.48 11.03
C THR D 374 18.07 14.40 12.19
N GLU D 375 18.89 14.46 13.24
CA GLU D 375 18.60 15.33 14.38
C GLU D 375 18.74 16.80 13.95
N THR D 376 19.59 17.05 12.97
CA THR D 376 19.78 18.41 12.46
C THR D 376 18.48 18.87 11.77
N LEU D 377 17.82 17.96 11.07
CA LEU D 377 16.56 18.30 10.42
C LEU D 377 15.49 18.47 11.49
N LYS D 378 15.47 17.57 12.46
CA LYS D 378 14.49 17.64 13.54
C LYS D 378 14.61 18.90 14.38
N ARG D 379 15.83 19.40 14.58
CA ARG D 379 15.99 20.62 15.37
C ARG D 379 15.24 21.77 14.72
N ALA D 380 15.17 21.76 13.39
CA ALA D 380 14.44 22.79 12.67
C ALA D 380 12.94 22.49 12.71
N TYR D 381 12.57 21.26 12.34
CA TYR D 381 11.18 20.85 12.32
C TYR D 381 10.47 20.96 13.67
N ARG D 382 11.18 20.65 14.75
CA ARG D 382 10.59 20.72 16.10
C ARG D 382 10.37 22.15 16.56
N THR D 383 11.00 23.12 15.89
CA THR D 383 10.84 24.52 16.28
C THR D 383 9.44 25.02 15.97
N ASP D 384 8.78 25.58 16.97
CA ASP D 384 7.44 26.11 16.82
C ASP D 384 7.58 27.49 16.20
N VAL D 385 7.36 27.57 14.88
CA VAL D 385 7.48 28.83 14.16
C VAL D 385 6.20 29.66 14.09
N GLU D 386 5.16 29.25 14.81
CA GLU D 386 3.90 29.98 14.79
C GLU D 386 4.07 31.49 15.05
N PRO D 387 4.95 31.87 15.99
CA PRO D 387 5.12 33.31 16.23
C PRO D 387 5.58 34.06 14.99
N ILE D 388 6.43 33.44 14.20
CA ILE D 388 6.94 34.05 12.97
C ILE D 388 5.81 34.17 11.96
N LEU D 389 5.00 33.13 11.85
CA LEU D 389 3.88 33.13 10.92
C LEU D 389 2.87 34.21 11.31
N ALA D 390 2.58 34.30 12.61
CA ALA D 390 1.62 35.28 13.10
C ALA D 390 2.14 36.71 12.94
N GLU D 391 3.41 36.93 13.24
CA GLU D 391 3.99 38.26 13.11
C GLU D 391 4.04 38.68 11.64
N ALA D 392 4.36 37.73 10.77
CA ALA D 392 4.42 38.02 9.33
C ALA D 392 3.05 38.51 8.89
N ARG D 393 2.00 37.82 9.34
CA ARG D 393 0.64 38.21 9.00
C ARG D 393 0.33 39.60 9.56
N ARG D 394 0.58 39.78 10.84
CA ARG D 394 0.30 41.07 11.50
C ARG D 394 0.98 42.25 10.80
N ARG D 395 2.24 42.07 10.40
CA ARG D 395 3.01 43.12 9.74
C ARG D 395 2.58 43.43 8.32
N THR D 396 1.88 42.50 7.67
CA THR D 396 1.46 42.70 6.30
C THR D 396 -0.03 42.93 6.09
N GLY D 397 -0.75 43.23 7.16
CA GLY D 397 -2.18 43.49 7.06
C GLY D 397 -3.09 42.31 7.36
N GLY D 398 -2.49 41.21 7.78
CA GLY D 398 -3.27 40.01 8.09
C GLY D 398 -3.66 39.91 9.54
N ALA D 399 -4.17 38.74 9.91
CA ALA D 399 -4.61 38.47 11.28
C ALA D 399 -3.66 37.56 12.04
N VAL D 400 -3.44 37.88 13.31
CA VAL D 400 -2.57 37.08 14.17
C VAL D 400 -3.12 35.65 14.22
N ASP D 401 -4.43 35.52 14.38
CA ASP D 401 -5.12 34.23 14.41
C ASP D 401 -6.21 34.38 13.35
N PRO D 402 -5.90 33.98 12.10
CA PRO D 402 -6.83 34.07 10.96
C PRO D 402 -8.23 33.47 11.17
N VAL D 403 -8.29 32.19 11.56
CA VAL D 403 -9.58 31.57 11.76
C VAL D 403 -10.37 32.25 12.88
N ALA D 404 -9.69 32.65 13.94
CA ALA D 404 -10.37 33.33 15.05
C ALA D 404 -10.97 34.65 14.55
N THR D 405 -10.21 35.40 13.77
CA THR D 405 -10.68 36.67 13.24
C THR D 405 -11.83 36.44 12.27
N TYR D 406 -11.70 35.40 11.44
CA TYR D 406 -12.73 35.05 10.48
C TYR D 406 -14.05 34.78 11.20
N ARG D 407 -14.00 33.99 12.26
CA ARG D 407 -15.20 33.67 13.02
C ARG D 407 -15.77 34.89 13.73
N ALA D 408 -14.89 35.73 14.27
CA ALA D 408 -15.33 36.94 14.96
C ALA D 408 -16.03 37.91 14.00
N SER D 409 -15.63 37.89 12.73
CA SER D 409 -16.20 38.77 11.73
C SER D 409 -17.63 38.41 11.35
N GLY D 410 -17.99 37.14 11.51
CA GLY D 410 -19.33 36.70 11.16
C GLY D 410 -19.51 36.63 9.66
N TYR D 411 -18.40 36.54 8.92
CA TYR D 411 -18.45 36.47 7.46
C TYR D 411 -19.33 35.35 6.91
N ARG D 412 -19.19 34.14 7.44
CA ARG D 412 -19.98 33.02 6.93
C ARG D 412 -21.48 33.31 7.04
N ALA D 413 -21.93 33.83 8.17
CA ALA D 413 -23.34 34.15 8.37
C ALA D 413 -23.75 35.25 7.39
N ARG D 414 -22.83 36.16 7.12
CA ARG D 414 -23.09 37.25 6.20
C ARG D 414 -23.39 36.74 4.79
N VAL D 415 -22.48 35.94 4.23
CA VAL D 415 -22.68 35.41 2.89
C VAL D 415 -23.82 34.41 2.84
N ALA D 416 -24.14 33.79 3.98
CA ALA D 416 -25.23 32.83 4.04
C ALA D 416 -26.53 33.59 3.77
N ALA D 417 -26.60 34.81 4.29
CA ALA D 417 -27.78 35.64 4.10
C ALA D 417 -27.85 36.23 2.69
N GLU D 418 -26.68 36.49 2.11
CA GLU D 418 -26.60 37.06 0.77
C GLU D 418 -26.78 36.01 -0.32
N ARG D 419 -26.47 34.75 0.01
CA ARG D 419 -26.57 33.67 -0.96
C ARG D 419 -27.69 32.69 -0.64
N PRO D 420 -28.28 32.08 -1.68
CA PRO D 420 -29.36 31.11 -1.51
C PRO D 420 -28.91 29.91 -0.68
N ALA D 421 -29.87 29.16 -0.14
CA ALA D 421 -29.55 27.99 0.66
C ALA D 421 -29.24 26.80 -0.24
MN MN E . 7.99 -6.37 17.97
MN MN F . 8.88 -6.76 14.05
C1 AOS G . 9.24 -9.42 14.98
O1 AOS G . 9.02 -8.93 13.86
C2 AOS G . 8.61 -8.76 16.20
O2 AOS G . 8.87 -7.37 16.20
C3 AOS G . 9.05 -9.41 17.52
O3 AOS G . 8.80 -8.52 18.60
C4 AOS G . 10.51 -9.90 17.58
O4 AOS G . 10.62 -10.86 18.62
C5 AOS G . 11.49 -8.76 17.84
O5 AOS G . 11.40 -7.78 16.82
C6 AOS G . 12.92 -9.31 17.89
O6 AOS G . 13.27 -9.86 16.63
MN MN H . 16.64 -8.88 -8.59
MN MN I . 15.26 -8.22 -4.85
C1 AOS J . 18.08 -7.56 -4.52
O1 AOS J . 17.09 -7.31 -3.81
C2 AOS J . 17.91 -7.63 -6.02
O2 AOS J . 16.82 -8.46 -6.37
C3 AOS J . 19.19 -8.10 -6.73
O3 AOS J . 18.88 -8.65 -8.00
C4 AOS J . 20.07 -9.10 -5.94
O4 AOS J . 21.39 -9.08 -6.44
C5 AOS J . 19.53 -10.53 -5.98
O5 AOS J . 18.21 -10.56 -5.44
C6 AOS J . 20.44 -11.44 -5.17
O6 AOS J . 20.35 -11.11 -3.80
MN MN K . -20.21 -3.23 -0.90
MN MN L . -17.67 -0.21 -1.71
C1 AOS M . -19.74 1.18 -0.38
O1 AOS M . -18.55 1.49 -0.59
C2 AOS M . -20.09 -0.26 -0.07
O2 AOS M . -19.58 -1.12 -1.08
C3 AOS M . -21.62 -0.45 0.09
O3 AOS M . -21.95 -1.82 -0.16
C4 AOS M . -22.49 0.48 -0.76
O4 AOS M . -23.79 0.55 -0.20
C5 AOS M . -22.61 0.00 -2.22
O5 AOS M . -21.33 -0.06 -2.81
C6 AOS M . -23.49 0.96 -2.99
O6 AOS M . -22.82 2.19 -3.18
MN MN N . -3.92 18.25 -8.40
MN MN O . -6.02 14.93 -7.37
C1 AOS P . -7.15 15.48 -9.86
O1 AOS P . -7.13 14.42 -9.20
C2 AOS P . -5.95 16.39 -9.84
O2 AOS P . -5.58 16.70 -8.52
C3 AOS P . -6.16 17.67 -10.69
O3 AOS P . -5.24 18.67 -10.28
C4 AOS P . -7.59 18.24 -10.75
O4 AOS P . -7.70 19.10 -11.87
C5 AOS P . -7.98 19.02 -9.49
O5 AOS P . -7.88 18.19 -8.34
C6 AOS P . -9.42 19.52 -9.64
O6 AOS P . -10.31 18.42 -9.57
#